data_3N0H
# 
_entry.id   3N0H 
# 
_audit_conform.dict_name       mmcif_pdbx.dic 
_audit_conform.dict_version    5.379 
_audit_conform.dict_location   http://mmcif.pdb.org/dictionaries/ascii/mmcif_pdbx.dic 
# 
loop_
_database_2.database_id 
_database_2.database_code 
_database_2.pdbx_database_accession 
_database_2.pdbx_DOI 
PDB   3N0H         pdb_00003n0h 10.2210/pdb3n0h/pdb 
RCSB  RCSB059224   ?            ?                   
WWPDB D_1000059224 ?            ?                   
# 
_pdbx_database_related.db_name        PDB 
_pdbx_database_related.db_id          1U72 
_pdbx_database_related.details        . 
_pdbx_database_related.content_type   unspecified 
# 
_pdbx_database_status.status_code                     REL 
_pdbx_database_status.entry_id                        3N0H 
_pdbx_database_status.recvd_initial_deposition_date   2010-05-14 
_pdbx_database_status.deposit_site                    RCSB 
_pdbx_database_status.process_site                    RCSB 
_pdbx_database_status.status_code_sf                  REL 
_pdbx_database_status.status_code_mr                  ? 
_pdbx_database_status.SG_entry                        ? 
_pdbx_database_status.status_code_cs                  ? 
_pdbx_database_status.pdb_format_compatible           Y 
_pdbx_database_status.methods_development_category    ? 
_pdbx_database_status.status_code_nmr_data            ? 
# 
_audit_author.name           'Cody, V.' 
_audit_author.pdbx_ordinal   1 
# 
_citation.id                        primary 
_citation.title                     
;Crystallographic analysis reveals a novel second binding site for trimethoprim in active site double mutants of human dihydrofolate reductase.
;
_citation.journal_abbrev            J.Struct.Biol. 
_citation.journal_volume            176 
_citation.page_first                52 
_citation.page_last                 59 
_citation.year                      2011 
_citation.journal_id_ASTM           JSBIEM 
_citation.country                   US 
_citation.journal_id_ISSN           1047-8477 
_citation.journal_id_CSD            0803 
_citation.book_publisher            ? 
_citation.pdbx_database_id_PubMed   21684339 
_citation.pdbx_database_id_DOI      10.1016/j.jsb.2011.06.001 
# 
loop_
_citation_author.citation_id 
_citation_author.name 
_citation_author.ordinal 
_citation_author.identifier_ORCID 
primary 'Cody, V.'      1 ? 
primary 'Pace, J.'      2 ? 
primary 'Piraino, J.'   3 ? 
primary 'Queener, S.F.' 4 ? 
# 
_cell.entry_id           3N0H 
_cell.length_a           84.016 
_cell.length_b           84.016 
_cell.length_c           78.495 
_cell.angle_alpha        90.00 
_cell.angle_beta         90.00 
_cell.angle_gamma        120.00 
_cell.Z_PDB              9 
_cell.pdbx_unique_axis   ? 
_cell.length_a_esd       ? 
_cell.length_b_esd       ? 
_cell.length_c_esd       ? 
_cell.angle_alpha_esd    ? 
_cell.angle_beta_esd     ? 
_cell.angle_gamma_esd    ? 
# 
_symmetry.entry_id                         3N0H 
_symmetry.space_group_name_H-M             'H 3' 
_symmetry.pdbx_full_space_group_name_H-M   ? 
_symmetry.cell_setting                     ? 
_symmetry.Int_Tables_number                146 
_symmetry.space_group_name_Hall            ? 
# 
loop_
_entity.id 
_entity.type 
_entity.src_method 
_entity.pdbx_description 
_entity.formula_weight 
_entity.pdbx_number_of_molecules 
_entity.pdbx_ec 
_entity.pdbx_mutation 
_entity.pdbx_fragment 
_entity.details 
1 polymer     man 'Dihydrofolate reductase' 21341.545 1  1.5.1.3 'Q35S, N64F' ? ? 
2 non-polymer syn TRIMETHOPRIM              290.318   2  ?       ?            ? ? 
3 non-polymer syn 'SULFATE ION'             96.063    3  ?       ?            ? ? 
4 water       nat water                     18.015    91 ?       ?            ? ? 
# 
_entity_poly.entity_id                      1 
_entity_poly.type                           'polypeptide(L)' 
_entity_poly.nstd_linkage                   no 
_entity_poly.nstd_monomer                   no 
_entity_poly.pdbx_seq_one_letter_code       
;VGSLNCIVAVSQNMGIGKNGDLPWPPLRNEFRYFSRMTTTSSVEGKQNLVIMGKKTWFSIPEKFRPLKGRINLVLSRELK
EPPQGAHFLSRSLDDALKLTEQPELANKVDMVWIVGGSSVYKEAMNHPGHLKLFVTRIMQDFESDTFFPEIDLEKYKLLP
EYPGVLSDVQEEKGIKYKFEVYEKND
;
_entity_poly.pdbx_seq_one_letter_code_can   
;VGSLNCIVAVSQNMGIGKNGDLPWPPLRNEFRYFSRMTTTSSVEGKQNLVIMGKKTWFSIPEKFRPLKGRINLVLSRELK
EPPQGAHFLSRSLDDALKLTEQPELANKVDMVWIVGGSSVYKEAMNHPGHLKLFVTRIMQDFESDTFFPEIDLEKYKLLP
EYPGVLSDVQEEKGIKYKFEVYEKND
;
_entity_poly.pdbx_strand_id                 A 
_entity_poly.pdbx_target_identifier         ? 
# 
loop_
_entity_poly_seq.entity_id 
_entity_poly_seq.num 
_entity_poly_seq.mon_id 
_entity_poly_seq.hetero 
1 1   VAL n 
1 2   GLY n 
1 3   SER n 
1 4   LEU n 
1 5   ASN n 
1 6   CYS n 
1 7   ILE n 
1 8   VAL n 
1 9   ALA n 
1 10  VAL n 
1 11  SER n 
1 12  GLN n 
1 13  ASN n 
1 14  MET n 
1 15  GLY n 
1 16  ILE n 
1 17  GLY n 
1 18  LYS n 
1 19  ASN n 
1 20  GLY n 
1 21  ASP n 
1 22  LEU n 
1 23  PRO n 
1 24  TRP n 
1 25  PRO n 
1 26  PRO n 
1 27  LEU n 
1 28  ARG n 
1 29  ASN n 
1 30  GLU n 
1 31  PHE n 
1 32  ARG n 
1 33  TYR n 
1 34  PHE n 
1 35  SER n 
1 36  ARG n 
1 37  MET n 
1 38  THR n 
1 39  THR n 
1 40  THR n 
1 41  SER n 
1 42  SER n 
1 43  VAL n 
1 44  GLU n 
1 45  GLY n 
1 46  LYS n 
1 47  GLN n 
1 48  ASN n 
1 49  LEU n 
1 50  VAL n 
1 51  ILE n 
1 52  MET n 
1 53  GLY n 
1 54  LYS n 
1 55  LYS n 
1 56  THR n 
1 57  TRP n 
1 58  PHE n 
1 59  SER n 
1 60  ILE n 
1 61  PRO n 
1 62  GLU n 
1 63  LYS n 
1 64  PHE n 
1 65  ARG n 
1 66  PRO n 
1 67  LEU n 
1 68  LYS n 
1 69  GLY n 
1 70  ARG n 
1 71  ILE n 
1 72  ASN n 
1 73  LEU n 
1 74  VAL n 
1 75  LEU n 
1 76  SER n 
1 77  ARG n 
1 78  GLU n 
1 79  LEU n 
1 80  LYS n 
1 81  GLU n 
1 82  PRO n 
1 83  PRO n 
1 84  GLN n 
1 85  GLY n 
1 86  ALA n 
1 87  HIS n 
1 88  PHE n 
1 89  LEU n 
1 90  SER n 
1 91  ARG n 
1 92  SER n 
1 93  LEU n 
1 94  ASP n 
1 95  ASP n 
1 96  ALA n 
1 97  LEU n 
1 98  LYS n 
1 99  LEU n 
1 100 THR n 
1 101 GLU n 
1 102 GLN n 
1 103 PRO n 
1 104 GLU n 
1 105 LEU n 
1 106 ALA n 
1 107 ASN n 
1 108 LYS n 
1 109 VAL n 
1 110 ASP n 
1 111 MET n 
1 112 VAL n 
1 113 TRP n 
1 114 ILE n 
1 115 VAL n 
1 116 GLY n 
1 117 GLY n 
1 118 SER n 
1 119 SER n 
1 120 VAL n 
1 121 TYR n 
1 122 LYS n 
1 123 GLU n 
1 124 ALA n 
1 125 MET n 
1 126 ASN n 
1 127 HIS n 
1 128 PRO n 
1 129 GLY n 
1 130 HIS n 
1 131 LEU n 
1 132 LYS n 
1 133 LEU n 
1 134 PHE n 
1 135 VAL n 
1 136 THR n 
1 137 ARG n 
1 138 ILE n 
1 139 MET n 
1 140 GLN n 
1 141 ASP n 
1 142 PHE n 
1 143 GLU n 
1 144 SER n 
1 145 ASP n 
1 146 THR n 
1 147 PHE n 
1 148 PHE n 
1 149 PRO n 
1 150 GLU n 
1 151 ILE n 
1 152 ASP n 
1 153 LEU n 
1 154 GLU n 
1 155 LYS n 
1 156 TYR n 
1 157 LYS n 
1 158 LEU n 
1 159 LEU n 
1 160 PRO n 
1 161 GLU n 
1 162 TYR n 
1 163 PRO n 
1 164 GLY n 
1 165 VAL n 
1 166 LEU n 
1 167 SER n 
1 168 ASP n 
1 169 VAL n 
1 170 GLN n 
1 171 GLU n 
1 172 GLU n 
1 173 LYS n 
1 174 GLY n 
1 175 ILE n 
1 176 LYS n 
1 177 TYR n 
1 178 LYS n 
1 179 PHE n 
1 180 GLU n 
1 181 VAL n 
1 182 TYR n 
1 183 GLU n 
1 184 LYS n 
1 185 ASN n 
1 186 ASP n 
# 
_entity_src_gen.entity_id                          1 
_entity_src_gen.pdbx_src_id                        1 
_entity_src_gen.pdbx_alt_source_flag               sample 
_entity_src_gen.pdbx_seq_type                      ? 
_entity_src_gen.pdbx_beg_seq_num                   ? 
_entity_src_gen.pdbx_end_seq_num                   ? 
_entity_src_gen.gene_src_common_name               human 
_entity_src_gen.gene_src_genus                     ? 
_entity_src_gen.pdbx_gene_src_gene                 'DHFR, DHFRP1, pds5' 
_entity_src_gen.gene_src_species                   ? 
_entity_src_gen.gene_src_strain                    ? 
_entity_src_gen.gene_src_tissue                    ? 
_entity_src_gen.gene_src_tissue_fraction           ? 
_entity_src_gen.gene_src_details                   ? 
_entity_src_gen.pdbx_gene_src_fragment             ? 
_entity_src_gen.pdbx_gene_src_scientific_name      'Homo sapiens' 
_entity_src_gen.pdbx_gene_src_ncbi_taxonomy_id     9606 
_entity_src_gen.pdbx_gene_src_variant              ? 
_entity_src_gen.pdbx_gene_src_cell_line            ? 
_entity_src_gen.pdbx_gene_src_atcc                 ? 
_entity_src_gen.pdbx_gene_src_organ                ? 
_entity_src_gen.pdbx_gene_src_organelle            ? 
_entity_src_gen.pdbx_gene_src_cell                 ? 
_entity_src_gen.pdbx_gene_src_cellular_location    ? 
_entity_src_gen.host_org_common_name               ? 
_entity_src_gen.pdbx_host_org_scientific_name      'Escherichia coli' 
_entity_src_gen.pdbx_host_org_ncbi_taxonomy_id     562 
_entity_src_gen.host_org_genus                     ? 
_entity_src_gen.pdbx_host_org_gene                 ? 
_entity_src_gen.pdbx_host_org_organ                ? 
_entity_src_gen.host_org_species                   ? 
_entity_src_gen.pdbx_host_org_tissue               ? 
_entity_src_gen.pdbx_host_org_tissue_fraction      ? 
_entity_src_gen.pdbx_host_org_strain               ? 
_entity_src_gen.pdbx_host_org_variant              ? 
_entity_src_gen.pdbx_host_org_cell_line            ? 
_entity_src_gen.pdbx_host_org_atcc                 ? 
_entity_src_gen.pdbx_host_org_culture_collection   ? 
_entity_src_gen.pdbx_host_org_cell                 ? 
_entity_src_gen.pdbx_host_org_organelle            ? 
_entity_src_gen.pdbx_host_org_cellular_location    ? 
_entity_src_gen.pdbx_host_org_vector_type          plasmid 
_entity_src_gen.pdbx_host_org_vector               ? 
_entity_src_gen.host_org_details                   ? 
_entity_src_gen.expression_system_id               ? 
_entity_src_gen.plasmid_name                       pds5 
_entity_src_gen.plasmid_details                    ? 
_entity_src_gen.pdbx_description                   ? 
# 
_struct_ref.id                         1 
_struct_ref.db_name                    UNP 
_struct_ref.db_code                    DYR_HUMAN 
_struct_ref.pdbx_db_accession          P00374 
_struct_ref.entity_id                  1 
_struct_ref.pdbx_seq_one_letter_code   
;VGSLNCIVAVSQNMGIGKNGDLPWPPLRNEFRYFQRMTTTSSVEGKQNLVIMGKKTWFSIPEKNRPLKGRINLVLSRELK
EPPQGAHFLSRSLDDALKLTEQPELANKVDMVWIVGGSSVYKEAMNHPGHLKLFVTRIMQDFESDTFFPEIDLEKYKLLP
EYPGVLSDVQEEKGIKYKFEVYEKND
;
_struct_ref.pdbx_align_begin           2 
_struct_ref.pdbx_db_isoform            ? 
# 
_struct_ref_seq.align_id                      1 
_struct_ref_seq.ref_id                        1 
_struct_ref_seq.pdbx_PDB_id_code              3N0H 
_struct_ref_seq.pdbx_strand_id                A 
_struct_ref_seq.seq_align_beg                 1 
_struct_ref_seq.pdbx_seq_align_beg_ins_code   ? 
_struct_ref_seq.seq_align_end                 186 
_struct_ref_seq.pdbx_seq_align_end_ins_code   ? 
_struct_ref_seq.pdbx_db_accession             P00374 
_struct_ref_seq.db_align_beg                  2 
_struct_ref_seq.pdbx_db_align_beg_ins_code    ? 
_struct_ref_seq.db_align_end                  187 
_struct_ref_seq.pdbx_db_align_end_ins_code    ? 
_struct_ref_seq.pdbx_auth_seq_align_beg       1 
_struct_ref_seq.pdbx_auth_seq_align_end       186 
# 
loop_
_struct_ref_seq_dif.align_id 
_struct_ref_seq_dif.pdbx_pdb_id_code 
_struct_ref_seq_dif.mon_id 
_struct_ref_seq_dif.pdbx_pdb_strand_id 
_struct_ref_seq_dif.seq_num 
_struct_ref_seq_dif.pdbx_pdb_ins_code 
_struct_ref_seq_dif.pdbx_seq_db_name 
_struct_ref_seq_dif.pdbx_seq_db_accession_code 
_struct_ref_seq_dif.db_mon_id 
_struct_ref_seq_dif.pdbx_seq_db_seq_num 
_struct_ref_seq_dif.details 
_struct_ref_seq_dif.pdbx_auth_seq_num 
_struct_ref_seq_dif.pdbx_ordinal 
1 3N0H SER A 35 ? UNP P00374 GLN 36 'engineered mutation' 35 1 
1 3N0H PHE A 64 ? UNP P00374 ASN 65 'engineered mutation' 64 2 
# 
loop_
_chem_comp.id 
_chem_comp.type 
_chem_comp.mon_nstd_flag 
_chem_comp.name 
_chem_comp.pdbx_synonyms 
_chem_comp.formula 
_chem_comp.formula_weight 
ALA 'L-peptide linking' y ALANINE         ? 'C3 H7 N O2'     89.093  
ARG 'L-peptide linking' y ARGININE        ? 'C6 H15 N4 O2 1' 175.209 
ASN 'L-peptide linking' y ASPARAGINE      ? 'C4 H8 N2 O3'    132.118 
ASP 'L-peptide linking' y 'ASPARTIC ACID' ? 'C4 H7 N O4'     133.103 
CYS 'L-peptide linking' y CYSTEINE        ? 'C3 H7 N O2 S'   121.158 
GLN 'L-peptide linking' y GLUTAMINE       ? 'C5 H10 N2 O3'   146.144 
GLU 'L-peptide linking' y 'GLUTAMIC ACID' ? 'C5 H9 N O4'     147.129 
GLY 'peptide linking'   y GLYCINE         ? 'C2 H5 N O2'     75.067  
HIS 'L-peptide linking' y HISTIDINE       ? 'C6 H10 N3 O2 1' 156.162 
HOH non-polymer         . WATER           ? 'H2 O'           18.015  
ILE 'L-peptide linking' y ISOLEUCINE      ? 'C6 H13 N O2'    131.173 
LEU 'L-peptide linking' y LEUCINE         ? 'C6 H13 N O2'    131.173 
LYS 'L-peptide linking' y LYSINE          ? 'C6 H15 N2 O2 1' 147.195 
MET 'L-peptide linking' y METHIONINE      ? 'C5 H11 N O2 S'  149.211 
PHE 'L-peptide linking' y PHENYLALANINE   ? 'C9 H11 N O2'    165.189 
PRO 'L-peptide linking' y PROLINE         ? 'C5 H9 N O2'     115.130 
SER 'L-peptide linking' y SERINE          ? 'C3 H7 N O3'     105.093 
SO4 non-polymer         . 'SULFATE ION'   ? 'O4 S -2'        96.063  
THR 'L-peptide linking' y THREONINE       ? 'C4 H9 N O3'     119.119 
TOP non-polymer         . TRIMETHOPRIM    ? 'C14 H18 N4 O3'  290.318 
TRP 'L-peptide linking' y TRYPTOPHAN      ? 'C11 H12 N2 O2'  204.225 
TYR 'L-peptide linking' y TYROSINE        ? 'C9 H11 N O3'    181.189 
VAL 'L-peptide linking' y VALINE          ? 'C5 H11 N O2'    117.146 
# 
_exptl.entry_id          3N0H 
_exptl.method            'X-RAY DIFFRACTION' 
_exptl.crystals_number   1 
# 
_exptl_crystal.id                    1 
_exptl_crystal.density_meas          ? 
_exptl_crystal.density_Matthews      2.50 
_exptl_crystal.density_percent_sol   50.76 
_exptl_crystal.description           ? 
_exptl_crystal.F_000                 ? 
_exptl_crystal.preparation           ? 
# 
_exptl_crystal_grow.crystal_id      1 
_exptl_crystal_grow.method          'VAPOR DIFFUSION, HANGING DROP' 
_exptl_crystal_grow.temp            298 
_exptl_crystal_grow.temp_details    ? 
_exptl_crystal_grow.pH              6.9 
_exptl_crystal_grow.pdbx_details    
'100 mM K2HPO4, 60% AmSulfate, 3% ETOH, pH 6.9, VAPOR DIFFUSION, HANGING DROP, temperature 298K' 
_exptl_crystal_grow.pdbx_pH_range   ? 
# 
_diffrn.id                     1 
_diffrn.ambient_temp           200 
_diffrn.ambient_temp_details   ? 
_diffrn.crystal_id             1 
# 
_diffrn_detector.diffrn_id              1 
_diffrn_detector.detector               'IMAGE PLATE' 
_diffrn_detector.type                   'RIGAKU RAXIS IV' 
_diffrn_detector.pdbx_collection_date   2009-07-24 
_diffrn_detector.details                MaxFlux 
# 
_diffrn_radiation.diffrn_id                        1 
_diffrn_radiation.wavelength_id                    1 
_diffrn_radiation.pdbx_monochromatic_or_laue_m_l   M 
_diffrn_radiation.monochromator                    graphite 
_diffrn_radiation.pdbx_diffrn_protocol             'SINGLE WAVELENGTH' 
_diffrn_radiation.pdbx_scattering_type             x-ray 
# 
_diffrn_radiation_wavelength.id           1 
_diffrn_radiation_wavelength.wavelength   1.54118 
_diffrn_radiation_wavelength.wt           1.0 
# 
_diffrn_source.diffrn_id                   1 
_diffrn_source.source                      'ROTATING ANODE' 
_diffrn_source.type                        'RIGAKU RU300' 
_diffrn_source.pdbx_synchrotron_site       ? 
_diffrn_source.pdbx_synchrotron_beamline   ? 
_diffrn_source.pdbx_wavelength             ? 
_diffrn_source.pdbx_wavelength_list        1.54118 
# 
_reflns.entry_id                     3N0H 
_reflns.observed_criterion_sigma_I   2.0 
_reflns.observed_criterion_sigma_F   2.0 
_reflns.d_resolution_low             34.54 
_reflns.d_resolution_high            1.9 
_reflns.number_obs                   15381 
_reflns.number_all                   39906 
_reflns.percent_possible_obs         98.1 
_reflns.pdbx_Rmerge_I_obs            0.08 
_reflns.pdbx_Rsym_value              0.08 
_reflns.pdbx_netI_over_sigmaI        12.6 
_reflns.B_iso_Wilson_estimate        17.6 
_reflns.pdbx_redundancy              2.6 
_reflns.R_free_details               ? 
_reflns.limit_h_max                  ? 
_reflns.limit_h_min                  ? 
_reflns.limit_k_max                  ? 
_reflns.limit_k_min                  ? 
_reflns.limit_l_max                  ? 
_reflns.limit_l_min                  ? 
_reflns.observed_criterion_F_max     ? 
_reflns.observed_criterion_F_min     ? 
_reflns.pdbx_chi_squared             ? 
_reflns.pdbx_scaling_rejects         ? 
_reflns.pdbx_ordinal                 1 
_reflns.pdbx_diffrn_id               1 
# 
_reflns_shell.d_res_high             1.90 
_reflns_shell.d_res_low              2.00 
_reflns_shell.percent_possible_all   97.4 
_reflns_shell.Rmerge_I_obs           ? 
_reflns_shell.pdbx_Rsym_value        ? 
_reflns_shell.meanI_over_sigI_obs    ? 
_reflns_shell.pdbx_redundancy        ? 
_reflns_shell.percent_possible_obs   ? 
_reflns_shell.number_unique_all      ? 
_reflns_shell.number_measured_all    ? 
_reflns_shell.number_measured_obs    ? 
_reflns_shell.number_unique_obs      ? 
_reflns_shell.pdbx_chi_squared       ? 
_reflns_shell.pdbx_ordinal           1 
_reflns_shell.pdbx_diffrn_id         1 
# 
_refine.entry_id                                 3N0H 
_refine.ls_number_reflns_obs                     14615 
_refine.ls_number_reflns_all                     15381 
_refine.pdbx_ls_sigma_I                          1.0 
_refine.pdbx_ls_sigma_F                          ? 
_refine.pdbx_data_cutoff_high_absF               ? 
_refine.pdbx_data_cutoff_low_absF                ? 
_refine.pdbx_data_cutoff_high_rms_absF           ? 
_refine.ls_d_res_low                             34.5 
_refine.ls_d_res_high                            1.92 
_refine.ls_percent_reflns_obs                    97.97 
_refine.ls_R_factor_obs                          .20044 
_refine.ls_R_factor_all                          ? 
_refine.ls_R_factor_R_work                       .19781 
_refine.ls_R_factor_R_free                       .25104 
_refine.ls_R_factor_R_free_error                 ? 
_refine.ls_R_factor_R_free_error_details         ? 
_refine.ls_percent_reflns_R_free                 5.0 
_refine.ls_number_reflns_R_free                  766 
_refine.ls_number_parameters                     ? 
_refine.ls_number_restraints                     ? 
_refine.occupancy_min                            ? 
_refine.occupancy_max                            ? 
_refine.correlation_coeff_Fo_to_Fc               .932 
_refine.correlation_coeff_Fo_to_Fc_free          .896 
_refine.B_iso_mean                               17.850 
_refine.aniso_B[1][1]                            .00 
_refine.aniso_B[2][2]                            .00 
_refine.aniso_B[3][3]                            .00 
_refine.aniso_B[1][2]                            .00 
_refine.aniso_B[1][3]                            .00 
_refine.aniso_B[2][3]                            .00 
_refine.solvent_model_details                    MASK 
_refine.solvent_model_param_ksol                 ? 
_refine.solvent_model_param_bsol                 ? 
_refine.pdbx_solvent_vdw_probe_radii             1.40 
_refine.pdbx_solvent_ion_probe_radii             .80 
_refine.pdbx_solvent_shrinkage_radii             .80 
_refine.pdbx_ls_cross_valid_method               THROUGHOUT 
_refine.details                                  'HYDROGENS HAVE BEEN ADDED IN THE RIDING POSITIONS' 
_refine.pdbx_starting_model                      'PDB entry 1u72' 
_refine.pdbx_method_to_determine_struct          'MOLECULAR REPLACEMENT' 
_refine.pdbx_isotropic_thermal_model             isotropic 
_refine.pdbx_stereochemistry_target_values       'MAXIMUM LIKELIHOOD' 
_refine.pdbx_stereochem_target_val_spec_case     ? 
_refine.pdbx_R_Free_selection_details            RANDOM 
_refine.pdbx_overall_ESU_R_Free                  .167 
_refine.overall_SU_ML                            .105 
_refine.overall_SU_B                             3.524 
_refine.overall_SU_R_Cruickshank_DPI             ? 
_refine.ls_redundancy_reflns_obs                 ? 
_refine.B_iso_min                                ? 
_refine.B_iso_max                                ? 
_refine.overall_SU_R_free                        ? 
_refine.ls_wR_factor_R_free                      ? 
_refine.ls_wR_factor_R_work                      ? 
_refine.overall_FOM_free_R_set                   ? 
_refine.overall_FOM_work_R_set                   ? 
_refine.pdbx_overall_phase_error                 ? 
_refine.pdbx_refine_id                           'X-RAY DIFFRACTION' 
_refine.pdbx_diffrn_id                           1 
_refine.pdbx_overall_ESU_R                       ? 
_refine.pdbx_TLS_residual_ADP_flag               ? 
_refine.pdbx_overall_SU_R_free_Cruickshank_DPI   ? 
_refine.pdbx_overall_SU_R_Blow_DPI               ? 
_refine.pdbx_overall_SU_R_free_Blow_DPI          ? 
# 
_refine_analyze.entry_id                        3N0H 
_refine_analyze.Luzzati_coordinate_error_obs    0.22 
_refine_analyze.Luzzati_sigma_a_obs             ? 
_refine_analyze.Luzzati_d_res_low_obs           ? 
_refine_analyze.Luzzati_coordinate_error_free   ? 
_refine_analyze.Luzzati_sigma_a_free            ? 
_refine_analyze.Luzzati_d_res_low_free          ? 
_refine_analyze.number_disordered_residues      ? 
_refine_analyze.occupancy_sum_hydrogen          ? 
_refine_analyze.occupancy_sum_non_hydrogen      ? 
_refine_analyze.pdbx_Luzzati_d_res_high_obs     ? 
_refine_analyze.pdbx_refine_id                  'X-RAY DIFFRACTION' 
# 
_refine_hist.pdbx_refine_id                   'X-RAY DIFFRACTION' 
_refine_hist.cycle_id                         LAST 
_refine_hist.pdbx_number_atoms_protein        1502 
_refine_hist.pdbx_number_atoms_nucleic_acid   0 
_refine_hist.pdbx_number_atoms_ligand         57 
_refine_hist.number_atoms_solvent             91 
_refine_hist.number_atoms_total               1650 
_refine_hist.d_res_high                       1.92 
_refine_hist.d_res_low                        34.5 
# 
loop_
_refine_ls_restr.type 
_refine_ls_restr.dev_ideal 
_refine_ls_restr.dev_ideal_target 
_refine_ls_restr.weight 
_refine_ls_restr.number 
_refine_ls_restr.pdbx_refine_id 
_refine_ls_restr.pdbx_restraint_function 
r_bond_refined_d       .024   .022   ? 1619 'X-RAY DIFFRACTION' ? 
r_angle_refined_deg    2.116  2.024  ? 2194 'X-RAY DIFFRACTION' ? 
r_dihedral_angle_1_deg 6.742  5.000  ? 189  'X-RAY DIFFRACTION' ? 
r_dihedral_angle_2_deg 34.132 24.571 ? 70   'X-RAY DIFFRACTION' ? 
r_dihedral_angle_3_deg 16.522 15.000 ? 288  'X-RAY DIFFRACTION' ? 
r_dihedral_angle_4_deg 11.650 15.000 ? 8    'X-RAY DIFFRACTION' ? 
r_chiral_restr         .269   .200   ? 226  'X-RAY DIFFRACTION' ? 
r_gen_planes_refined   .011   .021   ? 1216 'X-RAY DIFFRACTION' ? 
r_mcbond_it            1.192  1.500  ? 941  'X-RAY DIFFRACTION' ? 
r_mcangle_it           2.064  2.000  ? 1533 'X-RAY DIFFRACTION' ? 
r_scbond_it            3.369  3.000  ? 678  'X-RAY DIFFRACTION' ? 
r_scangle_it           4.939  4.500  ? 661  'X-RAY DIFFRACTION' ? 
# 
_refine_ls_shell.pdbx_total_number_of_bins_used   20 
_refine_ls_shell.d_res_high                       1.92 
_refine_ls_shell.d_res_low                        1.973 
_refine_ls_shell.number_reflns_R_work             1060 
_refine_ls_shell.R_factor_R_work                  .241 
_refine_ls_shell.percent_reflns_obs               94.00 
_refine_ls_shell.R_factor_R_free                  .335 
_refine_ls_shell.R_factor_R_free_error            ? 
_refine_ls_shell.percent_reflns_R_free            ? 
_refine_ls_shell.number_reflns_R_free             37 
_refine_ls_shell.number_reflns_all                ? 
_refine_ls_shell.R_factor_all                     ? 
_refine_ls_shell.number_reflns_obs                ? 
_refine_ls_shell.redundancy_reflns_obs            ? 
_refine_ls_shell.pdbx_refine_id                   'X-RAY DIFFRACTION' 
# 
_struct.entry_id                  3N0H 
_struct.title                     'hDHFR double mutant Q35S/N64F Trimethoprim Binary Complex' 
_struct.pdbx_model_details        ? 
_struct.pdbx_CASP_flag            ? 
_struct.pdbx_model_type_details   ? 
# 
_struct_keywords.entry_id        3N0H 
_struct_keywords.pdbx_keywords   OXIDOREDUCTASE 
_struct_keywords.text            'double mutant human dihydrofolate reductase trimethoprim, OXIDOREDUCTASE' 
# 
loop_
_struct_asym.id 
_struct_asym.pdbx_blank_PDB_chainid_flag 
_struct_asym.pdbx_modified 
_struct_asym.entity_id 
_struct_asym.details 
A N N 1 ? 
B N N 2 ? 
C N N 3 ? 
D N N 3 ? 
E N N 3 ? 
F N N 2 ? 
G N N 4 ? 
# 
_struct_biol.id        1 
_struct_biol.details   ? 
# 
loop_
_struct_conf.conf_type_id 
_struct_conf.id 
_struct_conf.pdbx_PDB_helix_id 
_struct_conf.beg_label_comp_id 
_struct_conf.beg_label_asym_id 
_struct_conf.beg_label_seq_id 
_struct_conf.pdbx_beg_PDB_ins_code 
_struct_conf.end_label_comp_id 
_struct_conf.end_label_asym_id 
_struct_conf.end_label_seq_id 
_struct_conf.pdbx_end_PDB_ins_code 
_struct_conf.beg_auth_comp_id 
_struct_conf.beg_auth_asym_id 
_struct_conf.beg_auth_seq_id 
_struct_conf.end_auth_comp_id 
_struct_conf.end_auth_asym_id 
_struct_conf.end_auth_seq_id 
_struct_conf.pdbx_PDB_helix_class 
_struct_conf.details 
_struct_conf.pdbx_PDB_helix_length 
HELX_P HELX_P1 1 LEU A 27  ? THR A 40  ? LEU A 27  THR A 40  1 ? 14 
HELX_P HELX_P2 2 LYS A 54  ? ILE A 60  ? LYS A 54  ILE A 60  1 ? 7  
HELX_P HELX_P3 3 PRO A 61  ? ARG A 65  ? PRO A 61  ARG A 65  5 ? 5  
HELX_P HELX_P4 4 SER A 92  ? GLU A 101 ? SER A 92  GLU A 101 1 ? 10 
HELX_P HELX_P5 5 GLN A 102 ? ASN A 107 ? GLN A 102 ASN A 107 1 ? 6  
HELX_P HELX_P6 6 GLY A 117 ? HIS A 127 ? GLY A 117 HIS A 127 1 ? 11 
# 
_struct_conf_type.id          HELX_P 
_struct_conf_type.criteria    ? 
_struct_conf_type.reference   ? 
# 
loop_
_struct_mon_prot_cis.pdbx_id 
_struct_mon_prot_cis.label_comp_id 
_struct_mon_prot_cis.label_seq_id 
_struct_mon_prot_cis.label_asym_id 
_struct_mon_prot_cis.label_alt_id 
_struct_mon_prot_cis.pdbx_PDB_ins_code 
_struct_mon_prot_cis.auth_comp_id 
_struct_mon_prot_cis.auth_seq_id 
_struct_mon_prot_cis.auth_asym_id 
_struct_mon_prot_cis.pdbx_label_comp_id_2 
_struct_mon_prot_cis.pdbx_label_seq_id_2 
_struct_mon_prot_cis.pdbx_label_asym_id_2 
_struct_mon_prot_cis.pdbx_PDB_ins_code_2 
_struct_mon_prot_cis.pdbx_auth_comp_id_2 
_struct_mon_prot_cis.pdbx_auth_seq_id_2 
_struct_mon_prot_cis.pdbx_auth_asym_id_2 
_struct_mon_prot_cis.pdbx_PDB_model_num 
_struct_mon_prot_cis.pdbx_omega_angle 
1 ARG 65  A . ? ARG 65  A PRO 66  A ? PRO 66  A 1 -12.85 
2 GLY 116 A . ? GLY 116 A GLY 117 A ? GLY 117 A 1 2.37   
# 
loop_
_struct_sheet.id 
_struct_sheet.type 
_struct_sheet.number_strands 
_struct_sheet.details 
A ? 8 ? 
B ? 8 ? 
C ? 2 ? 
# 
loop_
_struct_sheet_order.sheet_id 
_struct_sheet_order.range_id_1 
_struct_sheet_order.range_id_2 
_struct_sheet_order.offset 
_struct_sheet_order.sense 
A 1 2 ? parallel      
A 2 3 ? parallel      
A 3 4 ? parallel      
A 4 5 ? parallel      
A 5 6 ? parallel      
A 6 7 ? anti-parallel 
A 7 8 ? anti-parallel 
B 1 2 ? parallel      
B 2 3 ? parallel      
B 3 4 ? parallel      
B 4 5 ? parallel      
B 5 6 ? parallel      
B 6 7 ? anti-parallel 
B 7 8 ? anti-parallel 
C 1 2 ? anti-parallel 
# 
loop_
_struct_sheet_range.sheet_id 
_struct_sheet_range.id 
_struct_sheet_range.beg_label_comp_id 
_struct_sheet_range.beg_label_asym_id 
_struct_sheet_range.beg_label_seq_id 
_struct_sheet_range.pdbx_beg_PDB_ins_code 
_struct_sheet_range.end_label_comp_id 
_struct_sheet_range.end_label_asym_id 
_struct_sheet_range.end_label_seq_id 
_struct_sheet_range.pdbx_end_PDB_ins_code 
_struct_sheet_range.beg_auth_comp_id 
_struct_sheet_range.beg_auth_asym_id 
_struct_sheet_range.beg_auth_seq_id 
_struct_sheet_range.end_auth_comp_id 
_struct_sheet_range.end_auth_asym_id 
_struct_sheet_range.end_auth_seq_id 
A 1 PHE A 88  ? SER A 90  ? PHE A 88  SER A 90  
A 2 ILE A 71  ? LEU A 75  ? ILE A 71  LEU A 75  
A 3 GLN A 47  ? GLY A 53  ? GLN A 47  GLY A 53  
A 4 VAL A 109 ? ILE A 114 ? VAL A 109 ILE A 114 
A 5 LEU A 4   ? SER A 11  ? LEU A 4   SER A 11  
A 6 HIS A 130 ? ILE A 138 ? HIS A 130 ILE A 138 
A 7 ILE A 175 ? ASN A 185 ? ILE A 175 ASN A 185 
A 8 LYS A 157 ? LEU A 158 ? LYS A 157 LEU A 158 
B 1 PHE A 88  ? SER A 90  ? PHE A 88  SER A 90  
B 2 ILE A 71  ? LEU A 75  ? ILE A 71  LEU A 75  
B 3 GLN A 47  ? GLY A 53  ? GLN A 47  GLY A 53  
B 4 VAL A 109 ? ILE A 114 ? VAL A 109 ILE A 114 
B 5 LEU A 4   ? SER A 11  ? LEU A 4   SER A 11  
B 6 HIS A 130 ? ILE A 138 ? HIS A 130 ILE A 138 
B 7 ILE A 175 ? ASN A 185 ? ILE A 175 ASN A 185 
B 8 GLN A 170 ? GLU A 172 ? GLN A 170 GLU A 172 
C 1 GLY A 15  ? GLY A 17  ? GLY A 15  GLY A 17  
C 2 THR A 146 ? PHE A 147 ? THR A 146 PHE A 147 
# 
loop_
_pdbx_struct_sheet_hbond.sheet_id 
_pdbx_struct_sheet_hbond.range_id_1 
_pdbx_struct_sheet_hbond.range_id_2 
_pdbx_struct_sheet_hbond.range_1_label_atom_id 
_pdbx_struct_sheet_hbond.range_1_label_comp_id 
_pdbx_struct_sheet_hbond.range_1_label_asym_id 
_pdbx_struct_sheet_hbond.range_1_label_seq_id 
_pdbx_struct_sheet_hbond.range_1_PDB_ins_code 
_pdbx_struct_sheet_hbond.range_1_auth_atom_id 
_pdbx_struct_sheet_hbond.range_1_auth_comp_id 
_pdbx_struct_sheet_hbond.range_1_auth_asym_id 
_pdbx_struct_sheet_hbond.range_1_auth_seq_id 
_pdbx_struct_sheet_hbond.range_2_label_atom_id 
_pdbx_struct_sheet_hbond.range_2_label_comp_id 
_pdbx_struct_sheet_hbond.range_2_label_asym_id 
_pdbx_struct_sheet_hbond.range_2_label_seq_id 
_pdbx_struct_sheet_hbond.range_2_PDB_ins_code 
_pdbx_struct_sheet_hbond.range_2_auth_atom_id 
_pdbx_struct_sheet_hbond.range_2_auth_comp_id 
_pdbx_struct_sheet_hbond.range_2_auth_asym_id 
_pdbx_struct_sheet_hbond.range_2_auth_seq_id 
A 1 2 O PHE A 88  ? O PHE A 88  N VAL A 74  ? N VAL A 74  
A 2 3 O ILE A 71  ? O ILE A 71  N VAL A 50  ? N VAL A 50  
A 3 4 N LEU A 49  ? N LEU A 49  O TRP A 113 ? O TRP A 113 
A 4 5 O ILE A 114 ? O ILE A 114 N ASN A 5   ? N ASN A 5   
A 5 6 N VAL A 10  ? N VAL A 10  O ILE A 138 ? O ILE A 138 
A 6 7 N LEU A 133 ? N LEU A 133 O TYR A 182 ? O TYR A 182 
A 7 8 O GLU A 183 ? O GLU A 183 N LYS A 157 ? N LYS A 157 
B 1 2 O PHE A 88  ? O PHE A 88  N VAL A 74  ? N VAL A 74  
B 2 3 O ILE A 71  ? O ILE A 71  N VAL A 50  ? N VAL A 50  
B 3 4 N LEU A 49  ? N LEU A 49  O TRP A 113 ? O TRP A 113 
B 4 5 O ILE A 114 ? O ILE A 114 N ASN A 5   ? N ASN A 5   
B 5 6 N VAL A 10  ? N VAL A 10  O ILE A 138 ? O ILE A 138 
B 6 7 N LEU A 133 ? N LEU A 133 O TYR A 182 ? O TYR A 182 
B 7 8 O TYR A 177 ? O TYR A 177 N GLN A 170 ? N GLN A 170 
C 1 2 N ILE A 16  ? N ILE A 16  O THR A 146 ? O THR A 146 
# 
loop_
_struct_site.id 
_struct_site.pdbx_evidence_code 
_struct_site.pdbx_auth_asym_id 
_struct_site.pdbx_auth_comp_id 
_struct_site.pdbx_auth_seq_id 
_struct_site.pdbx_auth_ins_code 
_struct_site.pdbx_num_residues 
_struct_site.details 
AC1 Software A TOP 187 ? 13 'BINDING SITE FOR RESIDUE TOP A 187' 
AC2 Software A SO4 188 ? 7  'BINDING SITE FOR RESIDUE SO4 A 188' 
AC3 Software A SO4 189 ? 5  'BINDING SITE FOR RESIDUE SO4 A 189' 
AC4 Software A SO4 190 ? 5  'BINDING SITE FOR RESIDUE SO4 A 190' 
AC5 Software A TOP 191 ? 8  'BINDING SITE FOR RESIDUE TOP A 191' 
# 
loop_
_struct_site_gen.id 
_struct_site_gen.site_id 
_struct_site_gen.pdbx_num_res 
_struct_site_gen.label_comp_id 
_struct_site_gen.label_asym_id 
_struct_site_gen.label_seq_id 
_struct_site_gen.pdbx_auth_ins_code 
_struct_site_gen.auth_comp_id 
_struct_site_gen.auth_asym_id 
_struct_site_gen.auth_seq_id 
_struct_site_gen.label_atom_id 
_struct_site_gen.label_alt_id 
_struct_site_gen.symmetry 
_struct_site_gen.details 
1  AC1 13 ILE A 7   ? ILE A 7   . ? 1_555 ? 
2  AC1 13 VAL A 8   ? VAL A 8   . ? 1_555 ? 
3  AC1 13 ALA A 9   ? ALA A 9   . ? 1_555 ? 
4  AC1 13 GLU A 30  ? GLU A 30  . ? 1_555 ? 
5  AC1 13 PHE A 31  ? PHE A 31  . ? 1_555 ? 
6  AC1 13 PHE A 34  ? PHE A 34  . ? 1_555 ? 
7  AC1 13 THR A 56  ? THR A 56  . ? 1_555 ? 
8  AC1 13 ILE A 60  ? ILE A 60  . ? 1_555 ? 
9  AC1 13 LEU A 67  ? LEU A 67  . ? 1_555 ? 
10 AC1 13 VAL A 115 ? VAL A 115 . ? 1_555 ? 
11 AC1 13 THR A 136 ? THR A 136 . ? 1_555 ? 
12 AC1 13 TOP F .   ? TOP A 191 . ? 1_555 ? 
13 AC1 13 HOH G .   ? HOH A 242 . ? 1_555 ? 
14 AC2 7  GLY A 53  ? GLY A 53  . ? 1_555 ? 
15 AC2 7  LYS A 54  ? LYS A 54  . ? 1_555 ? 
16 AC2 7  LYS A 55  ? LYS A 55  . ? 1_555 ? 
17 AC2 7  THR A 56  ? THR A 56  . ? 1_555 ? 
18 AC2 7  GLY A 117 ? GLY A 117 . ? 1_555 ? 
19 AC2 7  VAL A 120 ? VAL A 120 . ? 1_555 ? 
20 AC2 7  HOH G .   ? HOH A 235 . ? 1_555 ? 
21 AC3 5  LYS A 54  ? LYS A 54  . ? 1_555 ? 
22 AC3 5  SER A 76  ? SER A 76  . ? 1_555 ? 
23 AC3 5  ARG A 77  ? ARG A 77  . ? 1_555 ? 
24 AC3 5  GLU A 78  ? GLU A 78  . ? 1_555 ? 
25 AC3 5  HOH G .   ? HOH A 219 . ? 1_555 ? 
26 AC4 5  GLU A 143 ? GLU A 143 . ? 6_445 ? 
27 AC4 5  VAL A 165 ? VAL A 165 . ? 1_555 ? 
28 AC4 5  LEU A 166 ? LEU A 166 . ? 1_555 ? 
29 AC4 5  SER A 167 ? SER A 167 . ? 1_555 ? 
30 AC4 5  HOH G .   ? HOH A 282 . ? 1_555 ? 
31 AC5 8  ASP A 21  ? ASP A 21  . ? 1_555 ? 
32 AC5 8  SER A 59  ? SER A 59  . ? 1_555 ? 
33 AC5 8  PRO A 61  ? PRO A 61  . ? 1_555 ? 
34 AC5 8  LYS A 63  ? LYS A 63  . ? 1_555 ? 
35 AC5 8  LYS A 63  ? LYS A 63  . ? 3_555 ? 
36 AC5 8  PHE A 64  ? PHE A 64  . ? 1_555 ? 
37 AC5 8  TOP B .   ? TOP A 187 . ? 1_555 ? 
38 AC5 8  HOH G .   ? HOH A 252 . ? 1_555 ? 
# 
_atom_sites.entry_id                    3N0H 
_atom_sites.fract_transf_matrix[1][1]   0.01205853 
_atom_sites.fract_transf_matrix[1][2]   -0.00217098 
_atom_sites.fract_transf_matrix[1][3]   0.00622581 
_atom_sites.fract_transf_matrix[2][1]   0.00695676 
_atom_sites.fract_transf_matrix[2][2]   -0.01161708 
_atom_sites.fract_transf_matrix[2][3]   -0.00235470 
_atom_sites.fract_transf_matrix[3][1]   0.00603099 
_atom_sites.fract_transf_matrix[3][2]   0.00558457 
_atom_sites.fract_transf_matrix[3][3]   -0.00973382 
_atom_sites.fract_transf_vector[1]      -0.159434 
_atom_sites.fract_transf_vector[2]      -0.316783 
_atom_sites.fract_transf_vector[3]      -0.007069 
# 
loop_
_atom_type.symbol 
C 
N 
O 
S 
# 
loop_
_atom_site.group_PDB 
_atom_site.id 
_atom_site.type_symbol 
_atom_site.label_atom_id 
_atom_site.label_alt_id 
_atom_site.label_comp_id 
_atom_site.label_asym_id 
_atom_site.label_entity_id 
_atom_site.label_seq_id 
_atom_site.pdbx_PDB_ins_code 
_atom_site.Cartn_x 
_atom_site.Cartn_y 
_atom_site.Cartn_z 
_atom_site.occupancy 
_atom_site.B_iso_or_equiv 
_atom_site.pdbx_formal_charge 
_atom_site.auth_seq_id 
_atom_site.auth_comp_id 
_atom_site.auth_asym_id 
_atom_site.auth_atom_id 
_atom_site.pdbx_PDB_model_num 
ATOM   1    N N   . VAL A 1 1   ? 6.256   11.082  12.793  1.00 23.32 ? 1   VAL A N   1 
ATOM   2    C CA  . VAL A 1 1   ? 5.894   10.270  11.637  1.00 23.16 ? 1   VAL A CA  1 
ATOM   3    C C   . VAL A 1 1   ? 5.940   11.090  10.352  1.00 21.08 ? 1   VAL A C   1 
ATOM   4    O O   . VAL A 1 1   ? 5.471   12.227  10.312  1.00 19.89 ? 1   VAL A O   1 
ATOM   5    C CB  . VAL A 1 1   ? 4.490   9.659   11.796  1.00 24.82 ? 1   VAL A CB  1 
ATOM   6    C CG1 . VAL A 1 1   ? 4.504   8.189   11.403  1.00 24.57 ? 1   VAL A CG1 1 
ATOM   7    C CG2 . VAL A 1 1   ? 3.994   9.831   13.223  1.00 26.59 ? 1   VAL A CG2 1 
ATOM   8    N N   . GLY A 1 2   ? 6.507   10.504  9.303   1.00 18.30 ? 2   GLY A N   1 
ATOM   9    C CA  . GLY A 1 2   ? 6.616   11.188  7.995   1.00 16.70 ? 2   GLY A CA  1 
ATOM   10   C C   . GLY A 1 2   ? 5.269   11.123  7.226   1.00 16.04 ? 2   GLY A C   1 
ATOM   11   O O   . GLY A 1 2   ? 4.165   11.151  7.829   1.00 15.80 ? 2   GLY A O   1 
ATOM   12   N N   . SER A 1 3   ? 5.360   10.973  5.903   1.00 14.39 ? 3   SER A N   1 
ATOM   13   C CA  . SER A 1 3   ? 4.171   11.031  5.035   1.00 13.01 ? 3   SER A CA  1 
ATOM   14   C C   . SER A 1 3   ? 3.273   9.786   5.172   1.00 12.75 ? 3   SER A C   1 
ATOM   15   O O   . SER A 1 3   ? 3.754   8.710   5.557   1.00 12.07 ? 3   SER A O   1 
ATOM   16   C CB  . SER A 1 3   ? 4.603   11.221  3.603   1.00 13.11 ? 3   SER A CB  1 
ATOM   17   O OG  . SER A 1 3   ? 5.425   10.168  3.137   1.00 12.50 ? 3   SER A OG  1 
ATOM   18   N N   . LEU A 1 4   ? 1.992   9.978   4.841   1.00 13.17 ? 4   LEU A N   1 
ATOM   19   C CA  . LEU A 1 4   ? 0.987   8.914   4.686   1.00 10.66 ? 4   LEU A CA  1 
ATOM   20   C C   . LEU A 1 4   ? 0.773   8.636   3.204   1.00 9.74  ? 4   LEU A C   1 
ATOM   21   O O   . LEU A 1 4   ? 0.531   9.580   2.426   1.00 9.09  ? 4   LEU A O   1 
ATOM   22   C CB  . LEU A 1 4   ? -0.332  9.375   5.359   1.00 11.42 ? 4   LEU A CB  1 
ATOM   23   C CG  . LEU A 1 4   ? -1.476  8.343   5.521   1.00 12.94 ? 4   LEU A CG  1 
ATOM   24   C CD1 . LEU A 1 4   ? -0.998  7.143   6.357   1.00 16.08 ? 4   LEU A CD1 1 
ATOM   25   C CD2 . LEU A 1 4   ? -2.720  8.904   6.219   1.00 17.77 ? 4   LEU A CD2 1 
ATOM   26   N N   . ASN A 1 5   ? 0.768   7.366   2.821   1.00 7.60  ? 5   ASN A N   1 
ATOM   27   C CA  . ASN A 1 5   ? 0.771   6.932   1.418   1.00 8.08  ? 5   ASN A CA  1 
ATOM   28   C C   . ASN A 1 5   ? -0.008  5.638   1.290   1.00 9.27  ? 5   ASN A C   1 
ATOM   29   O O   . ASN A 1 5   ? 0.021   4.833   2.251   1.00 9.22  ? 5   ASN A O   1 
ATOM   30   C CB  . ASN A 1 5   ? 2.211   6.611   0.978   1.00 9.29  ? 5   ASN A CB  1 
ATOM   31   C CG  . ASN A 1 5   ? 3.170   7.747   1.276   1.00 12.21 ? 5   ASN A CG  1 
ATOM   32   O OD1 . ASN A 1 5   ? 3.253   8.707   0.488   1.00 9.65  ? 5   ASN A OD1 1 
ATOM   33   N ND2 . ASN A 1 5   ? 3.831   7.703   2.458   1.00 6.52  ? 5   ASN A ND2 1 
ATOM   34   N N   . CYS A 1 6   ? -0.695  5.452   0.122   1.00 9.41  ? 6   CYS A N   1 
ATOM   35   C CA  . CYS A 1 6   ? -1.177  4.153   -0.339  1.00 8.66  ? 6   CYS A CA  1 
ATOM   36   C C   . CYS A 1 6   ? -0.264  3.743   -1.478  1.00 8.34  ? 6   CYS A C   1 
ATOM   37   O O   . CYS A 1 6   ? 0.312   4.623   -2.172  1.00 9.22  ? 6   CYS A O   1 
ATOM   38   C CB  . CYS A 1 6   ? -2.643  4.227   -0.874  1.00 8.06  ? 6   CYS A CB  1 
ATOM   39   S SG  . CYS A 1 6   ? -3.771  4.776   0.476   1.00 12.33 ? 6   CYS A SG  1 
ATOM   40   N N   . ILE A 1 7   ? -0.142  2.434   -1.664  1.00 8.17  ? 7   ILE A N   1 
ATOM   41   C CA  . ILE A 1 7   ? 0.592   1.866   -2.789  1.00 7.41  ? 7   ILE A CA  1 
ATOM   42   C C   . ILE A 1 7   ? -0.211  0.635   -3.274  1.00 9.43  ? 7   ILE A C   1 
ATOM   43   O O   . ILE A 1 7   ? -0.648  -0.259  -2.471  1.00 8.51  ? 7   ILE A O   1 
ATOM   44   C CB  . ILE A 1 7   ? 2.094   1.606   -2.488  1.00 9.12  ? 7   ILE A CB  1 
ATOM   45   C CG1 . ILE A 1 7   ? 2.817   1.069   -3.760  1.00 7.77  ? 7   ILE A CG1 1 
ATOM   46   C CG2 . ILE A 1 7   ? 2.277   0.642   -1.283  1.00 10.15 ? 7   ILE A CG2 1 
ATOM   47   C CD1 . ILE A 1 7   ? 4.402   1.085   -3.706  1.00 10.30 ? 7   ILE A CD1 1 
ATOM   48   N N   . VAL A 1 8   ? -0.425  0.577   -4.581  1.00 7.59  ? 8   VAL A N   1 
ATOM   49   C CA  . VAL A 1 8   ? -1.310  -0.471  -5.147  1.00 8.62  ? 8   VAL A CA  1 
ATOM   50   C C   . VAL A 1 8   ? -0.880  -0.785  -6.583  1.00 9.30  ? 8   VAL A C   1 
ATOM   51   O O   . VAL A 1 8   ? -0.302  0.102   -7.221  1.00 9.56  ? 8   VAL A O   1 
ATOM   52   C CB  . VAL A 1 8   ? -2.810  0.001   -5.125  1.00 7.20  ? 8   VAL A CB  1 
ATOM   53   C CG1 . VAL A 1 8   ? -3.126  1.132   -6.170  1.00 6.93  ? 8   VAL A CG1 1 
ATOM   54   C CG2 . VAL A 1 8   ? -3.717  -1.237  -5.308  1.00 9.03  ? 8   VAL A CG2 1 
ATOM   55   N N   . ALA A 1 9   ? -1.134  -1.999  -7.091  1.00 10.76 ? 9   ALA A N   1 
ATOM   56   C CA  . ALA A 1 9   ? -1.110  -2.208  -8.564  1.00 11.84 ? 9   ALA A CA  1 
ATOM   57   C C   . ALA A 1 9   ? -2.541  -2.560  -8.971  1.00 12.78 ? 9   ALA A C   1 
ATOM   58   O O   . ALA A 1 9   ? -3.241  -3.271  -8.238  1.00 12.53 ? 9   ALA A O   1 
ATOM   59   C CB  . ALA A 1 9   ? -0.030  -3.305  -9.025  1.00 11.20 ? 9   ALA A CB  1 
ATOM   60   N N   . VAL A 1 10  ? -3.000  -2.005  -10.083 1.00 12.42 ? 10  VAL A N   1 
ATOM   61   C CA  . VAL A 1 10  ? -4.394  -2.160  -10.465 1.00 12.96 ? 10  VAL A CA  1 
ATOM   62   C C   . VAL A 1 10  ? -4.540  -2.359  -11.960 1.00 12.92 ? 10  VAL A C   1 
ATOM   63   O O   . VAL A 1 10  ? -3.862  -1.709  -12.756 1.00 12.07 ? 10  VAL A O   1 
ATOM   64   C CB  . VAL A 1 10  ? -5.235  -0.943  -10.038 1.00 15.45 ? 10  VAL A CB  1 
ATOM   65   C CG1 . VAL A 1 10  ? -6.005  -1.252  -8.763  1.00 18.98 ? 10  VAL A CG1 1 
ATOM   66   C CG2 . VAL A 1 10  ? -4.345  0.276   -9.848  1.00 15.51 ? 10  VAL A CG2 1 
ATOM   67   N N   . SER A 1 11  ? -5.433  -3.264  -12.338 1.00 11.31 ? 11  SER A N   1 
ATOM   68   C CA  . SER A 1 11  ? -5.679  -3.537  -13.770 1.00 12.00 ? 11  SER A CA  1 
ATOM   69   C C   . SER A 1 11  ? -6.607  -2.478  -14.318 1.00 10.82 ? 11  SER A C   1 
ATOM   70   O O   . SER A 1 11  ? -7.187  -1.675  -13.584 1.00 10.60 ? 11  SER A O   1 
ATOM   71   C CB  . SER A 1 11  ? -6.300  -4.964  -13.933 1.00 9.96  ? 11  SER A CB  1 
ATOM   72   O OG  . SER A 1 11  ? -7.580  -5.017  -13.295 1.00 14.51 ? 11  SER A OG  1 
ATOM   73   N N   . GLN A 1 12  ? -6.787  -2.513  -15.628 1.00 13.56 ? 12  GLN A N   1 
ATOM   74   C CA  . GLN A 1 12  ? -7.609  -1.505  -16.315 1.00 14.13 ? 12  GLN A CA  1 
ATOM   75   C C   . GLN A 1 12  ? -9.034  -1.495  -15.824 1.00 14.34 ? 12  GLN A C   1 
ATOM   76   O O   . GLN A 1 12  ? -9.660  -0.446  -15.710 1.00 13.59 ? 12  GLN A O   1 
ATOM   77   C CB  . GLN A 1 12  ? -7.615  -1.869  -17.801 1.00 16.11 ? 12  GLN A CB  1 
ATOM   78   C CG  . GLN A 1 12  ? -7.711  -0.670  -18.784 1.00 24.83 ? 12  GLN A CG  1 
ATOM   79   C CD  . GLN A 1 12  ? -6.999  -1.026  -20.111 1.00 31.66 ? 12  GLN A CD  1 
ATOM   80   O OE1 . GLN A 1 12  ? -5.931  -0.476  -20.443 1.00 37.65 ? 12  GLN A OE1 1 
ATOM   81   N NE2 . GLN A 1 12  ? -7.548  -1.982  -20.817 1.00 31.76 ? 12  GLN A NE2 1 
ATOM   82   N N   . ASN A 1 13  ? -9.584  -2.677  -15.550 1.00 14.48 ? 13  ASN A N   1 
ATOM   83   C CA  . ASN A 1 13  ? -10.941 -2.754  -14.947 1.00 15.00 ? 13  ASN A CA  1 
ATOM   84   C C   . ASN A 1 13  ? -10.901 -2.606  -13.427 1.00 14.32 ? 13  ASN A C   1 
ATOM   85   O O   . ASN A 1 13  ? -11.806 -3.066  -12.767 1.00 15.56 ? 13  ASN A O   1 
ATOM   86   C CB  . ASN A 1 13  ? -11.617 -4.121  -15.284 1.00 13.32 ? 13  ASN A CB  1 
ATOM   87   C CG  . ASN A 1 13  ? -10.785 -5.343  -14.847 1.00 14.41 ? 13  ASN A CG  1 
ATOM   88   O OD1 . ASN A 1 13  ? -9.567  -5.428  -15.061 1.00 13.09 ? 13  ASN A OD1 1 
ATOM   89   N ND2 . ASN A 1 13  ? -11.467 -6.349  -14.285 1.00 15.68 ? 13  ASN A ND2 1 
ATOM   90   N N   . MET A 1 14  ? -9.853  -1.994  -12.884 1.00 15.90 ? 14  MET A N   1 
ATOM   91   C CA  . MET A 1 14  ? -9.769  -1.602  -11.436 1.00 14.91 ? 14  MET A CA  1 
ATOM   92   C C   . MET A 1 14  ? -9.519  -2.744  -10.476 1.00 14.18 ? 14  MET A C   1 
ATOM   93   O O   . MET A 1 14  ? -9.702  -2.573  -9.258  1.00 13.19 ? 14  MET A O   1 
ATOM   94   C CB  . MET A 1 14  ? -11.016 -0.784  -10.996 1.00 16.22 ? 14  MET A CB  1 
ATOM   95   C CG  . MET A 1 14  ? -11.187 0.550   -11.749 1.00 18.50 ? 14  MET A CG  1 
ATOM   96   S SD  . MET A 1 14  ? -9.649  1.484   -11.819 1.00 26.30 ? 14  MET A SD  1 
ATOM   97   C CE  . MET A 1 14  ? -9.671  2.106   -10.184 1.00 24.20 ? 14  MET A CE  1 
ATOM   98   N N   . GLY A 1 15  ? -9.140  -3.899  -11.004 1.00 12.82 ? 15  GLY A N   1 
ATOM   99   C CA  . GLY A 1 15  ? -9.026  -5.112  -10.181 1.00 13.07 ? 15  GLY A CA  1 
ATOM   100  C C   . GLY A 1 15  ? -7.712  -5.133  -9.389  1.00 11.86 ? 15  GLY A C   1 
ATOM   101  O O   . GLY A 1 15  ? -6.626  -4.792  -9.907  1.00 12.76 ? 15  GLY A O   1 
ATOM   102  N N   . ILE A 1 16  ? -7.788  -5.509  -8.132  1.00 10.64 ? 16  ILE A N   1 
ATOM   103  C CA  . ILE A 1 16  ? -6.554  -5.602  -7.313  1.00 10.65 ? 16  ILE A CA  1 
ATOM   104  C C   . ILE A 1 16  ? -6.369  -6.998  -6.728  1.00 10.50 ? 16  ILE A C   1 
ATOM   105  O O   . ILE A 1 16  ? -5.370  -7.256  -6.053  1.00 10.51 ? 16  ILE A O   1 
ATOM   106  C CB  . ILE A 1 16  ? -6.466  -4.500  -6.180  1.00 10.79 ? 16  ILE A CB  1 
ATOM   107  C CG1 . ILE A 1 16  ? -7.626  -4.637  -5.190  1.00 8.01  ? 16  ILE A CG1 1 
ATOM   108  C CG2 . ILE A 1 16  ? -6.535  -3.077  -6.806  1.00 11.80 ? 16  ILE A CG2 1 
ATOM   109  C CD1 . ILE A 1 16  ? -7.505  -3.778  -3.948  1.00 13.13 ? 16  ILE A CD1 1 
ATOM   110  N N   . GLY A 1 17  ? -7.318  -7.917  -6.943  1.00 10.35 ? 17  GLY A N   1 
ATOM   111  C CA  . GLY A 1 17  ? -7.126  -9.213  -6.336  1.00 10.91 ? 17  GLY A CA  1 
ATOM   112  C C   . GLY A 1 17  ? -8.167  -10.137 -6.922  1.00 11.24 ? 17  GLY A C   1 
ATOM   113  O O   . GLY A 1 17  ? -9.187  -9.679  -7.387  1.00 11.14 ? 17  GLY A O   1 
ATOM   114  N N   . LYS A 1 18  ? -7.864  -11.422 -6.893  1.00 11.14 ? 18  LYS A N   1 
ATOM   115  C CA  . LYS A 1 18  ? -8.817  -12.470 -7.304  1.00 13.09 ? 18  LYS A CA  1 
ATOM   116  C C   . LYS A 1 18  ? -8.532  -13.599 -6.290  1.00 11.99 ? 18  LYS A C   1 
ATOM   117  O O   . LYS A 1 18  ? -7.459  -14.193 -6.288  1.00 12.20 ? 18  LYS A O   1 
ATOM   118  C CB  . LYS A 1 18  ? -8.454  -12.973 -8.698  1.00 12.89 ? 18  LYS A CB  1 
ATOM   119  C CG  . LYS A 1 18  ? -9.600  -13.777 -9.420  1.00 21.26 ? 18  LYS A CG  1 
ATOM   120  C CD  . LYS A 1 18  ? -9.108  -15.124 -9.970  1.00 27.39 ? 18  LYS A CD  1 
ATOM   121  C CE  . LYS A 1 18  ? -8.748  -15.117 -11.442 1.00 30.29 ? 18  LYS A CE  1 
ATOM   122  N NZ  . LYS A 1 18  ? -8.858  -16.490 -12.041 1.00 29.28 ? 18  LYS A NZ  1 
ATOM   123  N N   . ASN A 1 19  ? -9.503  -13.863 -5.423  1.00 13.81 ? 19  ASN A N   1 
ATOM   124  C CA  . ASN A 1 19  ? -9.388  -14.853 -4.381  1.00 15.03 ? 19  ASN A CA  1 
ATOM   125  C C   . ASN A 1 19  ? -8.114  -14.756 -3.608  1.00 16.50 ? 19  ASN A C   1 
ATOM   126  O O   . ASN A 1 19  ? -7.451  -15.778 -3.357  1.00 16.99 ? 19  ASN A O   1 
ATOM   127  C CB  . ASN A 1 19  ? -9.618  -16.243 -4.955  1.00 14.66 ? 19  ASN A CB  1 
ATOM   128  C CG  . ASN A 1 19  ? -11.051 -16.482 -5.211  1.00 18.50 ? 19  ASN A CG  1 
ATOM   129  O OD1 . ASN A 1 19  ? -11.899 -16.146 -4.351  1.00 17.34 ? 19  ASN A OD1 1 
ATOM   130  N ND2 . ASN A 1 19  ? -11.372 -16.923 -6.422  1.00 13.90 ? 19  ASN A ND2 1 
ATOM   131  N N   . GLY A 1 20  ? -7.762  -13.520 -3.255  1.00 17.80 ? 20  GLY A N   1 
ATOM   132  C CA  . GLY A 1 20  ? -6.587  -13.197 -2.458  1.00 18.63 ? 20  GLY A CA  1 
ATOM   133  C C   . GLY A 1 20  ? -5.264  -13.556 -3.105  1.00 19.91 ? 20  GLY A C   1 
ATOM   134  O O   . GLY A 1 20  ? -4.299  -13.797 -2.376  1.00 21.15 ? 20  GLY A O   1 
ATOM   135  N N   . ASP A 1 21  ? -5.233  -13.650 -4.441  1.00 17.48 ? 21  ASP A N   1 
ATOM   136  C CA  . ASP A 1 21  ? -3.986  -13.832 -5.250  1.00 17.10 ? 21  ASP A CA  1 
ATOM   137  C C   . ASP A 1 21  ? -3.939  -12.632 -6.265  1.00 17.32 ? 21  ASP A C   1 
ATOM   138  O O   . ASP A 1 21  ? -4.920  -11.901 -6.425  1.00 14.63 ? 21  ASP A O   1 
ATOM   139  C CB  . ASP A 1 21  ? -4.095  -15.175 -6.004  1.00 17.88 ? 21  ASP A CB  1 
ATOM   140  C CG  . ASP A 1 21  ? -2.786  -15.619 -6.685  1.00 23.09 ? 21  ASP A CG  1 
ATOM   141  O OD1 . ASP A 1 21  ? -1.684  -15.055 -6.411  1.00 21.46 ? 21  ASP A OD1 1 
ATOM   142  O OD2 . ASP A 1 21  ? -2.875  -16.557 -7.537  1.00 29.09 ? 21  ASP A OD2 1 
ATOM   143  N N   . LEU A 1 22  ? -2.838  -12.461 -6.981  1.00 18.49 ? 22  LEU A N   1 
ATOM   144  C CA  . LEU A 1 22  ? -2.722  -11.415 -7.988  1.00 18.00 ? 22  LEU A CA  1 
ATOM   145  C C   . LEU A 1 22  ? -3.617  -11.760 -9.138  1.00 17.40 ? 22  LEU A C   1 
ATOM   146  O O   . LEU A 1 22  ? -3.650  -12.861 -9.541  1.00 17.53 ? 22  LEU A O   1 
ATOM   147  C CB  . LEU A 1 22  ? -1.340  -11.374 -8.581  1.00 18.66 ? 22  LEU A CB  1 
ATOM   148  C CG  . LEU A 1 22  ? -0.223  -10.802 -7.800  1.00 19.37 ? 22  LEU A CG  1 
ATOM   149  C CD1 . LEU A 1 22  ? 0.989   -10.786 -8.699  1.00 22.09 ? 22  LEU A CD1 1 
ATOM   150  C CD2 . LEU A 1 22  ? -0.622  -9.437  -7.216  1.00 19.20 ? 22  LEU A CD2 1 
ATOM   151  N N   . PRO A 1 23  ? -4.309  -10.801 -9.702  1.00 16.59 ? 23  PRO A N   1 
ATOM   152  C CA  . PRO A 1 23  ? -5.124  -11.191 -10.899 1.00 16.70 ? 23  PRO A CA  1 
ATOM   153  C C   . PRO A 1 23  ? -4.247  -11.475 -12.120 1.00 16.57 ? 23  PRO A C   1 
ATOM   154  O O   . PRO A 1 23  ? -4.755  -12.032 -13.107 1.00 15.54 ? 23  PRO A O   1 
ATOM   155  C CB  . PRO A 1 23  ? -5.928  -9.952  -11.179 1.00 15.47 ? 23  PRO A CB  1 
ATOM   156  C CG  . PRO A 1 23  ? -6.053  -9.284  -9.794  1.00 15.79 ? 23  PRO A CG  1 
ATOM   157  C CD  . PRO A 1 23  ? -4.719  -9.513  -9.139  1.00 15.65 ? 23  PRO A CD  1 
ATOM   158  N N   . TRP A 1 24  ? -2.982  -11.025 -12.079 1.00 15.42 ? 24  TRP A N   1 
ATOM   159  C CA  . TRP A 1 24  ? -2.102  -11.110 -13.253 1.00 17.10 ? 24  TRP A CA  1 
ATOM   160  C C   . TRP A 1 24  ? -0.952  -11.995 -12.893 1.00 19.08 ? 24  TRP A C   1 
ATOM   161  O O   . TRP A 1 24  ? -0.723  -12.217 -11.700 1.00 19.22 ? 24  TRP A O   1 
ATOM   162  C CB  . TRP A 1 24  ? -1.542  -9.697  -13.683 1.00 15.17 ? 24  TRP A CB  1 
ATOM   163  C CG  . TRP A 1 24  ? -1.229  -8.767  -12.515 1.00 13.91 ? 24  TRP A CG  1 
ATOM   164  C CD1 . TRP A 1 24  ? -0.067  -8.675  -11.816 1.00 14.94 ? 24  TRP A CD1 1 
ATOM   165  C CD2 . TRP A 1 24  ? -2.136  -7.851  -11.910 1.00 11.69 ? 24  TRP A CD2 1 
ATOM   166  N NE1 . TRP A 1 24  ? -0.211  -7.790  -10.737 1.00 18.07 ? 24  TRP A NE1 1 
ATOM   167  C CE2 . TRP A 1 24  ? -1.468  -7.251  -10.811 1.00 16.11 ? 24  TRP A CE2 1 
ATOM   168  C CE3 . TRP A 1 24  ? -3.452  -7.476  -12.187 1.00 13.66 ? 24  TRP A CE3 1 
ATOM   169  C CZ2 . TRP A 1 24  ? -2.094  -6.306  -9.986  1.00 14.72 ? 24  TRP A CZ2 1 
ATOM   170  C CZ3 . TRP A 1 24  ? -4.066  -6.556  -11.374 1.00 13.32 ? 24  TRP A CZ3 1 
ATOM   171  C CH2 . TRP A 1 24  ? -3.369  -5.960  -10.296 1.00 13.45 ? 24  TRP A CH2 1 
ATOM   172  N N   . PRO A 1 25  ? -0.204  -12.470 -13.921 1.00 21.73 ? 25  PRO A N   1 
ATOM   173  C CA  . PRO A 1 25  ? 0.998   -13.236 -13.686 1.00 23.95 ? 25  PRO A CA  1 
ATOM   174  C C   . PRO A 1 25  ? 1.940   -12.375 -12.844 1.00 24.08 ? 25  PRO A C   1 
ATOM   175  O O   . PRO A 1 25  ? 1.951   -11.147 -12.999 1.00 26.12 ? 25  PRO A O   1 
ATOM   176  C CB  . PRO A 1 25  ? 1.567   -13.461 -15.102 1.00 24.53 ? 25  PRO A CB  1 
ATOM   177  C CG  . PRO A 1 25  ? 0.420   -13.347 -16.024 1.00 24.80 ? 25  PRO A CG  1 
ATOM   178  C CD  . PRO A 1 25  ? -0.585  -12.424 -15.348 1.00 21.53 ? 25  PRO A CD  1 
ATOM   179  N N   . PRO A 1 26  ? 2.705   -12.984 -11.939 1.00 24.19 ? 26  PRO A N   1 
ATOM   180  C CA  . PRO A 1 26  ? 3.714   -12.210 -11.146 1.00 23.41 ? 26  PRO A CA  1 
ATOM   181  C C   . PRO A 1 26  ? 4.725   -11.383 -11.988 1.00 23.07 ? 26  PRO A C   1 
ATOM   182  O O   . PRO A 1 26  ? 5.347   -11.933 -12.932 1.00 20.50 ? 26  PRO A O   1 
ATOM   183  C CB  . PRO A 1 26  ? 4.404   -13.304 -10.327 1.00 24.72 ? 26  PRO A CB  1 
ATOM   184  C CG  . PRO A 1 26  ? 3.373   -14.391 -10.225 1.00 23.50 ? 26  PRO A CG  1 
ATOM   185  C CD  . PRO A 1 26  ? 2.685   -14.411 -11.562 1.00 23.83 ? 26  PRO A CD  1 
ATOM   186  N N   . LEU A 1 27  ? 4.838   -10.065 -11.696 1.00 21.09 ? 27  LEU A N   1 
ATOM   187  C CA  . LEU A 1 27  ? 5.774   -9.154  -12.384 1.00 20.41 ? 27  LEU A CA  1 
ATOM   188  C C   . LEU A 1 27  ? 6.913   -8.784  -11.447 1.00 20.51 ? 27  LEU A C   1 
ATOM   189  O O   . LEU A 1 27  ? 6.723   -8.037  -10.472 1.00 20.36 ? 27  LEU A O   1 
ATOM   190  C CB  . LEU A 1 27  ? 5.073   -7.892  -12.920 1.00 20.20 ? 27  LEU A CB  1 
ATOM   191  C CG  . LEU A 1 27  ? 3.722   -8.172  -13.573 1.00 19.58 ? 27  LEU A CG  1 
ATOM   192  C CD1 . LEU A 1 27  ? 3.012   -6.879  -13.862 1.00 24.21 ? 27  LEU A CD1 1 
ATOM   193  C CD2 . LEU A 1 27  ? 3.882   -9.063  -14.817 1.00 19.94 ? 27  LEU A CD2 1 
ATOM   194  N N   . ARG A 1 28  ? 8.087   -9.355  -11.685 1.00 19.69 ? 28  ARG A N   1 
ATOM   195  C CA  . ARG A 1 28  ? 9.147   -9.328  -10.672 1.00 20.92 ? 28  ARG A CA  1 
ATOM   196  C C   . ARG A 1 28  ? 9.700   -7.916  -10.437 1.00 19.17 ? 28  ARG A C   1 
ATOM   197  O O   . ARG A 1 28  ? 9.955   -7.506  -9.308  1.00 17.85 ? 28  ARG A O   1 
ATOM   198  C CB  . ARG A 1 28  ? 10.244  -10.376 -11.037 1.00 22.69 ? 28  ARG A CB  1 
ATOM   199  C CG  . ARG A 1 28  ? 9.529   -11.735 -11.356 1.00 30.69 ? 28  ARG A CG  1 
ATOM   200  C CD  . ARG A 1 28  ? 10.473  -12.948 -11.546 1.00 42.10 ? 28  ARG A CD  1 
ATOM   201  N NE  . ARG A 1 28  ? 9.817   -14.049 -12.257 1.00 45.68 ? 28  ARG A NE  1 
ATOM   202  C CZ  . ARG A 1 28  ? 10.471  -14.972 -12.957 1.00 50.30 ? 28  ARG A CZ  1 
ATOM   203  N NH1 . ARG A 1 28  ? 9.810   -15.952 -13.588 1.00 49.93 ? 28  ARG A NH1 1 
ATOM   204  N NH2 . ARG A 1 28  ? 11.797  -14.903 -13.028 1.00 52.35 ? 28  ARG A NH2 1 
ATOM   205  N N   . ASN A 1 29  ? 9.827   -7.144  -11.497 1.00 18.00 ? 29  ASN A N   1 
ATOM   206  C CA  . ASN A 1 29  ? 10.303  -5.764  -11.363 1.00 16.79 ? 29  ASN A CA  1 
ATOM   207  C C   . ASN A 1 29  ? 9.225   -4.827  -10.770 1.00 15.29 ? 29  ASN A C   1 
ATOM   208  O O   . ASN A 1 29  ? 9.553   -3.844  -10.096 1.00 15.14 ? 29  ASN A O   1 
ATOM   209  C CB  . ASN A 1 29  ? 10.816  -5.259  -12.713 1.00 19.07 ? 29  ASN A CB  1 
ATOM   210  C CG  . ASN A 1 29  ? 12.164  -5.908  -13.096 1.00 22.22 ? 29  ASN A CG  1 
ATOM   211  O OD1 . ASN A 1 29  ? 12.917  -6.349  -12.238 1.00 18.98 ? 29  ASN A OD1 1 
ATOM   212  N ND2 . ASN A 1 29  ? 12.468  -5.911  -14.383 1.00 26.06 ? 29  ASN A ND2 1 
ATOM   213  N N   . GLU A 1 30  ? 7.964   -5.184  -10.975 1.00 15.40 ? 30  GLU A N   1 
ATOM   214  C CA  . GLU A 1 30  ? 6.873   -4.414  -10.364 1.00 14.51 ? 30  GLU A CA  1 
ATOM   215  C C   . GLU A 1 30  ? 6.896   -4.642  -8.837  1.00 15.05 ? 30  GLU A C   1 
ATOM   216  O O   . GLU A 1 30  ? 6.768   -3.721  -8.063  1.00 14.13 ? 30  GLU A O   1 
ATOM   217  C CB  . GLU A 1 30  ? 5.536   -4.733  -11.007 1.00 15.36 ? 30  GLU A CB  1 
ATOM   218  C CG  . GLU A 1 30  ? 4.498   -3.557  -10.838 1.00 13.98 ? 30  GLU A CG  1 
ATOM   219  C CD  . GLU A 1 30  ? 3.962   -3.346  -9.382  1.00 17.18 ? 30  GLU A CD  1 
ATOM   220  O OE1 . GLU A 1 30  ? 3.861   -2.145  -8.949  1.00 16.10 ? 30  GLU A OE1 1 
ATOM   221  O OE2 . GLU A 1 30  ? 3.646   -4.347  -8.690  1.00 12.68 ? 30  GLU A OE2 1 
ATOM   222  N N   . PHE A 1 31  ? 7.142   -5.879  -8.430  1.00 14.11 ? 31  PHE A N   1 
ATOM   223  C CA  . PHE A 1 31  ? 7.336   -6.196  -7.034  1.00 15.23 ? 31  PHE A CA  1 
ATOM   224  C C   . PHE A 1 31  ? 8.566   -5.552  -6.427  1.00 14.59 ? 31  PHE A C   1 
ATOM   225  O O   . PHE A 1 31  ? 8.534   -5.158  -5.252  1.00 15.04 ? 31  PHE A O   1 
ATOM   226  C CB  . PHE A 1 31  ? 7.437   -7.708  -6.848  1.00 16.06 ? 31  PHE A CB  1 
ATOM   227  C CG  . PHE A 1 31  ? 6.125   -8.405  -6.892  1.00 17.87 ? 31  PHE A CG  1 
ATOM   228  C CD1 . PHE A 1 31  ? 4.940   -7.695  -6.674  1.00 25.50 ? 31  PHE A CD1 1 
ATOM   229  C CD2 . PHE A 1 31  ? 6.069   -9.784  -7.095  1.00 21.78 ? 31  PHE A CD2 1 
ATOM   230  C CE1 . PHE A 1 31  ? 3.707   -8.343  -6.654  1.00 25.69 ? 31  PHE A CE1 1 
ATOM   231  C CE2 . PHE A 1 31  ? 4.853   -10.468 -7.122  1.00 25.65 ? 31  PHE A CE2 1 
ATOM   232  C CZ  . PHE A 1 31  ? 3.648   -9.741  -6.887  1.00 27.88 ? 31  PHE A CZ  1 
ATOM   233  N N   . ARG A 1 32  ? 9.668   -5.489  -7.190  1.00 14.96 ? 32  ARG A N   1 
ATOM   234  C CA  . ARG A 1 32  ? 10.878  -4.821  -6.730  1.00 16.43 ? 32  ARG A CA  1 
ATOM   235  C C   . ARG A 1 32  ? 10.584  -3.361  -6.425  1.00 15.17 ? 32  ARG A C   1 
ATOM   236  O O   . ARG A 1 32  ? 11.097  -2.768  -5.468  1.00 13.56 ? 32  ARG A O   1 
ATOM   237  C CB  . ARG A 1 32  ? 12.015  -4.951  -7.759  1.00 16.71 ? 32  ARG A CB  1 
ATOM   238  C CG  . ARG A 1 32  ? 12.560  -6.397  -7.679  1.00 22.88 ? 32  ARG A CG  1 
ATOM   239  C CD  . ARG A 1 32  ? 13.714  -6.818  -8.632  1.00 30.23 ? 32  ARG A CD  1 
ATOM   240  N NE  . ARG A 1 32  ? 14.117  -8.156  -8.152  1.00 35.87 ? 32  ARG A NE  1 
ATOM   241  C CZ  . ARG A 1 32  ? 15.091  -8.921  -8.641  1.00 42.25 ? 32  ARG A CZ  1 
ATOM   242  N NH1 . ARG A 1 32  ? 15.353  -10.090 -8.066  1.00 44.06 ? 32  ARG A NH1 1 
ATOM   243  N NH2 . ARG A 1 32  ? 15.791  -8.550  -9.698  1.00 41.30 ? 32  ARG A NH2 1 
ATOM   244  N N   . TYR A 1 33  ? 9.768   -2.780  -7.292  1.00 14.76 ? 33  TYR A N   1 
ATOM   245  C CA  . TYR A 1 33  ? 9.373   -1.393  -7.136  1.00 14.36 ? 33  TYR A CA  1 
ATOM   246  C C   . TYR A 1 33  ? 8.576   -1.236  -5.827  1.00 13.61 ? 33  TYR A C   1 
ATOM   247  O O   . TYR A 1 33  ? 8.872   -0.295  -5.045  1.00 12.00 ? 33  TYR A O   1 
ATOM   248  C CB  . TYR A 1 33  ? 8.544   -0.926  -8.345  1.00 13.39 ? 33  TYR A CB  1 
ATOM   249  C CG  . TYR A 1 33  ? 7.863   0.450   -8.126  1.00 13.76 ? 33  TYR A CG  1 
ATOM   250  C CD1 . TYR A 1 33  ? 6.482   0.550   -7.809  1.00 12.85 ? 33  TYR A CD1 1 
ATOM   251  C CD2 . TYR A 1 33  ? 8.595   1.632   -8.254  1.00 12.78 ? 33  TYR A CD2 1 
ATOM   252  C CE1 . TYR A 1 33  ? 5.871   1.800   -7.632  1.00 11.86 ? 33  TYR A CE1 1 
ATOM   253  C CE2 . TYR A 1 33  ? 7.991   2.885   -8.077  1.00 11.92 ? 33  TYR A CE2 1 
ATOM   254  C CZ  . TYR A 1 33  ? 6.649   2.953   -7.767  1.00 12.42 ? 33  TYR A CZ  1 
ATOM   255  O OH  . TYR A 1 33  ? 6.077   4.216   -7.586  1.00 14.90 ? 33  TYR A OH  1 
ATOM   256  N N   . PHE A 1 34  ? 7.597   -2.123  -5.599  1.00 12.61 ? 34  PHE A N   1 
ATOM   257  C CA  . PHE A 1 34  ? 6.851   -2.088  -4.319  1.00 13.50 ? 34  PHE A CA  1 
ATOM   258  C C   . PHE A 1 34  ? 7.798   -2.145  -3.065  1.00 14.16 ? 34  PHE A C   1 
ATOM   259  O O   . PHE A 1 34  ? 7.608   -1.404  -2.083  1.00 11.43 ? 34  PHE A O   1 
ATOM   260  C CB  . PHE A 1 34  ? 5.804   -3.241  -4.243  1.00 14.02 ? 34  PHE A CB  1 
ATOM   261  C CG  . PHE A 1 34  ? 5.211   -3.417  -2.849  1.00 14.59 ? 34  PHE A CG  1 
ATOM   262  C CD1 . PHE A 1 34  ? 4.005   -2.743  -2.485  1.00 11.48 ? 34  PHE A CD1 1 
ATOM   263  C CD2 . PHE A 1 34  ? 5.888   -4.223  -1.883  1.00 11.22 ? 34  PHE A CD2 1 
ATOM   264  C CE1 . PHE A 1 34  ? 3.469   -2.910  -1.185  1.00 11.86 ? 34  PHE A CE1 1 
ATOM   265  C CE2 . PHE A 1 34  ? 5.368   -4.377  -0.595  1.00 13.57 ? 34  PHE A CE2 1 
ATOM   266  C CZ  . PHE A 1 34  ? 4.186   -3.736  -0.232  1.00 10.97 ? 34  PHE A CZ  1 
ATOM   267  N N   . SER A 1 35  ? 8.783   -3.042  -3.098  1.00 13.78 ? 35  SER A N   1 
ATOM   268  C CA  . SER A 1 35  ? 9.677   -3.310  -1.963  1.00 14.52 ? 35  SER A CA  1 
ATOM   269  C C   . SER A 1 35  ? 10.607  -2.109  -1.730  1.00 14.87 ? 35  SER A C   1 
ATOM   270  O O   . SER A 1 35  ? 10.779  -1.654  -0.613  1.00 14.84 ? 35  SER A O   1 
ATOM   271  C CB  . SER A 1 35  ? 10.519  -4.590  -2.229  1.00 14.27 ? 35  SER A CB  1 
ATOM   272  O OG  . SER A 1 35  ? 9.666   -5.712  -2.476  1.00 20.19 ? 35  SER A OG  1 
ATOM   273  N N   . ARG A 1 36  ? 11.180  -1.578  -2.804  1.00 15.93 ? 36  ARG A N   1 
ATOM   274  C CA  . ARG A 1 36  ? 11.953  -0.356  -2.747  1.00 16.18 ? 36  ARG A CA  1 
ATOM   275  C C   . ARG A 1 36  ? 11.220  0.845   -2.136  1.00 15.15 ? 36  ARG A C   1 
ATOM   276  O O   . ARG A 1 36  ? 11.776  1.485   -1.193  1.00 14.52 ? 36  ARG A O   1 
ATOM   277  C CB  . ARG A 1 36  ? 12.465  -0.033  -4.165  1.00 19.06 ? 36  ARG A CB  1 
ATOM   278  C CG  . ARG A 1 36  ? 13.471  1.061   -4.262  1.00 19.99 ? 36  ARG A CG  1 
ATOM   279  C CD  . ARG A 1 36  ? 14.158  1.059   -5.712  1.00 23.76 ? 36  ARG A CD  1 
ATOM   280  N NE  . ARG A 1 36  ? 13.290  1.276   -6.906  1.00 22.48 ? 36  ARG A NE  1 
ATOM   281  C CZ  . ARG A 1 36  ? 12.731  2.458   -7.255  1.00 25.09 ? 36  ARG A CZ  1 
ATOM   282  N NH1 . ARG A 1 36  ? 12.851  3.551   -6.481  1.00 17.59 ? 36  ARG A NH1 1 
ATOM   283  N NH2 . ARG A 1 36  ? 12.027  2.568   -8.392  1.00 25.46 ? 36  ARG A NH2 1 
ATOM   284  N N   . MET A 1 37  ? 9.997   1.149   -2.645  1.00 12.92 ? 37  MET A N   1 
ATOM   285  C CA  . MET A 1 37  ? 9.245   2.351   -2.222  1.00 13.46 ? 37  MET A CA  1 
ATOM   286  C C   . MET A 1 37  ? 8.834   2.218   -0.764  1.00 12.41 ? 37  MET A C   1 
ATOM   287  O O   . MET A 1 37  ? 9.047   3.116   0.027   1.00 11.43 ? 37  MET A O   1 
ATOM   288  C CB  . MET A 1 37  ? 7.992   2.595   -3.090  1.00 12.75 ? 37  MET A CB  1 
ATOM   289  C CG  . MET A 1 37  ? 8.344   2.846   -4.546  1.00 15.32 ? 37  MET A CG  1 
ATOM   290  S SD  . MET A 1 37  ? 9.369   4.333   -4.797  1.00 22.48 ? 37  MET A SD  1 
ATOM   291  C CE  . MET A 1 37  ? 8.261   5.509   -4.033  1.00 18.45 ? 37  MET A CE  1 
ATOM   292  N N   . THR A 1 38  ? 8.294   1.059   -0.412  1.00 12.98 ? 38  THR A N   1 
ATOM   293  C CA  . THR A 1 38  ? 7.905   0.822   0.969   1.00 11.97 ? 38  THR A CA  1 
ATOM   294  C C   . THR A 1 38  ? 9.017   0.696   1.988   1.00 13.27 ? 38  THR A C   1 
ATOM   295  O O   . THR A 1 38  ? 8.789   1.068   3.142   1.00 13.20 ? 38  THR A O   1 
ATOM   296  C CB  . THR A 1 38  ? 6.881   -0.330  1.135   1.00 13.63 ? 38  THR A CB  1 
ATOM   297  O OG1 . THR A 1 38  ? 7.476   -1.579  0.718   1.00 10.71 ? 38  THR A OG1 1 
ATOM   298  C CG2 . THR A 1 38  ? 5.649   -0.019  0.294   1.00 13.74 ? 38  THR A CG2 1 
ATOM   299  N N   . THR A 1 39  ? 10.192  0.198   1.590   1.00 13.27 ? 39  THR A N   1 
ATOM   300  C CA  . THR A 1 39  ? 11.303  -0.055  2.543   1.00 16.04 ? 39  THR A CA  1 
ATOM   301  C C   . THR A 1 39  ? 12.141  1.212   2.777   1.00 16.97 ? 39  THR A C   1 
ATOM   302  O O   . THR A 1 39  ? 12.610  1.422   3.888   1.00 17.54 ? 39  THR A O   1 
ATOM   303  C CB  . THR A 1 39  ? 12.229  -1.195  2.092   1.00 15.36 ? 39  THR A CB  1 
ATOM   304  O OG1 . THR A 1 39  ? 11.439  -2.345  1.841   1.00 13.56 ? 39  THR A OG1 1 
ATOM   305  C CG2 . THR A 1 39  ? 13.257  -1.622  3.213   1.00 17.42 ? 39  THR A CG2 1 
ATOM   306  N N   . THR A 1 40  ? 12.306  2.032   1.731   1.00 18.17 ? 40  THR A N   1 
ATOM   307  C CA  . THR A 1 40  ? 13.216  3.208   1.785   1.00 19.74 ? 40  THR A CA  1 
ATOM   308  C C   . THR A 1 40  ? 12.696  4.342   2.673   1.00 20.33 ? 40  THR A C   1 
ATOM   309  O O   . THR A 1 40  ? 11.650  4.975   2.430   1.00 16.76 ? 40  THR A O   1 
ATOM   310  C CB  . THR A 1 40  ? 13.622  3.667   0.372   1.00 20.02 ? 40  THR A CB  1 
ATOM   311  O OG1 . THR A 1 40  ? 14.012  2.507   -0.358  1.00 20.74 ? 40  THR A OG1 1 
ATOM   312  C CG2 . THR A 1 40  ? 14.811  4.653   0.425   1.00 23.34 ? 40  THR A CG2 1 
ATOM   313  N N   . SER A 1 41  ? 13.440  4.536   3.737   1.00 23.05 ? 41  SER A N   1 
ATOM   314  C CA  . SER A 1 41  ? 13.171  5.543   4.733   1.00 27.69 ? 41  SER A CA  1 
ATOM   315  C C   . SER A 1 41  ? 14.166  6.637   4.577   1.00 30.83 ? 41  SER A C   1 
ATOM   316  O O   . SER A 1 41  ? 15.330  6.408   4.501   1.00 31.34 ? 41  SER A O   1 
ATOM   317  C CB  . SER A 1 41  ? 13.316  5.015   6.129   1.00 27.04 ? 41  SER A CB  1 
ATOM   318  O OG  . SER A 1 41  ? 13.125  6.031   7.040   1.00 29.39 ? 41  SER A OG  1 
ATOM   319  N N   . SER A 1 42  ? 13.650  7.834   4.538   1.00 34.20 ? 42  SER A N   1 
ATOM   320  C CA  . SER A 1 42  ? 14.450  9.035   4.574   1.00 37.14 ? 42  SER A CA  1 
ATOM   321  C C   . SER A 1 42  ? 15.275  9.130   5.830   1.00 37.83 ? 42  SER A C   1 
ATOM   322  O O   . SER A 1 42  ? 16.489  9.097   5.780   1.00 39.29 ? 42  SER A O   1 
ATOM   323  C CB  . SER A 1 42  ? 13.525  10.243  4.489   1.00 38.18 ? 42  SER A CB  1 
ATOM   324  O OG  . SER A 1 42  ? 12.187  9.859   4.559   1.00 36.52 ? 42  SER A OG  1 
ATOM   325  N N   . VAL A 1 43  ? 14.582  9.191   6.954   1.00 37.39 ? 43  VAL A N   1 
ATOM   326  C CA  . VAL A 1 43  ? 15.109  9.453   8.275   1.00 35.90 ? 43  VAL A CA  1 
ATOM   327  C C   . VAL A 1 43  ? 15.906  8.337   8.932   1.00 35.52 ? 43  VAL A C   1 
ATOM   328  O O   . VAL A 1 43  ? 15.379  7.307   9.250   1.00 34.44 ? 43  VAL A O   1 
ATOM   329  C CB  . VAL A 1 43  ? 13.947  9.851   9.159   1.00 35.72 ? 43  VAL A CB  1 
ATOM   330  C CG1 . VAL A 1 43  ? 14.378  10.379  10.486  1.00 35.36 ? 43  VAL A CG1 1 
ATOM   331  C CG2 . VAL A 1 43  ? 13.121  10.816  8.465   1.00 37.06 ? 43  VAL A CG2 1 
ATOM   332  N N   . GLU A 1 44  ? 17.184  8.570   9.169   1.00 34.94 ? 44  GLU A N   1 
ATOM   333  C CA  . GLU A 1 44  ? 18.043  7.497   9.722   1.00 34.52 ? 44  GLU A CA  1 
ATOM   334  C C   . GLU A 1 44  ? 17.569  7.099   11.133  1.00 32.57 ? 44  GLU A C   1 
ATOM   335  O O   . GLU A 1 44  ? 17.027  7.943   11.889  1.00 32.25 ? 44  GLU A O   1 
ATOM   336  C CB  . GLU A 1 44  ? 19.534  7.898   9.724   1.00 36.01 ? 44  GLU A CB  1 
ATOM   337  C CG  . GLU A 1 44  ? 20.574  6.754   9.425   1.00 40.52 ? 44  GLU A CG  1 
ATOM   338  C CD  . GLU A 1 44  ? 20.067  5.312   9.671   1.00 45.06 ? 44  GLU A CD  1 
ATOM   339  O OE1 . GLU A 1 44  ? 19.548  4.652   8.730   1.00 46.95 ? 44  GLU A OE1 1 
ATOM   340  O OE2 . GLU A 1 44  ? 20.215  4.816   10.812  1.00 49.41 ? 44  GLU A OE2 1 
ATOM   341  N N   . GLY A 1 45  ? 17.724  5.809   11.466  1.00 29.91 ? 45  GLY A N   1 
ATOM   342  C CA  . GLY A 1 45  ? 17.282  5.265   12.754  1.00 27.35 ? 45  GLY A CA  1 
ATOM   343  C C   . GLY A 1 45  ? 15.762  4.996   12.842  1.00 25.62 ? 45  GLY A C   1 
ATOM   344  O O   . GLY A 1 45  ? 15.220  4.772   13.940  1.00 23.57 ? 45  GLY A O   1 
ATOM   345  N N   . LYS A 1 46  ? 15.057  5.077   11.707  1.00 22.76 ? 46  LYS A N   1 
ATOM   346  C CA  . LYS A 1 46  ? 13.602  4.815   11.724  1.00 20.27 ? 46  LYS A CA  1 
ATOM   347  C C   . LYS A 1 46  ? 13.317  3.777   10.654  1.00 19.51 ? 46  LYS A C   1 
ATOM   348  O O   . LYS A 1 46  ? 14.152  3.533   9.803   1.00 17.38 ? 46  LYS A O   1 
ATOM   349  C CB  . LYS A 1 46  ? 12.802  6.089   11.435  1.00 20.49 ? 46  LYS A CB  1 
ATOM   350  C CG  . LYS A 1 46  ? 12.886  7.211   12.459  1.00 19.42 ? 46  LYS A CG  1 
ATOM   351  C CD  . LYS A 1 46  ? 11.871  8.296   12.126  1.00 22.53 ? 46  LYS A CD  1 
ATOM   352  C CE  . LYS A 1 46  ? 11.292  8.922   13.369  1.00 26.71 ? 46  LYS A CE  1 
ATOM   353  N NZ  . LYS A 1 46  ? 10.829  10.312  13.166  1.00 26.64 ? 46  LYS A NZ  1 
ATOM   354  N N   . GLN A 1 47  ? 12.158  3.116   10.721  1.00 16.99 ? 47  GLN A N   1 
ATOM   355  C CA  . GLN A 1 47  ? 11.696  2.312   9.578   1.00 15.68 ? 47  GLN A CA  1 
ATOM   356  C C   . GLN A 1 47  ? 10.337  2.871   9.145   1.00 13.40 ? 47  GLN A C   1 
ATOM   357  O O   . GLN A 1 47  ? 9.646   3.518   9.930   1.00 12.58 ? 47  GLN A O   1 
ATOM   358  C CB  . GLN A 1 47  ? 11.521  0.839   9.996   1.00 14.83 ? 47  GLN A CB  1 
ATOM   359  C CG  . GLN A 1 47  ? 12.847  0.154   10.260  1.00 18.29 ? 47  GLN A CG  1 
ATOM   360  C CD  . GLN A 1 47  ? 12.732  -1.395  10.450  1.00 19.43 ? 47  GLN A CD  1 
ATOM   361  O OE1 . GLN A 1 47  ? 11.631  -1.948  10.657  1.00 12.86 ? 47  GLN A OE1 1 
ATOM   362  N NE2 . GLN A 1 47  ? 13.908  -2.089  10.389  1.00 18.46 ? 47  GLN A NE2 1 
ATOM   363  N N   . ASN A 1 48  ? 9.949   2.570   7.910   1.00 12.85 ? 48  ASN A N   1 
ATOM   364  C CA  . ASN A 1 48  ? 8.582   2.800   7.462   1.00 10.88 ? 48  ASN A CA  1 
ATOM   365  C C   . ASN A 1 48  ? 7.642   1.781   8.077   1.00 12.05 ? 48  ASN A C   1 
ATOM   366  O O   . ASN A 1 48  ? 8.065   0.614   8.420   1.00 10.99 ? 48  ASN A O   1 
ATOM   367  C CB  . ASN A 1 48  ? 8.544   2.714   5.936   1.00 10.99 ? 48  ASN A CB  1 
ATOM   368  C CG  . ASN A 1 48  ? 9.320   3.845   5.263   1.00 10.81 ? 48  ASN A CG  1 
ATOM   369  O OD1 . ASN A 1 48  ? 9.660   4.847   5.853   1.00 11.83 ? 48  ASN A OD1 1 
ATOM   370  N ND2 . ASN A 1 48  ? 9.565   3.665   3.990   1.00 14.05 ? 48  ASN A ND2 1 
ATOM   371  N N   . LEU A 1 49  ? 6.408   2.235   8.308   1.00 10.38 ? 49  LEU A N   1 
ATOM   372  C CA  . LEU A 1 49  ? 5.342   1.353   8.788   1.00 10.51 ? 49  LEU A CA  1 
ATOM   373  C C   . LEU A 1 49  ? 4.437   0.925   7.641   1.00 10.29 ? 49  LEU A C   1 
ATOM   374  O O   . LEU A 1 49  ? 4.017   1.779   6.823   1.00 10.95 ? 49  LEU A O   1 
ATOM   375  C CB  . LEU A 1 49  ? 4.466   2.127   9.833   1.00 9.45  ? 49  LEU A CB  1 
ATOM   376  C CG  . LEU A 1 49  ? 3.198   1.430   10.381  1.00 11.05 ? 49  LEU A CG  1 
ATOM   377  C CD1 . LEU A 1 49  ? 3.548   0.373   11.376  1.00 11.83 ? 49  LEU A CD1 1 
ATOM   378  C CD2 . LEU A 1 49  ? 2.302   2.415   11.113  1.00 14.93 ? 49  LEU A CD2 1 
ATOM   379  N N   . VAL A 1 50  ? 4.145   -0.375  7.531   1.00 10.43 ? 50  VAL A N   1 
ATOM   380  C CA  . VAL A 1 50  ? 3.113   -0.817  6.579   1.00 11.40 ? 50  VAL A CA  1 
ATOM   381  C C   . VAL A 1 50  ? 1.848   -1.241  7.326   1.00 11.07 ? 50  VAL A C   1 
ATOM   382  O O   . VAL A 1 50  ? 1.937   -1.955  8.348   1.00 10.93 ? 50  VAL A O   1 
ATOM   383  C CB  . VAL A 1 50  ? 3.579   -1.992  5.678   1.00 10.74 ? 50  VAL A CB  1 
ATOM   384  C CG1 . VAL A 1 50  ? 4.638   -1.531  4.709   1.00 13.82 ? 50  VAL A CG1 1 
ATOM   385  C CG2 . VAL A 1 50  ? 4.190   -3.131  6.514   1.00 13.38 ? 50  VAL A CG2 1 
ATOM   386  N N   . ILE A 1 51  ? 0.700   -0.793  6.804   1.00 9.19  ? 51  ILE A N   1 
ATOM   387  C CA  . ILE A 1 51  ? -0.580  -1.047  7.417   1.00 10.09 ? 51  ILE A CA  1 
ATOM   388  C C   . ILE A 1 51  ? -1.425  -1.797  6.376   1.00 10.21 ? 51  ILE A C   1 
ATOM   389  O O   . ILE A 1 51  ? -1.540  -1.382  5.222   1.00 9.37  ? 51  ILE A O   1 
ATOM   390  C CB  . ILE A 1 51  ? -1.343  0.270   7.840   1.00 11.32 ? 51  ILE A CB  1 
ATOM   391  C CG1 . ILE A 1 51  ? -0.527  1.146   8.803   1.00 8.50  ? 51  ILE A CG1 1 
ATOM   392  C CG2 . ILE A 1 51  ? -2.726  -0.063  8.400   1.00 12.28 ? 51  ILE A CG2 1 
ATOM   393  C CD1 . ILE A 1 51  ? -1.235  2.452   9.220   1.00 9.63  ? 51  ILE A CD1 1 
ATOM   394  N N   . MET A 1 52  ? -2.023  -2.891  6.805   1.00 9.45  ? 52  MET A N   1 
ATOM   395  C CA  . MET A 1 52  ? -2.841  -3.695  5.908   1.00 9.21  ? 52  MET A CA  1 
ATOM   396  C C   . MET A 1 52  ? -3.964  -4.353  6.693   1.00 9.02  ? 52  MET A C   1 
ATOM   397  O O   . MET A 1 52  ? -3.841  -4.615  7.942   1.00 8.85  ? 52  MET A O   1 
ATOM   398  C CB  . MET A 1 52  ? -2.016  -4.781  5.240   1.00 7.43  ? 52  MET A CB  1 
ATOM   399  C CG  . MET A 1 52  ? -1.510  -5.880  6.261   1.00 10.90 ? 52  MET A CG  1 
ATOM   400  S SD  . MET A 1 52  ? -0.165  -6.775  5.465   1.00 12.29 ? 52  MET A SD  1 
ATOM   401  C CE  . MET A 1 52  ? 1.334   -5.762  5.940   1.00 11.85 ? 52  MET A CE  1 
ATOM   402  N N   . GLY A 1 53  ? -5.068  -4.592  6.006   1.00 9.53  ? 53  GLY A N   1 
ATOM   403  C CA  . GLY A 1 53  ? -6.112  -5.486  6.592   1.00 9.74  ? 53  GLY A CA  1 
ATOM   404  C C   . GLY A 1 53  ? -5.650  -6.958  6.719   1.00 11.35 ? 53  GLY A C   1 
ATOM   405  O O   . GLY A 1 53  ? -4.593  -7.382  6.196   1.00 10.58 ? 53  GLY A O   1 
ATOM   406  N N   . LYS A 1 54  ? -6.451  -7.731  7.451   1.00 9.81  ? 54  LYS A N   1 
ATOM   407  C CA  . LYS A 1 54  ? -6.166  -9.115  7.796   1.00 11.00 ? 54  LYS A CA  1 
ATOM   408  C C   . LYS A 1 54  ? -6.061  -9.999  6.565   1.00 10.71 ? 54  LYS A C   1 
ATOM   409  O O   . LYS A 1 54  ? -5.177  -10.859 6.500   1.00 9.52  ? 54  LYS A O   1 
ATOM   410  C CB  . LYS A 1 54  ? -7.375  -9.629  8.621   1.00 12.48 ? 54  LYS A CB  1 
ATOM   411  C CG  . LYS A 1 54  ? -7.238  -11.099 9.135   1.00 13.49 ? 54  LYS A CG  1 
ATOM   412  C CD  . LYS A 1 54  ? -8.419  -11.485 10.083  1.00 11.06 ? 54  LYS A CD  1 
ATOM   413  C CE  . LYS A 1 54  ? -9.721  -11.644 9.273   1.00 12.61 ? 54  LYS A CE  1 
ATOM   414  N NZ  . LYS A 1 54  ? -10.893 -11.812 10.102  1.00 16.06 ? 54  LYS A NZ  1 
ATOM   415  N N   . LYS A 1 55  ? -6.998  -9.799  5.608   1.00 10.60 ? 55  LYS A N   1 
ATOM   416  C CA  . LYS A 1 55  ? -6.993  -10.604 4.354   1.00 10.65 ? 55  LYS A CA  1 
ATOM   417  C C   . LYS A 1 55  ? -5.771  -10.340 3.531   1.00 9.61  ? 55  LYS A C   1 
ATOM   418  O O   . LYS A 1 55  ? -5.228  -11.255 2.973   1.00 8.03  ? 55  LYS A O   1 
ATOM   419  C CB  . LYS A 1 55  ? -8.224  -10.399 3.501   1.00 11.16 ? 55  LYS A CB  1 
ATOM   420  C CG  . LYS A 1 55  ? -9.523  -10.990 4.180   1.00 14.31 ? 55  LYS A CG  1 
ATOM   421  C CD  . LYS A 1 55  ? -10.790 -10.712 3.327   1.00 22.75 ? 55  LYS A CD  1 
ATOM   422  C CE  . LYS A 1 55  ? -10.560 -11.040 1.784   1.00 27.50 ? 55  LYS A CE  1 
ATOM   423  N NZ  . LYS A 1 55  ? -11.582 -10.473 0.720   1.00 31.62 ? 55  LYS A NZ  1 
ATOM   424  N N   . THR A 1 56  ? -5.308  -9.089  3.535   1.00 9.06  ? 56  THR A N   1 
ATOM   425  C CA  . THR A 1 56  ? -4.099  -8.727  2.833   1.00 9.04  ? 56  THR A CA  1 
ATOM   426  C C   . THR A 1 56  ? -2.898  -9.361  3.466   1.00 8.32  ? 56  THR A C   1 
ATOM   427  O O   . THR A 1 56  ? -2.024  -9.968  2.791   1.00 8.75  ? 56  THR A O   1 
ATOM   428  C CB  . THR A 1 56  ? -3.947  -7.192  2.776   1.00 10.30 ? 56  THR A CB  1 
ATOM   429  O OG1 . THR A 1 56  ? -5.044  -6.635  1.990   1.00 11.11 ? 56  THR A OG1 1 
ATOM   430  C CG2 . THR A 1 56  ? -2.589  -6.890  2.096   1.00 9.63  ? 56  THR A CG2 1 
ATOM   431  N N   . TRP A 1 57  ? -2.821  -9.241  4.777   1.00 7.21  ? 57  TRP A N   1 
ATOM   432  C CA  . TRP A 1 57  ? -1.758  -9.979  5.492   1.00 8.50  ? 57  TRP A CA  1 
ATOM   433  C C   . TRP A 1 57  ? -1.713  -11.490 5.132   1.00 8.89  ? 57  TRP A C   1 
ATOM   434  O O   . TRP A 1 57  ? -0.684  -11.994 4.682   1.00 9.30  ? 57  TRP A O   1 
ATOM   435  C CB  . TRP A 1 57  ? -1.888  -9.785  7.022   1.00 8.81  ? 57  TRP A CB  1 
ATOM   436  C CG  . TRP A 1 57  ? -0.968  -10.721 7.841   1.00 9.80  ? 57  TRP A CG  1 
ATOM   437  C CD1 . TRP A 1 57  ? -1.250  -11.963 8.334   1.00 13.67 ? 57  TRP A CD1 1 
ATOM   438  C CD2 . TRP A 1 57  ? 0.393   -10.454 8.147   1.00 10.66 ? 57  TRP A CD2 1 
ATOM   439  N NE1 . TRP A 1 57  ? -0.128  -12.499 8.986   1.00 12.79 ? 57  TRP A NE1 1 
ATOM   440  C CE2 . TRP A 1 57  ? 0.892   -11.574 8.887   1.00 12.52 ? 57  TRP A CE2 1 
ATOM   441  C CE3 . TRP A 1 57  ? 1.238   -9.340  7.913   1.00 9.44  ? 57  TRP A CE3 1 
ATOM   442  C CZ2 . TRP A 1 57  ? 2.220   -11.650 9.335   1.00 9.84  ? 57  TRP A CZ2 1 
ATOM   443  C CZ3 . TRP A 1 57  ? 2.559   -9.385  8.412   1.00 10.61 ? 57  TRP A CZ3 1 
ATOM   444  C CH2 . TRP A 1 57  ? 3.027   -10.544 9.138   1.00 8.05  ? 57  TRP A CH2 1 
ATOM   445  N N   . PHE A 1 58  ? -2.828  -12.193 5.310   1.00 9.15  ? 58  PHE A N   1 
ATOM   446  C CA  . PHE A 1 58  ? -2.887  -13.648 4.960   1.00 10.36 ? 58  PHE A CA  1 
ATOM   447  C C   . PHE A 1 58  ? -2.754  -14.020 3.451   1.00 11.15 ? 58  PHE A C   1 
ATOM   448  O O   . PHE A 1 58  ? -2.504  -15.197 3.072   1.00 11.78 ? 58  PHE A O   1 
ATOM   449  C CB  . PHE A 1 58  ? -4.117  -14.244 5.644   1.00 11.30 ? 58  PHE A CB  1 
ATOM   450  C CG  . PHE A 1 58  ? -3.938  -14.327 7.112   1.00 8.71  ? 58  PHE A CG  1 
ATOM   451  C CD1 . PHE A 1 58  ? -4.621  -13.484 7.972   1.00 8.64  ? 58  PHE A CD1 1 
ATOM   452  C CD2 . PHE A 1 58  ? -3.063  -15.275 7.639   1.00 10.88 ? 58  PHE A CD2 1 
ATOM   453  C CE1 . PHE A 1 58  ? -4.435  -13.544 9.388   1.00 13.09 ? 58  PHE A CE1 1 
ATOM   454  C CE2 . PHE A 1 58  ? -2.857  -15.334 9.053   1.00 10.47 ? 58  PHE A CE2 1 
ATOM   455  C CZ  . PHE A 1 58  ? -3.561  -14.468 9.904   1.00 12.35 ? 58  PHE A CZ  1 
ATOM   456  N N   . SER A 1 59  ? -2.844  -13.008 2.591   1.00 11.67 ? 59  SER A N   1 
ATOM   457  C CA  . SER A 1 59  ? -2.587  -13.194 1.131   1.00 12.49 ? 59  SER A CA  1 
ATOM   458  C C   . SER A 1 59  ? -1.067  -13.212 0.816   1.00 12.52 ? 59  SER A C   1 
ATOM   459  O O   . SER A 1 59  ? -0.644  -13.612 -0.294  1.00 11.66 ? 59  SER A O   1 
ATOM   460  C CB  . SER A 1 59  ? -3.281  -12.105 0.300   1.00 13.00 ? 59  SER A CB  1 
ATOM   461  O OG  . SER A 1 59  ? -2.548  -10.871 0.355   1.00 13.96 ? 59  SER A OG  1 
ATOM   462  N N   . ILE A 1 60  ? -0.220  -12.840 1.786   1.00 12.28 ? 60  ILE A N   1 
ATOM   463  C CA  . ILE A 1 60  ? 1.213   -12.784 1.457   1.00 12.39 ? 60  ILE A CA  1 
ATOM   464  C C   . ILE A 1 60  ? 1.747   -14.190 1.671   1.00 13.72 ? 60  ILE A C   1 
ATOM   465  O O   . ILE A 1 60  ? 1.426   -14.800 2.689   1.00 13.51 ? 60  ILE A O   1 
ATOM   466  C CB  . ILE A 1 60  ? 1.978   -11.809 2.392   1.00 13.11 ? 60  ILE A CB  1 
ATOM   467  C CG1 . ILE A 1 60  ? 1.376   -10.412 2.319   1.00 11.47 ? 60  ILE A CG1 1 
ATOM   468  C CG2 . ILE A 1 60  ? 3.451   -11.756 1.989   1.00 12.92 ? 60  ILE A CG2 1 
ATOM   469  C CD1 . ILE A 1 60  ? 1.788   -9.540  3.459   1.00 15.86 ? 60  ILE A CD1 1 
ATOM   470  N N   . PRO A 1 61  ? 2.582   -14.688 0.741   1.00 15.33 ? 61  PRO A N   1 
ATOM   471  C CA  . PRO A 1 61  ? 3.131   -16.025 1.026   1.00 16.17 ? 61  PRO A CA  1 
ATOM   472  C C   . PRO A 1 61  ? 3.895   -15.990 2.323   1.00 17.04 ? 61  PRO A C   1 
ATOM   473  O O   . PRO A 1 61  ? 4.427   -14.961 2.676   1.00 14.90 ? 61  PRO A O   1 
ATOM   474  C CB  . PRO A 1 61  ? 4.087   -16.273 -0.148  1.00 16.50 ? 61  PRO A CB  1 
ATOM   475  C CG  . PRO A 1 61  ? 3.459   -15.494 -1.312  1.00 15.91 ? 61  PRO A CG  1 
ATOM   476  C CD  . PRO A 1 61  ? 2.940   -14.202 -0.617  1.00 14.32 ? 61  PRO A CD  1 
ATOM   477  N N   . GLU A 1 62  ? 4.023   -17.115 3.017   1.00 18.85 ? 62  GLU A N   1 
ATOM   478  C CA  . GLU A 1 62  ? 4.674   -17.044 4.344   1.00 20.86 ? 62  GLU A CA  1 
ATOM   479  C C   . GLU A 1 62  ? 6.095   -16.518 4.353   1.00 19.52 ? 62  GLU A C   1 
ATOM   480  O O   . GLU A 1 62  ? 6.543   -15.857 5.311   1.00 19.86 ? 62  GLU A O   1 
ATOM   481  C CB  . GLU A 1 62  ? 4.570   -18.397 5.047   1.00 21.74 ? 62  GLU A CB  1 
ATOM   482  C CG  . GLU A 1 62  ? 3.238   -18.500 5.745   1.00 27.36 ? 62  GLU A CG  1 
ATOM   483  C CD  . GLU A 1 62  ? 2.984   -19.874 6.345   1.00 36.49 ? 62  GLU A CD  1 
ATOM   484  O OE1 . GLU A 1 62  ? 1.927   -20.467 6.009   1.00 40.48 ? 62  GLU A OE1 1 
ATOM   485  O OE2 . GLU A 1 62  ? 3.838   -20.341 7.151   1.00 35.82 ? 62  GLU A OE2 1 
ATOM   486  N N   . LYS A 1 63  ? 6.817   -16.789 3.276   1.00 20.10 ? 63  LYS A N   1 
ATOM   487  C CA  . LYS A 1 63  ? 8.223   -16.463 3.240   1.00 20.50 ? 63  LYS A CA  1 
ATOM   488  C C   . LYS A 1 63  ? 8.386   -14.944 3.135   1.00 20.94 ? 63  LYS A C   1 
ATOM   489  O O   . LYS A 1 63  ? 9.488   -14.420 3.368   1.00 20.27 ? 63  LYS A O   1 
ATOM   490  C CB  . LYS A 1 63  ? 8.894   -17.132 2.039   1.00 20.55 ? 63  LYS A CB  1 
ATOM   491  C CG  . LYS A 1 63  ? 8.343   -16.610 0.676   1.00 23.26 ? 63  LYS A CG  1 
ATOM   492  C CD  . LYS A 1 63  ? 9.093   -17.202 -0.590  1.00 25.67 ? 63  LYS A CD  1 
ATOM   493  C CE  . LYS A 1 63  ? 10.606  -16.924 -0.622  1.00 29.29 ? 63  LYS A CE  1 
ATOM   494  N NZ  . LYS A 1 63  ? 11.216  -17.636 -1.797  1.00 30.71 ? 63  LYS A NZ  1 
ATOM   495  N N   . PHE A 1 64  ? 7.302   -14.241 2.789   1.00 19.69 ? 64  PHE A N   1 
ATOM   496  C CA  . PHE A 1 64  ? 7.384   -12.773 2.612   1.00 20.26 ? 64  PHE A CA  1 
ATOM   497  C C   . PHE A 1 64  ? 6.695   -11.954 3.712   1.00 19.85 ? 64  PHE A C   1 
ATOM   498  O O   . PHE A 1 64  ? 6.581   -10.743 3.550   1.00 19.48 ? 64  PHE A O   1 
ATOM   499  C CB  . PHE A 1 64  ? 6.851   -12.369 1.233   1.00 19.76 ? 64  PHE A CB  1 
ATOM   500  C CG  . PHE A 1 64  ? 7.605   -12.977 0.098   1.00 21.33 ? 64  PHE A CG  1 
ATOM   501  C CD1 . PHE A 1 64  ? 8.975   -12.749 -0.050  1.00 26.29 ? 64  PHE A CD1 1 
ATOM   502  C CD2 . PHE A 1 64  ? 6.958   -13.779 -0.834  1.00 23.51 ? 64  PHE A CD2 1 
ATOM   503  C CE1 . PHE A 1 64  ? 9.685   -13.332 -1.118  1.00 26.67 ? 64  PHE A CE1 1 
ATOM   504  C CE2 . PHE A 1 64  ? 7.664   -14.351 -1.897  1.00 28.40 ? 64  PHE A CE2 1 
ATOM   505  C CZ  . PHE A 1 64  ? 9.039   -14.111 -2.023  1.00 25.88 ? 64  PHE A CZ  1 
ATOM   506  N N   . ARG A 1 65  ? 6.255   -12.641 4.789   1.00 19.12 ? 65  ARG A N   1 
ATOM   507  C CA  . ARG A 1 65  ? 5.504   -12.089 5.967   1.00 19.43 ? 65  ARG A CA  1 
ATOM   508  C C   . ARG A 1 65  ? 6.387   -12.306 7.195   1.00 17.87 ? 65  ARG A C   1 
ATOM   509  O O   . ARG A 1 65  ? 6.862   -13.427 7.418   1.00 18.97 ? 65  ARG A O   1 
ATOM   510  C CB  . ARG A 1 65  ? 4.321   -13.008 6.288   1.00 20.02 ? 65  ARG A CB  1 
ATOM   511  C CG  . ARG A 1 65  ? 3.033   -12.453 6.012   1.00 22.43 ? 65  ARG A CG  1 
ATOM   512  C CD  . ARG A 1 65  ? 2.029   -13.561 5.770   1.00 19.97 ? 65  ARG A CD  1 
ATOM   513  N NE  . ARG A 1 65  ? 1.758   -14.592 6.777   1.00 19.15 ? 65  ARG A NE  1 
ATOM   514  C CZ  . ARG A 1 65  ? 0.974   -15.630 6.478   1.00 15.18 ? 65  ARG A CZ  1 
ATOM   515  N NH1 . ARG A 1 65  ? 0.649   -16.575 7.366   1.00 11.68 ? 65  ARG A NH1 1 
ATOM   516  N NH2 . ARG A 1 65  ? 0.494   -15.695 5.225   1.00 15.90 ? 65  ARG A NH2 1 
ATOM   517  N N   . PRO A 1 66  ? 6.649   -11.259 7.979   1.00 16.16 ? 66  PRO A N   1 
ATOM   518  C CA  . PRO A 1 66  ? 6.439   -9.825  7.755   1.00 13.40 ? 66  PRO A CA  1 
ATOM   519  C C   . PRO A 1 66  ? 7.268   -9.238  6.618   1.00 13.24 ? 66  PRO A C   1 
ATOM   520  O O   . PRO A 1 66  ? 8.309   -9.808  6.213   1.00 12.60 ? 66  PRO A O   1 
ATOM   521  C CB  . PRO A 1 66  ? 6.954   -9.191  9.041   1.00 13.58 ? 66  PRO A CB  1 
ATOM   522  C CG  . PRO A 1 66  ? 7.960   -10.150 9.597   1.00 14.85 ? 66  PRO A CG  1 
ATOM   523  C CD  . PRO A 1 66  ? 7.358   -11.530 9.243   1.00 15.11 ? 66  PRO A CD  1 
ATOM   524  N N   . LEU A 1 67  ? 6.883   -8.061  6.124   1.00 12.38 ? 67  LEU A N   1 
ATOM   525  C CA  . LEU A 1 67  ? 7.673   -7.388  5.037   1.00 11.89 ? 67  LEU A CA  1 
ATOM   526  C C   . LEU A 1 67  ? 8.940   -6.945  5.750   1.00 11.86 ? 67  LEU A C   1 
ATOM   527  O O   . LEU A 1 67  ? 8.842   -6.193  6.752   1.00 10.14 ? 67  LEU A O   1 
ATOM   528  C CB  . LEU A 1 67  ? 6.926   -6.161  4.551   1.00 11.71 ? 67  LEU A CB  1 
ATOM   529  C CG  . LEU A 1 67  ? 5.485   -6.320  4.058   1.00 17.34 ? 67  LEU A CG  1 
ATOM   530  C CD1 . LEU A 1 67  ? 5.105   -5.364  2.931   1.00 13.39 ? 67  LEU A CD1 1 
ATOM   531  C CD2 . LEU A 1 67  ? 4.935   -7.666  3.850   1.00 13.30 ? 67  LEU A CD2 1 
ATOM   532  N N   . LYS A 1 68  ? 10.103  -7.462  5.318   1.00 10.13 ? 68  LYS A N   1 
ATOM   533  C CA  . LYS A 1 68  ? 11.315  -7.254  6.058   1.00 12.49 ? 68  LYS A CA  1 
ATOM   534  C C   . LYS A 1 68  ? 11.768  -5.802  5.998   1.00 12.97 ? 68  LYS A C   1 
ATOM   535  O O   . LYS A 1 68  ? 11.615  -5.099  4.944   1.00 13.54 ? 68  LYS A O   1 
ATOM   536  C CB  . LYS A 1 68  ? 12.423  -8.163  5.503   1.00 14.56 ? 68  LYS A CB  1 
ATOM   537  C CG  . LYS A 1 68  ? 12.103  -9.658  5.819   1.00 21.03 ? 68  LYS A CG  1 
ATOM   538  C CD  . LYS A 1 68  ? 13.281  -10.351 6.569   1.00 28.94 ? 68  LYS A CD  1 
ATOM   539  C CE  . LYS A 1 68  ? 14.520  -10.527 5.716   1.00 33.01 ? 68  LYS A CE  1 
ATOM   540  N NZ  . LYS A 1 68  ? 15.506  -11.433 6.414   1.00 32.40 ? 68  LYS A NZ  1 
ATOM   541  N N   . GLY A 1 69  ? 12.328  -5.350  7.110   1.00 10.95 ? 69  GLY A N   1 
ATOM   542  C CA  . GLY A 1 69  ? 12.838  -3.950  7.221   1.00 11.92 ? 69  GLY A CA  1 
ATOM   543  C C   . GLY A 1 69  ? 11.750  -2.881  7.355   1.00 9.80  ? 69  GLY A C   1 
ATOM   544  O O   . GLY A 1 69  ? 12.020  -1.671  7.288   1.00 11.43 ? 69  GLY A O   1 
ATOM   545  N N   . ARG A 1 70  ? 10.518  -3.303  7.548   1.00 10.70 ? 70  ARG A N   1 
ATOM   546  C CA  . ARG A 1 70  ? 9.396   -2.378  7.747   1.00 9.27  ? 70  ARG A CA  1 
ATOM   547  C C   . ARG A 1 70  ? 8.667   -2.872  8.991   1.00 9.79  ? 70  ARG A C   1 
ATOM   548  O O   . ARG A 1 70  ? 8.631   -4.058  9.242   1.00 10.34 ? 70  ARG A O   1 
ATOM   549  C CB  . ARG A 1 70  ? 8.437   -2.423  6.547   1.00 9.52  ? 70  ARG A CB  1 
ATOM   550  C CG  . ARG A 1 70  ? 8.976   -1.739  5.284   1.00 9.62  ? 70  ARG A CG  1 
ATOM   551  C CD  . ARG A 1 70  ? 8.523   -2.427  3.984   1.00 10.63 ? 70  ARG A CD  1 
ATOM   552  N NE  . ARG A 1 70  ? 9.278   -3.677  3.732   1.00 10.04 ? 70  ARG A NE  1 
ATOM   553  C CZ  . ARG A 1 70  ? 9.199   -4.430  2.627   1.00 14.91 ? 70  ARG A CZ  1 
ATOM   554  N NH1 . ARG A 1 70  ? 8.363   -4.117  1.642   1.00 11.10 ? 70  ARG A NH1 1 
ATOM   555  N NH2 . ARG A 1 70  ? 9.988   -5.509  2.512   1.00 11.74 ? 70  ARG A NH2 1 
ATOM   556  N N   . ILE A 1 71  ? 8.037   -1.995  9.737   1.00 9.47  ? 71  ILE A N   1 
ATOM   557  C CA  . ILE A 1 71  ? 7.186   -2.417  10.847  1.00 9.39  ? 71  ILE A CA  1 
ATOM   558  C C   . ILE A 1 71  ? 5.807   -2.820  10.264  1.00 9.96  ? 71  ILE A C   1 
ATOM   559  O O   . ILE A 1 71  ? 5.205   -2.062  9.464   1.00 9.92  ? 71  ILE A O   1 
ATOM   560  C CB  . ILE A 1 71  ? 7.026   -1.248  11.866  1.00 10.80 ? 71  ILE A CB  1 
ATOM   561  C CG1 . ILE A 1 71  ? 8.388   -0.890  12.452  1.00 13.76 ? 71  ILE A CG1 1 
ATOM   562  C CG2 . ILE A 1 71  ? 6.027   -1.625  13.025  1.00 9.84  ? 71  ILE A CG2 1 
ATOM   563  C CD1 . ILE A 1 71  ? 8.469   0.529   13.062  1.00 13.90 ? 71  ILE A CD1 1 
ATOM   564  N N   . ASN A 1 72  ? 5.325   -4.014  10.639  1.00 8.62  ? 72  ASN A N   1 
ATOM   565  C CA  . ASN A 1 72  ? 4.068   -4.541  10.117  1.00 8.78  ? 72  ASN A CA  1 
ATOM   566  C C   . ASN A 1 72  ? 2.920   -4.427  11.101  1.00 10.39 ? 72  ASN A C   1 
ATOM   567  O O   . ASN A 1 72  ? 2.926   -5.002  12.217  1.00 12.41 ? 72  ASN A O   1 
ATOM   568  C CB  . ASN A 1 72  ? 4.220   -6.028  9.668   1.00 7.94  ? 72  ASN A CB  1 
ATOM   569  C CG  . ASN A 1 72  ? 5.182   -6.218  8.421   1.00 9.41  ? 72  ASN A CG  1 
ATOM   570  O OD1 . ASN A 1 72  ? 4.803   -6.901  7.434   1.00 12.37 ? 72  ASN A OD1 1 
ATOM   571  N ND2 . ASN A 1 72  ? 6.427   -5.658  8.480   1.00 13.24 ? 72  ASN A ND2 1 
ATOM   572  N N   . LEU A 1 73  ? 1.892   -3.717  10.669  1.00 9.22  ? 73  LEU A N   1 
ATOM   573  C CA  . LEU A 1 73  ? 0.678   -3.569  11.471  1.00 9.13  ? 73  LEU A CA  1 
ATOM   574  C C   . LEU A 1 73  ? -0.504  -4.074  10.667  1.00 10.48 ? 73  LEU A C   1 
ATOM   575  O O   . LEU A 1 73  ? -0.742  -3.622  9.528   1.00 8.49  ? 73  LEU A O   1 
ATOM   576  C CB  . LEU A 1 73  ? 0.499   -2.104  11.900  1.00 8.72  ? 73  LEU A CB  1 
ATOM   577  C CG  . LEU A 1 73  ? -0.660  -1.714  12.809  1.00 10.08 ? 73  LEU A CG  1 
ATOM   578  C CD1 . LEU A 1 73  ? -0.265  -0.394  13.487  1.00 7.84  ? 73  LEU A CD1 1 
ATOM   579  C CD2 . LEU A 1 73  ? -2.031  -1.649  12.042  1.00 9.65  ? 73  LEU A CD2 1 
ATOM   580  N N   . VAL A 1 74  ? -1.256  -5.009  11.278  1.00 9.51  ? 74  VAL A N   1 
ATOM   581  C CA  . VAL A 1 74  ? -2.489  -5.545  10.701  1.00 10.51 ? 74  VAL A CA  1 
ATOM   582  C C   . VAL A 1 74  ? -3.743  -4.898  11.347  1.00 11.06 ? 74  VAL A C   1 
ATOM   583  O O   . VAL A 1 74  ? -3.753  -4.713  12.570  1.00 11.17 ? 74  VAL A O   1 
ATOM   584  C CB  . VAL A 1 74  ? -2.524  -7.090  10.919  1.00 9.36  ? 74  VAL A CB  1 
ATOM   585  C CG1 . VAL A 1 74  ? -3.745  -7.757  10.301  1.00 13.33 ? 74  VAL A CG1 1 
ATOM   586  C CG2 . VAL A 1 74  ? -1.270  -7.707  10.305  1.00 11.84 ? 74  VAL A CG2 1 
ATOM   587  N N   . LEU A 1 75  ? -4.738  -4.561  10.510  1.00 11.22 ? 75  LEU A N   1 
ATOM   588  C CA  . LEU A 1 75  ? -6.071  -4.061  10.986  1.00 11.66 ? 75  LEU A CA  1 
ATOM   589  C C   . LEU A 1 75  ? -7.059  -5.203  11.147  1.00 12.52 ? 75  LEU A C   1 
ATOM   590  O O   . LEU A 1 75  ? -7.255  -5.999  10.215  1.00 12.28 ? 75  LEU A O   1 
ATOM   591  C CB  . LEU A 1 75  ? -6.661  -3.046  10.007  1.00 11.92 ? 75  LEU A CB  1 
ATOM   592  C CG  . LEU A 1 75  ? -5.733  -1.864  9.728   1.00 11.87 ? 75  LEU A CG  1 
ATOM   593  C CD1 . LEU A 1 75  ? -6.236  -0.901  8.557   1.00 13.18 ? 75  LEU A CD1 1 
ATOM   594  C CD2 . LEU A 1 75  ? -5.434  -1.084  10.949  1.00 9.69  ? 75  LEU A CD2 1 
ATOM   595  N N   . SER A 1 76  ? -7.701  -5.274  12.308  1.00 12.56 ? 76  SER A N   1 
ATOM   596  C CA  . SER A 1 76  ? -8.729  -6.298  12.544  1.00 13.67 ? 76  SER A CA  1 
ATOM   597  C C   . SER A 1 76  ? -9.472  -6.043  13.829  1.00 15.11 ? 76  SER A C   1 
ATOM   598  O O   . SER A 1 76  ? -8.874  -5.760  14.879  1.00 16.68 ? 76  SER A O   1 
ATOM   599  C CB  . SER A 1 76  ? -8.148  -7.738  12.623  1.00 12.74 ? 76  SER A CB  1 
ATOM   600  O OG  . SER A 1 76  ? -9.174  -8.700  12.837  1.00 10.55 ? 76  SER A OG  1 
ATOM   601  N N   . ARG A 1 77  ? -10.783 -6.244  13.754  1.00 16.84 ? 77  ARG A N   1 
ATOM   602  C CA  . ARG A 1 77  ? -11.635 -6.269  14.954  1.00 17.61 ? 77  ARG A CA  1 
ATOM   603  C C   . ARG A 1 77  ? -11.792 -7.672  15.539  1.00 18.47 ? 77  ARG A C   1 
ATOM   604  O O   . ARG A 1 77  ? -11.988 -7.804  16.771  1.00 19.99 ? 77  ARG A O   1 
ATOM   605  C CB  . ARG A 1 77  ? -12.985 -5.658  14.634  1.00 17.63 ? 77  ARG A CB  1 
ATOM   606  C CG  . ARG A 1 77  ? -12.878 -4.153  14.364  1.00 16.97 ? 77  ARG A CG  1 
ATOM   607  C CD  . ARG A 1 77  ? -14.299 -3.556  14.086  1.00 23.14 ? 77  ARG A CD  1 
ATOM   608  N NE  . ARG A 1 77  ? -14.144 -2.101  14.042  1.00 24.69 ? 77  ARG A NE  1 
ATOM   609  C CZ  . ARG A 1 77  ? -13.729 -1.429  12.978  1.00 27.61 ? 77  ARG A CZ  1 
ATOM   610  N NH1 . ARG A 1 77  ? -13.468 -2.081  11.850  1.00 26.35 ? 77  ARG A NH1 1 
ATOM   611  N NH2 . ARG A 1 77  ? -13.574 -0.104  13.040  1.00 28.63 ? 77  ARG A NH2 1 
ATOM   612  N N   . GLU A 1 78  ? -11.703 -8.718  14.700  1.00 18.84 ? 78  GLU A N   1 
ATOM   613  C CA  . GLU A 1 78  ? -11.847 -10.109 15.208  1.00 19.16 ? 78  GLU A CA  1 
ATOM   614  C C   . GLU A 1 78  ? -10.581 -10.615 15.926  1.00 17.31 ? 78  GLU A C   1 
ATOM   615  O O   . GLU A 1 78  ? -10.688 -11.312 16.921  1.00 17.25 ? 78  GLU A O   1 
ATOM   616  C CB  . GLU A 1 78  ? -12.178 -11.122 14.120  1.00 19.94 ? 78  GLU A CB  1 
ATOM   617  C CG  . GLU A 1 78  ? -13.437 -10.877 13.347  1.00 25.41 ? 78  GLU A CG  1 
ATOM   618  C CD  . GLU A 1 78  ? -13.757 -12.085 12.429  1.00 34.71 ? 78  GLU A CD  1 
ATOM   619  O OE1 . GLU A 1 78  ? -12.808 -12.764 12.016  1.00 31.97 ? 78  GLU A OE1 1 
ATOM   620  O OE2 . GLU A 1 78  ? -14.956 -12.368 12.163  1.00 39.78 ? 78  GLU A OE2 1 
ATOM   621  N N   . LEU A 1 79  ? -9.414  -10.326 15.373  1.00 15.04 ? 79  LEU A N   1 
ATOM   622  C CA  . LEU A 1 79  ? -8.147  -10.771 15.955  1.00 14.55 ? 79  LEU A CA  1 
ATOM   623  C C   . LEU A 1 79  ? -7.927  -10.097 17.307  1.00 14.41 ? 79  LEU A C   1 
ATOM   624  O O   . LEU A 1 79  ? -8.264  -8.926  17.493  1.00 15.43 ? 79  LEU A O   1 
ATOM   625  C CB  . LEU A 1 79  ? -6.966  -10.476 15.008  1.00 12.37 ? 79  LEU A CB  1 
ATOM   626  C CG  . LEU A 1 79  ? -6.933  -11.263 13.680  1.00 12.75 ? 79  LEU A CG  1 
ATOM   627  C CD1 . LEU A 1 79  ? -5.641  -10.982 12.936  1.00 13.99 ? 79  LEU A CD1 1 
ATOM   628  C CD2 . LEU A 1 79  ? -7.094  -12.844 13.898  1.00 14.32 ? 79  LEU A CD2 1 
ATOM   629  N N   . LYS A 1 80  ? -7.326  -10.811 18.249  1.00 15.80 ? 80  LYS A N   1 
ATOM   630  C CA  . LYS A 1 80  ? -7.109  -10.192 19.591  1.00 15.47 ? 80  LYS A CA  1 
ATOM   631  C C   . LYS A 1 80  ? -5.626  -9.980  19.861  1.00 15.12 ? 80  LYS A C   1 
ATOM   632  O O   . LYS A 1 80  ? -5.247  -9.319  20.816  1.00 14.76 ? 80  LYS A O   1 
ATOM   633  C CB  . LYS A 1 80  ? -7.773  -11.072 20.660  1.00 17.68 ? 80  LYS A CB  1 
ATOM   634  C CG  . LYS A 1 80  ? -9.376  -11.121 20.441  1.00 21.06 ? 80  LYS A CG  1 
ATOM   635  C CD  . LYS A 1 80  ? -9.996  -9.663  20.466  1.00 26.14 ? 80  LYS A CD  1 
ATOM   636  C CE  . LYS A 1 80  ? -11.399 -9.572  19.764  1.00 29.56 ? 80  LYS A CE  1 
ATOM   637  N NZ  . LYS A 1 80  ? -12.037 -8.211  19.835  1.00 29.94 ? 80  LYS A NZ  1 
ATOM   638  N N   . GLU A 1 81  ? -4.798  -10.538 18.985  1.00 13.12 ? 81  GLU A N   1 
ATOM   639  C CA  . GLU A 1 81  ? -3.338  -10.303 18.974  1.00 12.64 ? 81  GLU A CA  1 
ATOM   640  C C   . GLU A 1 81  ? -2.820  -10.315 17.539  1.00 11.85 ? 81  GLU A C   1 
ATOM   641  O O   . GLU A 1 81  ? -3.510  -10.836 16.650  1.00 11.44 ? 81  GLU A O   1 
ATOM   642  C CB  . GLU A 1 81  ? -2.586  -11.367 19.777  1.00 13.78 ? 81  GLU A CB  1 
ATOM   643  C CG  . GLU A 1 81  ? -2.895  -12.821 19.357  1.00 14.22 ? 81  GLU A CG  1 
ATOM   644  C CD  . GLU A 1 81  ? -2.058  -13.791 20.208  1.00 14.64 ? 81  GLU A CD  1 
ATOM   645  O OE1 . GLU A 1 81  ? -0.820  -13.856 20.073  1.00 15.88 ? 81  GLU A OE1 1 
ATOM   646  O OE2 . GLU A 1 81  ? -2.669  -14.421 21.036  1.00 16.63 ? 81  GLU A OE2 1 
ATOM   647  N N   . PRO A 1 82  ? -1.621  -9.705  17.305  1.00 11.43 ? 82  PRO A N   1 
ATOM   648  C CA  . PRO A 1 82  ? -1.059  -9.642  15.953  1.00 12.04 ? 82  PRO A CA  1 
ATOM   649  C C   . PRO A 1 82  ? -0.887  -11.079 15.472  1.00 12.23 ? 82  PRO A C   1 
ATOM   650  O O   . PRO A 1 82  ? -0.586  -11.957 16.274  1.00 11.40 ? 82  PRO A O   1 
ATOM   651  C CB  . PRO A 1 82  ? 0.320   -9.017  16.169  1.00 13.66 ? 82  PRO A CB  1 
ATOM   652  C CG  . PRO A 1 82  ? 0.041   -7.990  17.409  1.00 13.25 ? 82  PRO A CG  1 
ATOM   653  C CD  . PRO A 1 82  ? -0.846  -8.885  18.284  1.00 11.02 ? 82  PRO A CD  1 
ATOM   654  N N   . PRO A 1 83  ? -1.159  -11.332 14.179  1.00 11.74 ? 83  PRO A N   1 
ATOM   655  C CA  . PRO A 1 83  ? -0.958  -12.695 13.684  1.00 11.86 ? 83  PRO A CA  1 
ATOM   656  C C   . PRO A 1 83  ? 0.504   -13.099 13.798  1.00 12.27 ? 83  PRO A C   1 
ATOM   657  O O   . PRO A 1 83  ? 1.351   -12.225 13.970  1.00 9.53  ? 83  PRO A O   1 
ATOM   658  C CB  . PRO A 1 83  ? -1.329  -12.605 12.209  1.00 12.72 ? 83  PRO A CB  1 
ATOM   659  C CG  . PRO A 1 83  ? -2.091  -11.314 12.046  1.00 14.34 ? 83  PRO A CG  1 
ATOM   660  C CD  . PRO A 1 83  ? -1.884  -10.451 13.238  1.00 11.88 ? 83  PRO A CD  1 
ATOM   661  N N   . GLN A 1 84  ? 0.775   -14.407 13.733  1.00 11.05 ? 84  GLN A N   1 
ATOM   662  C CA  . GLN A 1 84  ? 2.172   -14.921 13.770  1.00 12.75 ? 84  GLN A CA  1 
ATOM   663  C C   . GLN A 1 84  ? 3.048   -14.150 12.772  1.00 13.02 ? 84  GLN A C   1 
ATOM   664  O O   . GLN A 1 84  ? 2.753   -14.162 11.546  1.00 12.93 ? 84  GLN A O   1 
ATOM   665  C CB  . GLN A 1 84  ? 2.186   -16.439 13.455  1.00 13.44 ? 84  GLN A CB  1 
ATOM   666  C CG  . GLN A 1 84  ? 3.634   -17.067 13.339  1.00 15.56 ? 84  GLN A CG  1 
ATOM   667  C CD  . GLN A 1 84  ? 3.605   -18.592 13.070  1.00 22.73 ? 84  GLN A CD  1 
ATOM   668  O OE1 . GLN A 1 84  ? 2.617   -19.120 12.614  1.00 18.92 ? 84  GLN A OE1 1 
ATOM   669  N NE2 . GLN A 1 84  ? 4.674   -19.295 13.460  1.00 23.09 ? 84  GLN A NE2 1 
ATOM   670  N N   . GLY A 1 85  ? 4.100   -13.483 13.274  1.00 13.13 ? 85  GLY A N   1 
ATOM   671  C CA  . GLY A 1 85  ? 5.085   -12.774 12.438  1.00 12.16 ? 85  GLY A CA  1 
ATOM   672  C C   . GLY A 1 85  ? 4.815   -11.266 12.305  1.00 12.32 ? 85  GLY A C   1 
ATOM   673  O O   . GLY A 1 85  ? 5.719   -10.508 11.945  1.00 11.59 ? 85  GLY A O   1 
ATOM   674  N N   . ALA A 1 86  ? 3.590   -10.819 12.617  1.00 11.06 ? 86  ALA A N   1 
ATOM   675  C CA  . ALA A 1 86  ? 3.268   -9.408  12.517  1.00 12.07 ? 86  ALA A CA  1 
ATOM   676  C C   . ALA A 1 86  ? 3.694   -8.696  13.812  1.00 13.12 ? 86  ALA A C   1 
ATOM   677  O O   . ALA A 1 86  ? 3.893   -9.335  14.866  1.00 11.42 ? 86  ALA A O   1 
ATOM   678  C CB  . ALA A 1 86  ? 1.750   -9.191  12.235  1.00 11.89 ? 86  ALA A CB  1 
ATOM   679  N N   . HIS A 1 87  ? 3.871   -7.381  13.728  1.00 12.37 ? 87  HIS A N   1 
ATOM   680  C CA  . HIS A 1 87  ? 4.334   -6.621  14.863  1.00 12.50 ? 87  HIS A CA  1 
ATOM   681  C C   . HIS A 1 87  ? 3.247   -5.972  15.725  1.00 11.51 ? 87  HIS A C   1 
ATOM   682  O O   . HIS A 1 87  ? 3.393   -5.923  16.948  1.00 11.08 ? 87  HIS A O   1 
ATOM   683  C CB  . HIS A 1 87  ? 5.311   -5.548  14.386  1.00 12.71 ? 87  HIS A CB  1 
ATOM   684  C CG  . HIS A 1 87  ? 6.417   -6.081  13.571  1.00 13.32 ? 87  HIS A CG  1 
ATOM   685  N ND1 . HIS A 1 87  ? 7.268   -7.087  14.011  1.00 16.74 ? 87  HIS A ND1 1 
ATOM   686  C CD2 . HIS A 1 87  ? 6.875   -5.701  12.364  1.00 11.37 ? 87  HIS A CD2 1 
ATOM   687  C CE1 . HIS A 1 87  ? 8.179   -7.324  13.081  1.00 6.94  ? 87  HIS A CE1 1 
ATOM   688  N NE2 . HIS A 1 87  ? 7.943   -6.521  12.065  1.00 14.26 ? 87  HIS A NE2 1 
ATOM   689  N N   . PHE A 1 88  ? 2.196   -5.465  15.086  1.00 11.18 ? 88  PHE A N   1 
ATOM   690  C CA  . PHE A 1 88  ? 1.184   -4.624  15.712  1.00 11.14 ? 88  PHE A CA  1 
ATOM   691  C C   . PHE A 1 88  ? -0.152  -5.008  15.168  1.00 11.82 ? 88  PHE A C   1 
ATOM   692  O O   . PHE A 1 88  ? -0.244  -5.466  14.022  1.00 12.81 ? 88  PHE A O   1 
ATOM   693  C CB  . PHE A 1 88  ? 1.439   -3.090  15.510  1.00 10.81 ? 88  PHE A CB  1 
ATOM   694  C CG  . PHE A 1 88  ? 2.668   -2.588  16.267  1.00 13.11 ? 88  PHE A CG  1 
ATOM   695  C CD1 . PHE A 1 88  ? 2.609   -2.353  17.618  1.00 17.29 ? 88  PHE A CD1 1 
ATOM   696  C CD2 . PHE A 1 88  ? 3.894   -2.502  15.640  1.00 13.68 ? 88  PHE A CD2 1 
ATOM   697  C CE1 . PHE A 1 88  ? 3.764   -2.018  18.352  1.00 17.75 ? 88  PHE A CE1 1 
ATOM   698  C CE2 . PHE A 1 88  ? 5.060   -2.112  16.357  1.00 12.31 ? 88  PHE A CE2 1 
ATOM   699  C CZ  . PHE A 1 88  ? 4.995   -1.908  17.694  1.00 11.18 ? 88  PHE A CZ  1 
ATOM   700  N N   . LEU A 1 89  ? -1.183  -4.747  15.978  1.00 12.55 ? 89  LEU A N   1 
ATOM   701  C CA  . LEU A 1 89  ? -2.547  -4.975  15.642  1.00 11.75 ? 89  LEU A CA  1 
ATOM   702  C C   . LEU A 1 89  ? -3.366  -3.756  16.081  1.00 13.06 ? 89  LEU A C   1 
ATOM   703  O O   . LEU A 1 89  ? -3.217  -3.268  17.219  1.00 12.05 ? 89  LEU A O   1 
ATOM   704  C CB  . LEU A 1 89  ? -3.075  -6.170  16.441  1.00 13.14 ? 89  LEU A CB  1 
ATOM   705  C CG  . LEU A 1 89  ? -4.608  -6.428  16.488  1.00 14.98 ? 89  LEU A CG  1 
ATOM   706  C CD1 . LEU A 1 89  ? -5.171  -6.773  15.113  1.00 15.69 ? 89  LEU A CD1 1 
ATOM   707  C CD2 . LEU A 1 89  ? -4.862  -7.574  17.477  1.00 12.60 ? 89  LEU A CD2 1 
ATOM   708  N N   . SER A 1 90  ? -4.260  -3.286  15.222  1.00 12.23 ? 90  SER A N   1 
ATOM   709  C CA  . SER A 1 90  ? -5.194  -2.205  15.609  1.00 13.29 ? 90  SER A CA  1 
ATOM   710  C C   . SER A 1 90  ? -6.564  -2.541  15.060  1.00 13.87 ? 90  SER A C   1 
ATOM   711  O O   . SER A 1 90  ? -6.682  -3.269  14.059  1.00 14.28 ? 90  SER A O   1 
ATOM   712  C CB  . SER A 1 90  ? -4.775  -0.848  15.015  1.00 12.47 ? 90  SER A CB  1 
ATOM   713  O OG  . SER A 1 90  ? -3.537  -0.437  15.519  1.00 16.40 ? 90  SER A OG  1 
ATOM   714  N N   . ARG A 1 91  ? -7.599  -1.969  15.668  1.00 14.88 ? 91  ARG A N   1 
ATOM   715  C CA  . ARG A 1 91  ? -8.995  -2.250  15.272  1.00 16.75 ? 91  ARG A CA  1 
ATOM   716  C C   . ARG A 1 91  ? -9.386  -1.542  13.987  1.00 18.04 ? 91  ARG A C   1 
ATOM   717  O O   . ARG A 1 91  ? -10.227 -2.040  13.267  1.00 20.65 ? 91  ARG A O   1 
ATOM   718  C CB  . ARG A 1 91  ? -9.973  -1.879  16.409  1.00 16.04 ? 91  ARG A CB  1 
ATOM   719  C CG  . ARG A 1 91  ? -9.868  -2.884  17.588  1.00 21.22 ? 91  ARG A CG  1 
ATOM   720  C CD  . ARG A 1 91  ? -10.848 -2.508  18.766  1.00 25.97 ? 91  ARG A CD  1 
ATOM   721  N NE  . ARG A 1 91  ? -12.198 -2.259  18.226  1.00 28.18 ? 91  ARG A NE  1 
ATOM   722  C CZ  . ARG A 1 91  ? -13.153 -3.190  18.118  1.00 26.94 ? 91  ARG A CZ  1 
ATOM   723  N NH1 . ARG A 1 91  ? -14.340 -2.858  17.597  1.00 27.34 ? 91  ARG A NH1 1 
ATOM   724  N NH2 . ARG A 1 91  ? -12.924 -4.446  18.513  1.00 18.47 ? 91  ARG A NH2 1 
ATOM   725  N N   . SER A 1 92  ? -8.752  -0.396  13.694  1.00 18.37 ? 92  SER A N   1 
ATOM   726  C CA  . SER A 1 92  ? -9.125  0.454   12.558  1.00 17.90 ? 92  SER A CA  1 
ATOM   727  C C   . SER A 1 92  ? -7.949  1.298   12.127  1.00 17.33 ? 92  SER A C   1 
ATOM   728  O O   . SER A 1 92  ? -6.950  1.506   12.841  1.00 16.17 ? 92  SER A O   1 
ATOM   729  C CB  . SER A 1 92  ? -10.293 1.418   12.927  1.00 17.57 ? 92  SER A CB  1 
ATOM   730  O OG  . SER A 1 92  ? -9.852  2.409   13.835  1.00 17.33 ? 92  SER A OG  1 
ATOM   731  N N   . LEU A 1 93  ? -8.092  1.841   10.941  1.00 17.85 ? 93  LEU A N   1 
ATOM   732  C CA  . LEU A 1 93  ? -7.108  2.780   10.429  1.00 18.43 ? 93  LEU A CA  1 
ATOM   733  C C   . LEU A 1 93  ? -6.851  3.934   11.368  1.00 18.32 ? 93  LEU A C   1 
ATOM   734  O O   . LEU A 1 93  ? -5.668  4.228   11.674  1.00 17.64 ? 93  LEU A O   1 
ATOM   735  C CB  . LEU A 1 93  ? -7.475  3.229   8.999   1.00 18.13 ? 93  LEU A CB  1 
ATOM   736  C CG  . LEU A 1 93  ? -6.381  4.077   8.341   1.00 18.08 ? 93  LEU A CG  1 
ATOM   737  C CD1 . LEU A 1 93  ? -5.045  3.359   8.355   1.00 16.93 ? 93  LEU A CD1 1 
ATOM   738  C CD2 . LEU A 1 93  ? -6.825  4.436   6.858   1.00 18.19 ? 93  LEU A CD2 1 
ATOM   739  N N   . ASP A 1 94  ? -7.936  4.557   11.849  1.00 18.84 ? 94  ASP A N   1 
ATOM   740  C CA  . ASP A 1 94  ? -7.832  5.708   12.746  1.00 21.07 ? 94  ASP A CA  1 
ATOM   741  C C   . ASP A 1 94  ? -6.988  5.306   13.931  1.00 20.83 ? 94  ASP A C   1 
ATOM   742  O O   . ASP A 1 94  ? -6.023  6.024   14.284  1.00 20.90 ? 94  ASP A O   1 
ATOM   743  C CB  . ASP A 1 94  ? -9.219  6.204   13.224  1.00 24.27 ? 94  ASP A CB  1 
ATOM   744  C CG  . ASP A 1 94  ? -9.917  7.116   12.188  1.00 30.09 ? 94  ASP A CG  1 
ATOM   745  O OD1 . ASP A 1 94  ? -11.180 7.159   12.190  1.00 36.51 ? 94  ASP A OD1 1 
ATOM   746  O OD2 . ASP A 1 94  ? -9.206  7.787   11.383  1.00 35.26 ? 94  ASP A OD2 1 
ATOM   747  N N   . ASP A 1 95  ? -7.283  4.129   14.514  1.00 20.42 ? 95  ASP A N   1 
ATOM   748  C CA  . ASP A 1 95  ? -6.570  3.699   15.722  1.00 20.04 ? 95  ASP A CA  1 
ATOM   749  C C   . ASP A 1 95  ? -5.098  3.471   15.451  1.00 19.06 ? 95  ASP A C   1 
ATOM   750  O O   . ASP A 1 95  ? -4.259  3.833   16.273  1.00 18.69 ? 95  ASP A O   1 
ATOM   751  C CB  . ASP A 1 95  ? -7.163  2.408   16.332  1.00 21.42 ? 95  ASP A CB  1 
ATOM   752  C CG  . ASP A 1 95  ? -8.469  2.641   17.091  1.00 22.87 ? 95  ASP A CG  1 
ATOM   753  O OD1 . ASP A 1 95  ? -8.939  3.806   17.164  1.00 23.52 ? 95  ASP A OD1 1 
ATOM   754  O OD2 . ASP A 1 95  ? -8.996  1.633   17.617  1.00 20.89 ? 95  ASP A OD2 1 
ATOM   755  N N   . ALA A 1 96  ? -4.786  2.879   14.285  1.00 17.63 ? 96  ALA A N   1 
ATOM   756  C CA  . ALA A 1 96  ? -3.394  2.612   13.895  1.00 16.69 ? 96  ALA A CA  1 
ATOM   757  C C   . ALA A 1 96  ? -2.613  3.957   13.804  1.00 17.67 ? 96  ALA A C   1 
ATOM   758  O O   . ALA A 1 96  ? -1.513  4.121   14.360  1.00 17.01 ? 96  ALA A O   1 
ATOM   759  C CB  . ALA A 1 96  ? -3.355  1.858   12.548  1.00 15.14 ? 96  ALA A CB  1 
ATOM   760  N N   . LEU A 1 97  ? -3.170  4.933   13.100  1.00 18.77 ? 97  LEU A N   1 
ATOM   761  C CA  . LEU A 1 97  ? -2.492  6.237   13.068  1.00 21.04 ? 97  LEU A CA  1 
ATOM   762  C C   . LEU A 1 97  ? -2.362  6.901   14.466  1.00 22.99 ? 97  LEU A C   1 
ATOM   763  O O   . LEU A 1 97  ? -1.326  7.488   14.776  1.00 23.68 ? 97  LEU A O   1 
ATOM   764  C CB  . LEU A 1 97  ? -3.168  7.177   12.059  1.00 20.97 ? 97  LEU A CB  1 
ATOM   765  C CG  . LEU A 1 97  ? -3.263  6.543   10.665  1.00 21.41 ? 97  LEU A CG  1 
ATOM   766  C CD1 . LEU A 1 97  ? -4.049  7.465   9.778   1.00 27.25 ? 97  LEU A CD1 1 
ATOM   767  C CD2 . LEU A 1 97  ? -1.869  6.269   10.058  1.00 21.26 ? 97  LEU A CD2 1 
ATOM   768  N N   . LYS A 1 98  ? -3.396  6.816   15.298  1.00 23.96 ? 98  LYS A N   1 
ATOM   769  C CA  . LYS A 1 98  ? -3.306  7.311   16.689  1.00 26.41 ? 98  LYS A CA  1 
ATOM   770  C C   . LYS A 1 98  ? -2.111  6.654   17.402  1.00 26.84 ? 98  LYS A C   1 
ATOM   771  O O   . LYS A 1 98  ? -1.351  7.325   18.065  1.00 26.59 ? 98  LYS A O   1 
ATOM   772  C CB  . LYS A 1 98  ? -4.585  6.972   17.482  1.00 26.47 ? 98  LYS A CB  1 
ATOM   773  C CG  . LYS A 1 98  ? -5.669  8.015   17.563  1.00 32.58 ? 98  LYS A CG  1 
ATOM   774  C CD  . LYS A 1 98  ? -6.374  7.844   18.946  1.00 42.27 ? 98  LYS A CD  1 
ATOM   775  C CE  . LYS A 1 98  ? -7.326  8.989   19.306  1.00 46.31 ? 98  LYS A CE  1 
ATOM   776  N NZ  . LYS A 1 98  ? -8.780  8.590   19.266  1.00 51.71 ? 98  LYS A NZ  1 
ATOM   777  N N   . LEU A 1 99  ? -1.966  5.341   17.256  1.00 28.31 ? 99  LEU A N   1 
ATOM   778  C CA  . LEU A 1 99  ? -0.860  4.631   17.891  1.00 29.48 ? 99  LEU A CA  1 
ATOM   779  C C   . LEU A 1 99  ? 0.481   5.213   17.451  1.00 30.93 ? 99  LEU A C   1 
ATOM   780  O O   . LEU A 1 99  ? 1.351   5.500   18.275  1.00 29.33 ? 99  LEU A O   1 
ATOM   781  C CB  . LEU A 1 99  ? -0.920  3.138   17.559  1.00 29.89 ? 99  LEU A CB  1 
ATOM   782  C CG  . LEU A 1 99  ? -0.720  2.174   18.730  1.00 31.94 ? 99  LEU A CG  1 
ATOM   783  C CD1 . LEU A 1 99  ? -0.479  0.760   18.226  1.00 30.83 ? 99  LEU A CD1 1 
ATOM   784  C CD2 . LEU A 1 99  ? 0.428   2.635   19.615  1.00 33.98 ? 99  LEU A CD2 1 
ATOM   785  N N   . THR A 1 100 ? 0.633   5.382   16.143  1.00 32.17 ? 100 THR A N   1 
ATOM   786  C CA  . THR A 1 100 ? 1.824   5.934   15.553  1.00 34.40 ? 100 THR A CA  1 
ATOM   787  C C   . THR A 1 100 ? 2.340   7.146   16.373  1.00 36.01 ? 100 THR A C   1 
ATOM   788  O O   . THR A 1 100 ? 3.541   7.440   16.376  1.00 36.00 ? 100 THR A O   1 
ATOM   789  C CB  . THR A 1 100 ? 1.428   6.283   14.096  1.00 34.69 ? 100 THR A CB  1 
ATOM   790  O OG1 . THR A 1 100 ? 2.054   5.368   13.177  1.00 35.91 ? 100 THR A OG1 1 
ATOM   791  C CG2 . THR A 1 100 ? 1.644   7.727   13.760  1.00 33.76 ? 100 THR A CG2 1 
ATOM   792  N N   . GLU A 1 101 ? 1.425   7.806   17.093  1.00 37.90 ? 101 GLU A N   1 
ATOM   793  C CA  . GLU A 1 101 ? 1.756   8.900   18.038  1.00 39.64 ? 101 GLU A CA  1 
ATOM   794  C C   . GLU A 1 101 ? 2.130   8.513   19.478  1.00 39.84 ? 101 GLU A C   1 
ATOM   795  O O   . GLU A 1 101 ? 2.595   9.359   20.197  1.00 40.24 ? 101 GLU A O   1 
ATOM   796  C CB  . GLU A 1 101 ? 0.657   9.975   18.038  1.00 39.91 ? 101 GLU A CB  1 
ATOM   797  C CG  . GLU A 1 101 ? 0.478   10.669  16.677  1.00 43.33 ? 101 GLU A CG  1 
ATOM   798  C CD  . GLU A 1 101 ? 1.807   11.051  15.974  1.00 49.26 ? 101 GLU A CD  1 
ATOM   799  O OE1 . GLU A 1 101 ? 2.805   11.443  16.653  1.00 50.79 ? 101 GLU A OE1 1 
ATOM   800  O OE2 . GLU A 1 101 ? 1.852   10.975  14.718  1.00 50.83 ? 101 GLU A OE2 1 
ATOM   801  N N   . GLN A 1 102 ? 1.978   7.249   19.883  1.00 40.76 ? 102 GLN A N   1 
ATOM   802  C CA  . GLN A 1 102 ? 2.360   6.817   21.247  1.00 42.16 ? 102 GLN A CA  1 
ATOM   803  C C   . GLN A 1 102 ? 3.883   6.854   21.480  1.00 42.86 ? 102 GLN A C   1 
ATOM   804  O O   . GLN A 1 102 ? 4.618   7.251   20.577  1.00 42.90 ? 102 GLN A O   1 
ATOM   805  C CB  . GLN A 1 102 ? 1.818   5.416   21.537  1.00 42.85 ? 102 GLN A CB  1 
ATOM   806  C CG  . GLN A 1 102 ? 0.343   5.242   21.214  1.00 44.46 ? 102 GLN A CG  1 
ATOM   807  C CD  . GLN A 1 102 ? -0.530  6.275   21.902  1.00 47.42 ? 102 GLN A CD  1 
ATOM   808  O OE1 . GLN A 1 102 ? -1.626  5.966   22.369  1.00 48.83 ? 102 GLN A OE1 1 
ATOM   809  N NE2 . GLN A 1 102 ? -0.045  7.509   21.968  1.00 47.96 ? 102 GLN A NE2 1 
ATOM   810  N N   . PRO A 1 103 ? 4.374   6.453   22.663  1.00 43.28 ? 103 PRO A N   1 
ATOM   811  C CA  . PRO A 1 103 ? 5.836   6.505   22.851  1.00 43.30 ? 103 PRO A CA  1 
ATOM   812  C C   . PRO A 1 103 ? 6.591   5.336   22.205  1.00 42.96 ? 103 PRO A C   1 
ATOM   813  O O   . PRO A 1 103 ? 7.734   5.492   21.768  1.00 43.81 ? 103 PRO A O   1 
ATOM   814  C CB  . PRO A 1 103 ? 6.002   6.482   24.391  1.00 43.84 ? 103 PRO A CB  1 
ATOM   815  C CG  . PRO A 1 103 ? 4.589   6.660   24.969  1.00 44.01 ? 103 PRO A CG  1 
ATOM   816  C CD  . PRO A 1 103 ? 3.677   6.102   23.917  1.00 43.30 ? 103 PRO A CD  1 
ATOM   817  N N   . GLU A 1 104 ? 5.932   4.187   22.087  1.00 42.52 ? 104 GLU A N   1 
ATOM   818  C CA  . GLU A 1 104 ? 6.561   2.991   21.519  1.00 42.34 ? 104 GLU A CA  1 
ATOM   819  C C   . GLU A 1 104 ? 6.701   2.988   19.988  1.00 40.47 ? 104 GLU A C   1 
ATOM   820  O O   . GLU A 1 104 ? 7.280   2.062   19.421  1.00 40.41 ? 104 GLU A O   1 
ATOM   821  C CB  . GLU A 1 104 ? 5.814   1.734   21.973  1.00 42.68 ? 104 GLU A CB  1 
ATOM   822  C CG  . GLU A 1 104 ? 4.477   2.013   22.639  1.00 46.10 ? 104 GLU A CG  1 
ATOM   823  C CD  . GLU A 1 104 ? 3.417   0.994   22.268  1.00 51.73 ? 104 GLU A CD  1 
ATOM   824  O OE1 . GLU A 1 104 ? 2.222   1.360   22.243  1.00 53.97 ? 104 GLU A OE1 1 
ATOM   825  O OE2 . GLU A 1 104 ? 3.778   -0.170  22.001  1.00 53.14 ? 104 GLU A OE2 1 
ATOM   826  N N   . LEU A 1 105 ? 6.173   4.014   19.326  1.00 37.64 ? 105 LEU A N   1 
ATOM   827  C CA  . LEU A 1 105 ? 6.231   4.107   17.854  1.00 35.97 ? 105 LEU A CA  1 
ATOM   828  C C   . LEU A 1 105 ? 6.595   5.490   17.295  1.00 34.63 ? 105 LEU A C   1 
ATOM   829  O O   . LEU A 1 105 ? 7.141   5.578   16.191  1.00 32.43 ? 105 LEU A O   1 
ATOM   830  C CB  . LEU A 1 105 ? 4.919   3.639   17.207  1.00 35.87 ? 105 LEU A CB  1 
ATOM   831  C CG  . LEU A 1 105 ? 4.719   2.134   16.986  1.00 36.78 ? 105 LEU A CG  1 
ATOM   832  C CD1 . LEU A 1 105 ? 3.414   1.895   16.252  1.00 38.18 ? 105 LEU A CD1 1 
ATOM   833  C CD2 . LEU A 1 105 ? 5.873   1.535   16.211  1.00 36.75 ? 105 LEU A CD2 1 
ATOM   834  N N   . ALA A 1 106 ? 6.275   6.547   18.061  1.00 33.81 ? 106 ALA A N   1 
ATOM   835  C CA  . ALA A 1 106 ? 6.518   7.948   17.635  1.00 33.21 ? 106 ALA A CA  1 
ATOM   836  C C   . ALA A 1 106 ? 7.939   8.230   17.140  1.00 31.94 ? 106 ALA A C   1 
ATOM   837  O O   . ALA A 1 106 ? 8.137   8.972   16.205  1.00 32.68 ? 106 ALA A O   1 
ATOM   838  C CB  . ALA A 1 106 ? 6.109   8.960   18.748  1.00 34.18 ? 106 ALA A CB  1 
ATOM   839  N N   . ASN A 1 107 ? 8.925   7.600   17.744  1.00 30.91 ? 107 ASN A N   1 
ATOM   840  C CA  . ASN A 1 107 ? 10.318  7.846   17.412  1.00 29.36 ? 107 ASN A CA  1 
ATOM   841  C C   . ASN A 1 107 ? 10.857  6.772   16.451  1.00 26.25 ? 107 ASN A C   1 
ATOM   842  O O   . ASN A 1 107 ? 12.013  6.861   15.992  1.00 25.27 ? 107 ASN A O   1 
ATOM   843  C CB  . ASN A 1 107 ? 11.120  7.837   18.723  1.00 31.32 ? 107 ASN A CB  1 
ATOM   844  C CG  . ASN A 1 107 ? 10.778  6.600   19.604  1.00 37.75 ? 107 ASN A CG  1 
ATOM   845  O OD1 . ASN A 1 107 ? 9.600   6.185   19.663  1.00 42.95 ? 107 ASN A OD1 1 
ATOM   846  N ND2 . ASN A 1 107 ? 11.804  6.003   20.293  1.00 44.17 ? 107 ASN A ND2 1 
ATOM   847  N N   . LYS A 1 108 ? 10.027  5.769   16.165  1.00 21.83 ? 108 LYS A N   1 
ATOM   848  C CA  . LYS A 1 108 ? 10.447  4.642   15.362  1.00 21.37 ? 108 LYS A CA  1 
ATOM   849  C C   . LYS A 1 108 ? 10.011  4.685   13.901  1.00 19.44 ? 108 LYS A C   1 
ATOM   850  O O   . LYS A 1 108 ? 10.660  4.071   13.062  1.00 19.60 ? 108 LYS A O   1 
ATOM   851  C CB  . LYS A 1 108 ? 9.951   3.316   15.968  1.00 20.20 ? 108 LYS A CB  1 
ATOM   852  C CG  . LYS A 1 108 ? 10.600  3.035   17.354  1.00 25.17 ? 108 LYS A CG  1 
ATOM   853  C CD  . LYS A 1 108 ? 10.309  1.616   17.860  1.00 32.08 ? 108 LYS A CD  1 
ATOM   854  C CE  . LYS A 1 108 ? 11.046  1.408   19.201  1.00 34.33 ? 108 LYS A CE  1 
ATOM   855  N NZ  . LYS A 1 108 ? 10.555  2.397   20.239  1.00 34.53 ? 108 LYS A NZ  1 
ATOM   856  N N   . VAL A 1 109 ? 8.873   5.320   13.639  1.00 17.68 ? 109 VAL A N   1 
ATOM   857  C CA  . VAL A 1 109 ? 8.174   5.251   12.338  1.00 16.30 ? 109 VAL A CA  1 
ATOM   858  C C   . VAL A 1 109 ? 8.495   6.460   11.488  1.00 15.86 ? 109 VAL A C   1 
ATOM   859  O O   . VAL A 1 109 ? 8.353   7.584   11.942  1.00 16.15 ? 109 VAL A O   1 
ATOM   860  C CB  . VAL A 1 109 ? 6.642   5.099   12.516  1.00 15.38 ? 109 VAL A CB  1 
ATOM   861  C CG1 . VAL A 1 109 ? 5.880   5.270   11.153  1.00 17.68 ? 109 VAL A CG1 1 
ATOM   862  C CG2 . VAL A 1 109 ? 6.366   3.687   13.097  1.00 19.30 ? 109 VAL A CG2 1 
ATOM   863  N N   . ASP A 1 110 ? 8.997   6.216   10.290  1.00 14.81 ? 110 ASP A N   1 
ATOM   864  C CA  . ASP A 1 110 ? 9.084   7.316   9.309   1.00 15.55 ? 110 ASP A CA  1 
ATOM   865  C C   . ASP A 1 110 ? 7.831   7.437   8.419   1.00 12.75 ? 110 ASP A C   1 
ATOM   866  O O   . ASP A 1 110 ? 6.816   7.999   8.885   1.00 15.55 ? 110 ASP A O   1 
ATOM   867  C CB  . ASP A 1 110 ? 10.380  7.258   8.534   1.00 14.07 ? 110 ASP A CB  1 
ATOM   868  C CG  . ASP A 1 110 ? 10.529  8.444   7.557   1.00 18.79 ? 110 ASP A CG  1 
ATOM   869  O OD1 . ASP A 1 110 ? 11.195  8.277   6.528   1.00 23.57 ? 110 ASP A OD1 1 
ATOM   870  O OD2 . ASP A 1 110 ? 9.885   9.467   7.782   1.00 18.20 ? 110 ASP A OD2 1 
ATOM   871  N N   . MET A 1 111 ? 7.891   6.946   7.175   1.00 12.38 ? 111 MET A N   1 
ATOM   872  C CA  . MET A 1 111 ? 6.699   6.947   6.313   1.00 10.33 ? 111 MET A CA  1 
ATOM   873  C C   . MET A 1 111 ? 5.697   5.839   6.668   1.00 10.87 ? 111 MET A C   1 
ATOM   874  O O   . MET A 1 111 ? 6.083   4.801   7.254   1.00 9.60  ? 111 MET A O   1 
ATOM   875  C CB  . MET A 1 111 ? 7.116   6.797   4.856   1.00 12.12 ? 111 MET A CB  1 
ATOM   876  C CG  . MET A 1 111 ? 8.238   7.677   4.390   1.00 18.73 ? 111 MET A CG  1 
ATOM   877  S SD  . MET A 1 111 ? 8.493   7.512   2.595   1.00 22.91 ? 111 MET A SD  1 
ATOM   878  C CE  . MET A 1 111 ? 9.343   6.049   2.418   1.00 27.36 ? 111 MET A CE  1 
ATOM   879  N N   . VAL A 1 112 ? 4.390   6.087   6.408   1.00 10.67 ? 112 VAL A N   1 
ATOM   880  C CA  . VAL A 1 112 ? 3.348   5.048   6.582   1.00 9.37  ? 112 VAL A CA  1 
ATOM   881  C C   . VAL A 1 112 ? 2.787   4.670   5.226   1.00 10.06 ? 112 VAL A C   1 
ATOM   882  O O   . VAL A 1 112 ? 2.485   5.580   4.394   1.00 10.15 ? 112 VAL A O   1 
ATOM   883  C CB  . VAL A 1 112 ? 2.315   5.345   7.711   1.00 11.60 ? 112 VAL A CB  1 
ATOM   884  C CG1 . VAL A 1 112 ? 2.649   6.502   8.664   1.00 12.10 ? 112 VAL A CG1 1 
ATOM   885  C CG2 . VAL A 1 112 ? 0.958   4.642   7.598   1.00 7.71  ? 112 VAL A CG2 1 
ATOM   886  N N   . TRP A 1 113 ? 2.759   3.366   4.968   1.00 9.11  ? 113 TRP A N   1 
ATOM   887  C CA  . TRP A 1 113 ? 2.354   2.819   3.670   1.00 10.75 ? 113 TRP A CA  1 
ATOM   888  C C   . TRP A 1 113 ? 1.195   1.919   3.938   1.00 10.36 ? 113 TRP A C   1 
ATOM   889  O O   . TRP A 1 113 ? 1.341   0.900   4.631   1.00 12.64 ? 113 TRP A O   1 
ATOM   890  C CB  . TRP A 1 113 ? 3.517   2.015   3.063   1.00 10.06 ? 113 TRP A CB  1 
ATOM   891  C CG  . TRP A 1 113 ? 4.630   2.933   2.528   1.00 13.45 ? 113 TRP A CG  1 
ATOM   892  C CD1 . TRP A 1 113 ? 5.784   3.330   3.196   1.00 14.80 ? 113 TRP A CD1 1 
ATOM   893  C CD2 . TRP A 1 113 ? 4.660   3.583   1.248   1.00 13.04 ? 113 TRP A CD2 1 
ATOM   894  N NE1 . TRP A 1 113 ? 6.537   4.161   2.386   1.00 15.10 ? 113 TRP A NE1 1 
ATOM   895  C CE2 . TRP A 1 113 ? 5.865   4.342   1.190   1.00 16.82 ? 113 TRP A CE2 1 
ATOM   896  C CE3 . TRP A 1 113 ? 3.795   3.589   0.127   1.00 11.74 ? 113 TRP A CE3 1 
ATOM   897  C CZ2 . TRP A 1 113 ? 6.207   5.115   0.061   1.00 13.12 ? 113 TRP A CZ2 1 
ATOM   898  C CZ3 . TRP A 1 113 ? 4.166   4.334   -0.991  1.00 12.46 ? 113 TRP A CZ3 1 
ATOM   899  C CH2 . TRP A 1 113 ? 5.351   5.091   -1.006  1.00 13.08 ? 113 TRP A CH2 1 
ATOM   900  N N   . ILE A 1 114 ? 0.043   2.301   3.396   1.00 10.55 ? 114 ILE A N   1 
ATOM   901  C CA  . ILE A 1 114 ? -1.159  1.482   3.389   1.00 10.65 ? 114 ILE A CA  1 
ATOM   902  C C   . ILE A 1 114 ? -1.099  0.602   2.149   1.00 11.55 ? 114 ILE A C   1 
ATOM   903  O O   . ILE A 1 114 ? -1.051  1.072   1.011   1.00 10.08 ? 114 ILE A O   1 
ATOM   904  C CB  . ILE A 1 114 ? -2.434  2.369   3.386   1.00 11.95 ? 114 ILE A CB  1 
ATOM   905  C CG1 . ILE A 1 114 ? -2.485  3.155   4.710   1.00 13.23 ? 114 ILE A CG1 1 
ATOM   906  C CG2 . ILE A 1 114 ? -3.743  1.519   3.131   1.00 13.16 ? 114 ILE A CG2 1 
ATOM   907  C CD1 . ILE A 1 114 ? -3.440  4.307   4.739   1.00 18.79 ? 114 ILE A CD1 1 
ATOM   908  N N   . VAL A 1 115 ? -1.175  -0.696  2.393   1.00 14.41 ? 115 VAL A N   1 
ATOM   909  C CA  . VAL A 1 115 ? -0.970  -1.681  1.361   1.00 14.41 ? 115 VAL A CA  1 
ATOM   910  C C   . VAL A 1 115 ? -2.206  -2.557  1.162   1.00 15.69 ? 115 VAL A C   1 
ATOM   911  O O   . VAL A 1 115 ? -2.123  -3.530  0.472   1.00 15.80 ? 115 VAL A O   1 
ATOM   912  C CB  . VAL A 1 115 ? 0.309   -2.517  1.588   1.00 14.59 ? 115 VAL A CB  1 
ATOM   913  C CG1 . VAL A 1 115 ? 1.481   -1.673  1.621   1.00 13.59 ? 115 VAL A CG1 1 
ATOM   914  C CG2 . VAL A 1 115 ? 0.217   -3.423  2.862   1.00 16.07 ? 115 VAL A CG2 1 
ATOM   915  N N   . GLY A 1 116 ? -3.364  -2.118  1.666   1.00 15.78 ? 116 GLY A N   1 
ATOM   916  C CA  . GLY A 1 116 ? -4.661  -2.693  1.278   1.00 16.67 ? 116 GLY A CA  1 
ATOM   917  C C   . GLY A 1 116 ? -5.384  -3.316  2.447   1.00 15.91 ? 116 GLY A C   1 
ATOM   918  O O   . GLY A 1 116 ? -4.875  -3.281  3.570   1.00 16.55 ? 116 GLY A O   1 
ATOM   919  N N   . GLY A 1 117 ? -6.541  -3.933  2.210   1.00 16.86 ? 117 GLY A N   1 
ATOM   920  C CA  . GLY A 1 117 ? -7.202  -4.126  0.876   1.00 14.83 ? 117 GLY A CA  1 
ATOM   921  C C   . GLY A 1 117 ? -8.240  -3.033  0.623   1.00 15.27 ? 117 GLY A C   1 
ATOM   922  O O   . GLY A 1 117 ? -8.076  -1.890  1.068   1.00 12.48 ? 117 GLY A O   1 
ATOM   923  N N   . SER A 1 118 ? -9.320  -3.312  -0.120  1.00 15.63 ? 118 SER A N   1 
ATOM   924  C CA  . SER A 1 118 ? -9.975  -2.193  -0.774  1.00 16.02 ? 118 SER A CA  1 
ATOM   925  C C   . SER A 1 118 ? -10.718 -1.307  0.243   1.00 16.52 ? 118 SER A C   1 
ATOM   926  O O   . SER A 1 118 ? -10.713 -0.110  0.095   1.00 14.76 ? 118 SER A O   1 
ATOM   927  C CB  . SER A 1 118 ? -10.902 -2.684  -1.871  1.00 18.33 ? 118 SER A CB  1 
ATOM   928  O OG  . SER A 1 118 ? -11.712 -3.558  -1.230  1.00 20.70 ? 118 SER A OG  1 
ATOM   929  N N   . SER A 1 119 ? -11.243 -1.874  1.342   1.00 16.26 ? 119 SER A N   1 
ATOM   930  C CA  . SER A 1 119 ? -11.909 -1.013  2.327   1.00 17.84 ? 119 SER A CA  1 
ATOM   931  C C   . SER A 1 119 ? -10.919 -0.083  3.092   1.00 17.21 ? 119 SER A C   1 
ATOM   932  O O   . SER A 1 119 ? -11.317 0.988   3.534   1.00 16.45 ? 119 SER A O   1 
ATOM   933  C CB  . SER A 1 119 ? -12.826 -1.793  3.309   1.00 17.83 ? 119 SER A CB  1 
ATOM   934  O OG  . SER A 1 119 ? -12.022 -2.611  4.100   1.00 21.07 ? 119 SER A OG  1 
ATOM   935  N N   . VAL A 1 120 ? -9.648  -0.495  3.228   1.00 17.69 ? 120 VAL A N   1 
ATOM   936  C CA  . VAL A 1 120 ? -8.655  0.311   3.958   1.00 16.62 ? 120 VAL A CA  1 
ATOM   937  C C   . VAL A 1 120 ? -8.184  1.438   2.999   1.00 15.39 ? 120 VAL A C   1 
ATOM   938  O O   . VAL A 1 120 ? -8.076  2.639   3.366   1.00 14.51 ? 120 VAL A O   1 
ATOM   939  C CB  . VAL A 1 120 ? -7.460  -0.540  4.393   1.00 16.86 ? 120 VAL A CB  1 
ATOM   940  C CG1 . VAL A 1 120 ? -6.472  0.314   5.211   1.00 16.54 ? 120 VAL A CG1 1 
ATOM   941  C CG2 . VAL A 1 120 ? -7.942  -1.679  5.300   1.00 18.11 ? 120 VAL A CG2 1 
ATOM   942  N N   . TYR A 1 121 ? -7.963  1.055   1.746   1.00 14.21 ? 121 TYR A N   1 
ATOM   943  C CA  . TYR A 1 121 ? -7.771  2.102   0.719   1.00 12.24 ? 121 TYR A CA  1 
ATOM   944  C C   . TYR A 1 121 ? -8.894  3.121   0.737   1.00 12.73 ? 121 TYR A C   1 
ATOM   945  O O   . TYR A 1 121 ? -8.638  4.346   0.803   1.00 13.37 ? 121 TYR A O   1 
ATOM   946  C CB  . TYR A 1 121 ? -7.675  1.467   -0.646  1.00 11.25 ? 121 TYR A CB  1 
ATOM   947  C CG  . TYR A 1 121 ? -6.413  0.675   -0.904  1.00 8.65  ? 121 TYR A CG  1 
ATOM   948  C CD1 . TYR A 1 121 ? -6.493  -0.561  -1.515  1.00 7.93  ? 121 TYR A CD1 1 
ATOM   949  C CD2 . TYR A 1 121 ? -5.150  1.215   -0.630  1.00 9.31  ? 121 TYR A CD2 1 
ATOM   950  C CE1 . TYR A 1 121 ? -5.318  -1.264  -1.874  1.00 7.78  ? 121 TYR A CE1 1 
ATOM   951  C CE2 . TYR A 1 121 ? -3.950  0.484   -0.914  1.00 10.39 ? 121 TYR A CE2 1 
ATOM   952  C CZ  . TYR A 1 121 ? -4.058  -0.767  -1.547  1.00 12.32 ? 121 TYR A CZ  1 
ATOM   953  O OH  . TYR A 1 121 ? -2.934  -1.556  -1.882  1.00 10.67 ? 121 TYR A OH  1 
ATOM   954  N N   . LYS A 1 122 ? -10.138 2.664   0.688   1.00 12.90 ? 122 LYS A N   1 
ATOM   955  C CA  . LYS A 1 122 ? -11.257 3.602   0.590   1.00 14.10 ? 122 LYS A CA  1 
ATOM   956  C C   . LYS A 1 122 ? -11.289 4.598   1.791   1.00 14.19 ? 122 LYS A C   1 
ATOM   957  O O   . LYS A 1 122 ? -11.383 5.826   1.611   1.00 14.56 ? 122 LYS A O   1 
ATOM   958  C CB  . LYS A 1 122 ? -12.581 2.839   0.443   1.00 14.13 ? 122 LYS A CB  1 
ATOM   959  C CG  . LYS A 1 122 ? -13.794 3.827   0.172   1.00 18.15 ? 122 LYS A CG  1 
ATOM   960  C CD  . LYS A 1 122 ? -15.022 3.036   -0.269  1.00 23.36 ? 122 LYS A CD  1 
ATOM   961  C CE  . LYS A 1 122 ? -16.303 3.873   -0.082  1.00 26.43 ? 122 LYS A CE  1 
ATOM   962  N NZ  . LYS A 1 122 ? -17.445 2.955   -0.523  1.00 30.72 ? 122 LYS A NZ  1 
ATOM   963  N N   . GLU A 1 123 ? -11.135 4.088   3.021   1.00 16.36 ? 123 GLU A N   1 
ATOM   964  C CA  . GLU A 1 123 ? -11.213 5.026   4.139   1.00 18.55 ? 123 GLU A CA  1 
ATOM   965  C C   . GLU A 1 123 ? -10.017 6.023   4.139   1.00 17.44 ? 123 GLU A C   1 
ATOM   966  O O   . GLU A 1 123 ? -10.223 7.221   4.354   1.00 17.62 ? 123 GLU A O   1 
ATOM   967  C CB  . GLU A 1 123 ? -11.378 4.314   5.489   1.00 19.47 ? 123 GLU A CB  1 
ATOM   968  C CG  . GLU A 1 123 ? -10.370 3.288   5.728   1.00 23.94 ? 123 GLU A CG  1 
ATOM   969  C CD  . GLU A 1 123 ? -10.594 2.536   7.067   1.00 30.49 ? 123 GLU A CD  1 
ATOM   970  O OE1 . GLU A 1 123 ? -10.402 1.296   7.079   1.00 31.16 ? 123 GLU A OE1 1 
ATOM   971  O OE2 . GLU A 1 123 ? -10.931 3.195   8.083   1.00 31.21 ? 123 GLU A OE2 1 
ATOM   972  N N   . ALA A 1 124 ? -8.803  5.541   3.853   1.00 14.67 ? 124 ALA A N   1 
ATOM   973  C CA  . ALA A 1 124 ? -7.636  6.445   3.745   1.00 15.26 ? 124 ALA A CA  1 
ATOM   974  C C   . ALA A 1 124 ? -7.907  7.513   2.702   1.00 14.29 ? 124 ALA A C   1 
ATOM   975  O O   . ALA A 1 124 ? -7.640  8.674   2.920   1.00 14.73 ? 124 ALA A O   1 
ATOM   976  C CB  . ALA A 1 124 ? -6.363  5.659   3.400   1.00 14.49 ? 124 ALA A CB  1 
ATOM   977  N N   . MET A 1 125 ? -8.487  7.108   1.560   1.00 13.94 ? 125 MET A N   1 
ATOM   978  C CA  . MET A 1 125 ? -8.611  7.979   0.387   1.00 15.37 ? 125 MET A CA  1 
ATOM   979  C C   . MET A 1 125 ? -9.620  9.109   0.602   1.00 17.84 ? 125 MET A C   1 
ATOM   980  O O   . MET A 1 125 ? -9.502  10.191  -0.035  1.00 18.90 ? 125 MET A O   1 
ATOM   981  C CB  . MET A 1 125 ? -8.960  7.146   -0.854  1.00 14.31 ? 125 MET A CB  1 
ATOM   982  C CG  . MET A 1 125 ? -7.678  6.546   -1.450  1.00 14.84 ? 125 MET A CG  1 
ATOM   983  S SD  . MET A 1 125 ? -8.063  5.170   -2.553  1.00 16.54 ? 125 MET A SD  1 
ATOM   984  C CE  . MET A 1 125 ? -8.672  6.130   -3.949  1.00 13.80 ? 125 MET A CE  1 
ATOM   985  N N   . ASN A 1 126 ? -10.566 8.841   1.514   1.00 19.10 ? 126 ASN A N   1 
ATOM   986  C CA  . ASN A 1 126 ? -11.723 9.689   1.803   1.00 22.25 ? 126 ASN A CA  1 
ATOM   987  C C   . ASN A 1 126 ? -11.520 10.467  3.097   1.00 22.33 ? 126 ASN A C   1 
ATOM   988  O O   . ASN A 1 126 ? -12.391 11.258  3.504   1.00 22.71 ? 126 ASN A O   1 
ATOM   989  C CB  . ASN A 1 126 ? -13.016 8.854   1.945   1.00 22.35 ? 126 ASN A CB  1 
ATOM   990  C CG  . ASN A 1 126 ? -13.711 8.547   0.599   1.00 28.40 ? 126 ASN A CG  1 
ATOM   991  O OD1 . ASN A 1 126 ? -13.505 9.231   -0.426  1.00 32.68 ? 126 ASN A OD1 1 
ATOM   992  N ND2 . ASN A 1 126 ? -14.581 7.494   0.608   1.00 33.50 ? 126 ASN A ND2 1 
ATOM   993  N N   . HIS A 1 127 ? -10.384 10.244  3.751   1.00 22.27 ? 127 HIS A N   1 
ATOM   994  C CA  . HIS A 1 127 ? -10.136 10.965  4.987   1.00 23.41 ? 127 HIS A CA  1 
ATOM   995  C C   . HIS A 1 127 ? -9.369  12.274  4.716   1.00 23.01 ? 127 HIS A C   1 
ATOM   996  O O   . HIS A 1 127 ? -8.377  12.288  3.980   1.00 22.51 ? 127 HIS A O   1 
ATOM   997  C CB  . HIS A 1 127 ? -9.424  10.066  5.979   1.00 22.78 ? 127 HIS A CB  1 
ATOM   998  C CG  . HIS A 1 127 ? -9.446  10.563  7.403   1.00 26.53 ? 127 HIS A CG  1 
ATOM   999  N ND1 . HIS A 1 127 ? -8.580  11.538  7.865   1.00 29.68 ? 127 HIS A ND1 1 
ATOM   1000 C CD2 . HIS A 1 127 ? -10.163 10.157  8.486   1.00 26.38 ? 127 HIS A CD2 1 
ATOM   1001 C CE1 . HIS A 1 127 ? -8.769  11.725  9.168   1.00 32.19 ? 127 HIS A CE1 1 
ATOM   1002 N NE2 . HIS A 1 127 ? -9.730  10.907  9.568   1.00 31.08 ? 127 HIS A NE2 1 
ATOM   1003 N N   . PRO A 1 128 ? -9.824  13.388  5.333   1.00 23.20 ? 128 PRO A N   1 
ATOM   1004 C CA  . PRO A 1 128 ? -9.102  14.642  5.095   1.00 22.66 ? 128 PRO A CA  1 
ATOM   1005 C C   . PRO A 1 128 ? -7.608  14.617  5.445   1.00 22.30 ? 128 PRO A C   1 
ATOM   1006 O O   . PRO A 1 128 ? -7.194  14.047  6.466   1.00 23.54 ? 128 PRO A O   1 
ATOM   1007 C CB  . PRO A 1 128 ? -9.878  15.664  5.944   1.00 24.05 ? 128 PRO A CB  1 
ATOM   1008 C CG  . PRO A 1 128 ? -11.286 15.050  6.046   1.00 24.48 ? 128 PRO A CG  1 
ATOM   1009 C CD  . PRO A 1 128 ? -10.995 13.577  6.214   1.00 23.34 ? 128 PRO A CD  1 
ATOM   1010 N N   . GLY A 1 129 ? -6.776  15.220  4.606   1.00 21.54 ? 129 GLY A N   1 
ATOM   1011 C CA  . GLY A 1 129 ? -5.360  15.371  5.000   1.00 19.09 ? 129 GLY A CA  1 
ATOM   1012 C C   . GLY A 1 129 ? -4.447  15.228  3.797   1.00 17.76 ? 129 GLY A C   1 
ATOM   1013 O O   . GLY A 1 129 ? -4.938  15.148  2.652   1.00 16.67 ? 129 GLY A O   1 
ATOM   1014 N N   . HIS A 1 130 ? -3.140  15.222  4.072   1.00 14.81 ? 130 HIS A N   1 
ATOM   1015 C CA  . HIS A 1 130 ? -2.104  15.133  3.045   1.00 15.38 ? 130 HIS A CA  1 
ATOM   1016 C C   . HIS A 1 130 ? -1.883  13.631  2.762   1.00 14.02 ? 130 HIS A C   1 
ATOM   1017 O O   . HIS A 1 130 ? -1.527  12.866  3.673   1.00 12.76 ? 130 HIS A O   1 
ATOM   1018 C CB  . HIS A 1 130 ? -0.841  15.862  3.557   1.00 15.76 ? 130 HIS A CB  1 
ATOM   1019 C CG  . HIS A 1 130 ? 0.269   16.025  2.558   1.00 15.22 ? 130 HIS A CG  1 
ATOM   1020 N ND1 . HIS A 1 130 ? 0.164   15.691  1.226   1.00 19.40 ? 130 HIS A ND1 1 
ATOM   1021 C CD2 . HIS A 1 130 ? 1.533   16.493  2.727   1.00 12.51 ? 130 HIS A CD2 1 
ATOM   1022 C CE1 . HIS A 1 130 ? 1.313   15.944  0.617   1.00 14.11 ? 130 HIS A CE1 1 
ATOM   1023 N NE2 . HIS A 1 130 ? 2.149   16.443  1.510   1.00 18.52 ? 130 HIS A NE2 1 
ATOM   1024 N N   . LEU A 1 131 ? -2.147  13.196  1.520   1.00 11.10 ? 131 LEU A N   1 
ATOM   1025 C CA  . LEU A 1 131 ? -2.061  11.755  1.216   1.00 10.35 ? 131 LEU A CA  1 
ATOM   1026 C C   . LEU A 1 131 ? -1.569  11.569  -0.215  1.00 11.84 ? 131 LEU A C   1 
ATOM   1027 O O   . LEU A 1 131 ? -2.019  12.300  -1.141  1.00 10.90 ? 131 LEU A O   1 
ATOM   1028 C CB  . LEU A 1 131 ? -3.439  11.042  1.334   1.00 9.93  ? 131 LEU A CB  1 
ATOM   1029 C CG  . LEU A 1 131 ? -3.556  9.539   0.977   1.00 13.44 ? 131 LEU A CG  1 
ATOM   1030 C CD1 . LEU A 1 131 ? -2.769  8.660   2.035   1.00 15.56 ? 131 LEU A CD1 1 
ATOM   1031 C CD2 . LEU A 1 131 ? -4.998  9.157   0.981   1.00 14.69 ? 131 LEU A CD2 1 
ATOM   1032 N N   . LYS A 1 132 ? -0.635  10.633  -0.401  1.00 9.89  ? 132 LYS A N   1 
ATOM   1033 C CA  . LYS A 1 132 ? -0.267  10.307  -1.774  1.00 9.72  ? 132 LYS A CA  1 
ATOM   1034 C C   . LYS A 1 132 ? -0.672  8.879   -2.065  1.00 9.79  ? 132 LYS A C   1 
ATOM   1035 O O   . LYS A 1 132 ? -0.654  8.041   -1.146  1.00 9.75  ? 132 LYS A O   1 
ATOM   1036 C CB  . LYS A 1 132 ? 1.213   10.483  -2.071  1.00 10.21 ? 132 LYS A CB  1 
ATOM   1037 C CG  . LYS A 1 132 ? 1.702   12.007  -2.066  1.00 9.91  ? 132 LYS A CG  1 
ATOM   1038 C CD  . LYS A 1 132 ? 3.132   12.018  -2.733  1.00 20.30 ? 132 LYS A CD  1 
ATOM   1039 C CE  . LYS A 1 132 ? 4.147   11.752  -1.746  1.00 20.62 ? 132 LYS A CE  1 
ATOM   1040 N NZ  . LYS A 1 132 ? 4.212   12.860  -0.738  1.00 26.77 ? 132 LYS A NZ  1 
ATOM   1041 N N   . LEU A 1 133 ? -1.024  8.657   -3.344  1.00 9.19  ? 133 LEU A N   1 
ATOM   1042 C CA  . LEU A 1 133 ? -1.319  7.328   -3.908  1.00 9.68  ? 133 LEU A CA  1 
ATOM   1043 C C   . LEU A 1 133 ? -0.240  6.920   -4.933  1.00 8.87  ? 133 LEU A C   1 
ATOM   1044 O O   . LEU A 1 133 ? -0.037  7.589   -5.946  1.00 10.15 ? 133 LEU A O   1 
ATOM   1045 C CB  . LEU A 1 133 ? -2.634  7.377   -4.662  1.00 9.09  ? 133 LEU A CB  1 
ATOM   1046 C CG  . LEU A 1 133 ? -3.963  7.602   -3.927  1.00 9.28  ? 133 LEU A CG  1 
ATOM   1047 C CD1 . LEU A 1 133 ? -4.089  7.564   -2.404  1.00 7.66  ? 133 LEU A CD1 1 
ATOM   1048 C CD2 . LEU A 1 133 ? -5.160  7.993   -4.776  1.00 8.68  ? 133 LEU A CD2 1 
ATOM   1049 N N   . PHE A 1 134 ? 0.435   5.814   -4.670  1.00 6.40  ? 134 PHE A N   1 
ATOM   1050 C CA  . PHE A 1 134 ? 1.405   5.271   -5.644  1.00 7.60  ? 134 PHE A CA  1 
ATOM   1051 C C   . PHE A 1 134 ? 0.753   4.108   -6.337  1.00 7.30  ? 134 PHE A C   1 
ATOM   1052 O O   . PHE A 1 134 ? 0.492   3.082   -5.756  1.00 8.12  ? 134 PHE A O   1 
ATOM   1053 C CB  . PHE A 1 134 ? 2.733   4.825   -4.987  1.00 7.50  ? 134 PHE A CB  1 
ATOM   1054 C CG  . PHE A 1 134 ? 3.556   5.970   -4.495  1.00 11.03 ? 134 PHE A CG  1 
ATOM   1055 C CD1 . PHE A 1 134 ? 3.139   6.702   -3.359  1.00 9.63  ? 134 PHE A CD1 1 
ATOM   1056 C CD2 . PHE A 1 134 ? 4.791   6.285   -5.107  1.00 7.02  ? 134 PHE A CD2 1 
ATOM   1057 C CE1 . PHE A 1 134 ? 3.888   7.788   -2.864  1.00 10.38 ? 134 PHE A CE1 1 
ATOM   1058 C CE2 . PHE A 1 134 ? 5.543   7.440   -4.616  1.00 9.21  ? 134 PHE A CE2 1 
ATOM   1059 C CZ  . PHE A 1 134 ? 5.091   8.120   -3.458  1.00 6.81  ? 134 PHE A CZ  1 
ATOM   1060 N N   . VAL A 1 135 ? 0.419   4.331   -7.589  1.00 8.48  ? 135 VAL A N   1 
ATOM   1061 C CA  . VAL A 1 135 ? -0.530  3.489   -8.300  1.00 9.34  ? 135 VAL A CA  1 
ATOM   1062 C C   . VAL A 1 135 ? 0.198   2.979   -9.531  1.00 9.20  ? 135 VAL A C   1 
ATOM   1063 O O   . VAL A 1 135 ? 0.574   3.762   -10.405 1.00 9.83  ? 135 VAL A O   1 
ATOM   1064 C CB  . VAL A 1 135 ? -1.756  4.286   -8.820  1.00 9.36  ? 135 VAL A CB  1 
ATOM   1065 C CG1 . VAL A 1 135 ? -2.633  3.389   -9.659  1.00 12.50 ? 135 VAL A CG1 1 
ATOM   1066 C CG2 . VAL A 1 135 ? -2.627  4.786   -7.680  1.00 11.92 ? 135 VAL A CG2 1 
ATOM   1067 N N   . THR A 1 136 ? 0.302   1.654   -9.639  1.00 9.52  ? 136 THR A N   1 
ATOM   1068 C CA  . THR A 1 136 ? 0.802   1.073   -10.884 1.00 9.65  ? 136 THR A CA  1 
ATOM   1069 C C   . THR A 1 136 ? -0.409  0.679   -11.772 1.00 9.56  ? 136 THR A C   1 
ATOM   1070 O O   . THR A 1 136 ? -1.224  -0.112  -11.360 1.00 8.73  ? 136 THR A O   1 
ATOM   1071 C CB  . THR A 1 136 ? 1.623   -0.152  -10.572 1.00 10.33 ? 136 THR A CB  1 
ATOM   1072 O OG1 . THR A 1 136 ? 2.682   0.218   -9.664  1.00 11.89 ? 136 THR A OG1 1 
ATOM   1073 C CG2 . THR A 1 136 ? 2.184   -0.736  -11.886 1.00 12.88 ? 136 THR A CG2 1 
ATOM   1074 N N   . ARG A 1 137 ? -0.509  1.259   -12.967 1.00 7.87  ? 137 ARG A N   1 
ATOM   1075 C CA  . ARG A 1 137 ? -1.577  0.933   -13.909 1.00 8.60  ? 137 ARG A CA  1 
ATOM   1076 C C   . ARG A 1 137 ? -1.187  -0.263  -14.736 1.00 9.31  ? 137 ARG A C   1 
ATOM   1077 O O   . ARG A 1 137 ? -0.278  -0.149  -15.501 1.00 10.73 ? 137 ARG A O   1 
ATOM   1078 C CB  . ARG A 1 137 ? -1.753  2.130   -14.832 1.00 7.28  ? 137 ARG A CB  1 
ATOM   1079 C CG  . ARG A 1 137 ? -2.150  3.378   -14.027 1.00 8.47  ? 137 ARG A CG  1 
ATOM   1080 C CD  . ARG A 1 137 ? -3.613  3.273   -13.558 1.00 11.80 ? 137 ARG A CD  1 
ATOM   1081 N NE  . ARG A 1 137 ? -4.096  4.553   -13.005 1.00 11.36 ? 137 ARG A NE  1 
ATOM   1082 C CZ  . ARG A 1 137 ? -5.327  4.739   -12.501 1.00 13.05 ? 137 ARG A CZ  1 
ATOM   1083 N NH1 . ARG A 1 137 ? -6.209  3.761   -12.452 1.00 12.33 ? 137 ARG A NH1 1 
ATOM   1084 N NH2 . ARG A 1 137 ? -5.669  5.903   -12.059 1.00 8.96  ? 137 ARG A NH2 1 
ATOM   1085 N N   . ILE A 1 138 ? -1.821  -1.409  -14.542 1.00 10.95 ? 138 ILE A N   1 
ATOM   1086 C CA  . ILE A 1 138 ? -1.522  -2.601  -15.338 1.00 12.26 ? 138 ILE A CA  1 
ATOM   1087 C C   . ILE A 1 138 ? -2.482  -2.452  -16.491 1.00 12.71 ? 138 ILE A C   1 
ATOM   1088 O O   . ILE A 1 138 ? -3.717  -2.365  -16.261 1.00 11.80 ? 138 ILE A O   1 
ATOM   1089 C CB  . ILE A 1 138 ? -1.865  -3.927  -14.604 1.00 13.45 ? 138 ILE A CB  1 
ATOM   1090 C CG1 . ILE A 1 138 ? -1.188  -3.957  -13.192 1.00 16.87 ? 138 ILE A CG1 1 
ATOM   1091 C CG2 . ILE A 1 138 ? -1.557  -5.173  -15.558 1.00 11.77 ? 138 ILE A CG2 1 
ATOM   1092 C CD1 . ILE A 1 138 ? 0.255   -4.197  -13.221 1.00 19.58 ? 138 ILE A CD1 1 
ATOM   1093 N N   . MET A 1 139 ? -1.933  -2.328  -17.713 1.00 14.53 ? 139 MET A N   1 
ATOM   1094 C CA  . MET A 1 139 ? -2.757  -1.772  -18.802 1.00 17.24 ? 139 MET A CA  1 
ATOM   1095 C C   . MET A 1 139 ? -3.489  -2.832  -19.638 1.00 18.93 ? 139 MET A C   1 
ATOM   1096 O O   . MET A 1 139 ? -3.489  -2.755  -20.892 1.00 19.35 ? 139 MET A O   1 
ATOM   1097 C CB  . MET A 1 139 ? -1.903  -0.819  -19.667 1.00 18.45 ? 139 MET A CB  1 
ATOM   1098 C CG  . MET A 1 139 ? -1.073  0.144   -18.789 1.00 18.55 ? 139 MET A CG  1 
ATOM   1099 S SD  . MET A 1 139 ? 0.265   0.984   -19.695 1.00 28.92 ? 139 MET A SD  1 
ATOM   1100 C CE  . MET A 1 139 ? -1.018  1.937   -20.229 1.00 7.99  ? 139 MET A CE  1 
ATOM   1101 N N   . GLN A 1 140 ? -4.151  -3.759  -18.931 1.00 17.49 ? 140 GLN A N   1 
ATOM   1102 C CA  . GLN A 1 140 ? -4.923  -4.880  -19.487 1.00 18.22 ? 140 GLN A CA  1 
ATOM   1103 C C   . GLN A 1 140 ? -6.038  -5.161  -18.471 1.00 18.45 ? 140 GLN A C   1 
ATOM   1104 O O   . GLN A 1 140 ? -5.885  -4.888  -17.254 1.00 17.96 ? 140 GLN A O   1 
ATOM   1105 C CB  . GLN A 1 140 ? -4.083  -6.158  -19.582 1.00 17.93 ? 140 GLN A CB  1 
ATOM   1106 C CG  . GLN A 1 140 ? -3.007  -6.190  -20.648 1.00 22.17 ? 140 GLN A CG  1 
ATOM   1107 C CD  . GLN A 1 140 ? -2.479  -7.570  -20.867 1.00 26.97 ? 140 GLN A CD  1 
ATOM   1108 O OE1 . GLN A 1 140 ? -3.171  -8.571  -20.591 1.00 27.76 ? 140 GLN A OE1 1 
ATOM   1109 N NE2 . GLN A 1 140 ? -1.260  -7.657  -21.403 1.00 24.56 ? 140 GLN A NE2 1 
ATOM   1110 N N   . ASP A 1 141 ? -7.133  -5.764  -18.942 1.00 18.84 ? 141 ASP A N   1 
ATOM   1111 C CA  . ASP A 1 141 ? -8.222  -6.202  -18.034 1.00 19.10 ? 141 ASP A CA  1 
ATOM   1112 C C   . ASP A 1 141 ? -7.807  -7.586  -17.504 1.00 18.58 ? 141 ASP A C   1 
ATOM   1113 O O   . ASP A 1 141 ? -7.231  -8.399  -18.251 1.00 17.48 ? 141 ASP A O   1 
ATOM   1114 C CB  . ASP A 1 141 ? -9.594  -6.231  -18.736 1.00 19.71 ? 141 ASP A CB  1 
ATOM   1115 C CG  . ASP A 1 141 ? -10.241 -4.830  -18.869 1.00 24.66 ? 141 ASP A CG  1 
ATOM   1116 O OD1 . ASP A 1 141 ? -9.804  -3.875  -18.227 1.00 30.24 ? 141 ASP A OD1 1 
ATOM   1117 O OD2 . ASP A 1 141 ? -11.258 -4.668  -19.583 1.00 30.76 ? 141 ASP A OD2 1 
ATOM   1118 N N   . PHE A 1 142 ? -8.028  -7.811  -16.203 1.00 17.87 ? 142 PHE A N   1 
ATOM   1119 C CA  . PHE A 1 142 ? -7.726  -9.107  -15.568 1.00 18.33 ? 142 PHE A CA  1 
ATOM   1120 C C   . PHE A 1 142 ? -8.912  -9.460  -14.677 1.00 18.88 ? 142 PHE A C   1 
ATOM   1121 O O   . PHE A 1 142 ? -9.482  -8.577  -14.001 1.00 18.11 ? 142 PHE A O   1 
ATOM   1122 C CB  . PHE A 1 142 ? -6.414  -9.087  -14.762 1.00 18.05 ? 142 PHE A CB  1 
ATOM   1123 C CG  . PHE A 1 142 ? -5.166  -9.243  -15.608 1.00 15.91 ? 142 PHE A CG  1 
ATOM   1124 C CD1 . PHE A 1 142 ? -4.805  -10.475 -16.140 1.00 20.63 ? 142 PHE A CD1 1 
ATOM   1125 C CD2 . PHE A 1 142 ? -4.329  -8.112  -15.863 1.00 15.42 ? 142 PHE A CD2 1 
ATOM   1126 C CE1 . PHE A 1 142 ? -3.647  -10.610 -16.895 1.00 20.96 ? 142 PHE A CE1 1 
ATOM   1127 C CE2 . PHE A 1 142 ? -3.185  -8.231  -16.627 1.00 16.17 ? 142 PHE A CE2 1 
ATOM   1128 C CZ  . PHE A 1 142 ? -2.820  -9.486  -17.142 1.00 17.99 ? 142 PHE A CZ  1 
ATOM   1129 N N   . GLU A 1 143 ? -9.337  -10.728 -14.742 1.00 17.49 ? 143 GLU A N   1 
ATOM   1130 C CA  . GLU A 1 143 ? -10.470 -11.130 -13.956 1.00 17.14 ? 143 GLU A CA  1 
ATOM   1131 C C   . GLU A 1 143 ? -10.119 -10.938 -12.448 1.00 15.16 ? 143 GLU A C   1 
ATOM   1132 O O   . GLU A 1 143 ? -9.051  -11.341 -12.025 1.00 15.74 ? 143 GLU A O   1 
ATOM   1133 C CB  . GLU A 1 143 ? -10.831 -12.584 -14.248 1.00 17.07 ? 143 GLU A CB  1 
ATOM   1134 C CG  . GLU A 1 143 ? -12.028 -13.093 -13.378 1.00 18.40 ? 143 GLU A CG  1 
ATOM   1135 C CD  . GLU A 1 143 ? -12.259 -14.640 -13.470 1.00 20.56 ? 143 GLU A CD  1 
ATOM   1136 O OE1 . GLU A 1 143 ? -13.371 -15.045 -13.130 1.00 23.07 ? 143 GLU A OE1 1 
ATOM   1137 O OE2 . GLU A 1 143 ? -11.341 -15.415 -13.800 1.00 25.37 ? 143 GLU A OE2 1 
ATOM   1138 N N   . SER A 1 144 ? -11.026 -10.305 -11.694 1.00 14.41 ? 144 SER A N   1 
ATOM   1139 C CA  . SER A 1 144 ? -10.779 -9.913  -10.288 1.00 15.08 ? 144 SER A CA  1 
ATOM   1140 C C   . SER A 1 144 ? -12.077 -10.016 -9.458  1.00 15.01 ? 144 SER A C   1 
ATOM   1141 O O   . SER A 1 144 ? -13.196 -9.972  -9.998  1.00 15.98 ? 144 SER A O   1 
ATOM   1142 C CB  . SER A 1 144 ? -10.287 -8.446  -10.210 1.00 14.28 ? 144 SER A CB  1 
ATOM   1143 O OG  . SER A 1 144 ? -9.152  -8.253  -11.031 1.00 12.83 ? 144 SER A OG  1 
ATOM   1144 N N   . ASP A 1 145 ? -11.931 -10.156 -8.153  1.00 13.42 ? 145 ASP A N   1 
ATOM   1145 C CA  . ASP A 1 145 ? -13.087 -10.073 -7.290  1.00 13.38 ? 145 ASP A CA  1 
ATOM   1146 C C   . ASP A 1 145 ? -12.963 -8.974  -6.200  1.00 14.29 ? 145 ASP A C   1 
ATOM   1147 O O   . ASP A 1 145 ? -13.856 -8.837  -5.297  1.00 15.24 ? 145 ASP A O   1 
ATOM   1148 C CB  . ASP A 1 145 ? -13.441 -11.497 -6.732  1.00 13.66 ? 145 ASP A CB  1 
ATOM   1149 C CG  . ASP A 1 145 ? -12.456 -11.973 -5.636  1.00 13.13 ? 145 ASP A CG  1 
ATOM   1150 O OD1 . ASP A 1 145 ? -11.424 -11.327 -5.418  1.00 13.01 ? 145 ASP A OD1 1 
ATOM   1151 O OD2 . ASP A 1 145 ? -12.685 -13.025 -5.000  1.00 14.78 ? 145 ASP A OD2 1 
ATOM   1152 N N   A THR A 1 146 ? -11.869 -8.214  -6.247  0.50 13.45 ? 146 THR A N   1 
ATOM   1153 N N   B THR A 1 146 ? -11.866 -8.211  -6.248  0.50 13.24 ? 146 THR A N   1 
ATOM   1154 C CA  A THR A 1 146 ? -11.723 -7.084  -5.345  0.50 13.12 ? 146 THR A CA  1 
ATOM   1155 C CA  B THR A 1 146 ? -11.725 -7.062  -5.365  0.50 12.68 ? 146 THR A CA  1 
ATOM   1156 C C   A THR A 1 146 ? -11.138 -5.928  -6.140  0.50 12.63 ? 146 THR A C   1 
ATOM   1157 C C   B THR A 1 146 ? -11.162 -5.923  -6.173  0.50 12.38 ? 146 THR A C   1 
ATOM   1158 O O   A THR A 1 146 ? -10.315 -6.144  -7.047  0.50 11.69 ? 146 THR A O   1 
ATOM   1159 O O   B THR A 1 146 ? -10.363 -6.135  -7.098  0.50 11.52 ? 146 THR A O   1 
ATOM   1160 C CB  A THR A 1 146 ? -10.888 -7.432  -4.041  0.50 12.68 ? 146 THR A CB  1 
ATOM   1161 C CB  B THR A 1 146 ? -10.821 -7.341  -4.111  0.50 12.13 ? 146 THR A CB  1 
ATOM   1162 O OG1 A THR A 1 146 ? -9.644  -8.059  -4.362  0.50 14.03 ? 146 THR A OG1 1 
ATOM   1163 O OG1 B THR A 1 146 ? -10.982 -6.285  -3.159  0.50 10.91 ? 146 THR A OG1 1 
ATOM   1164 C CG2 A THR A 1 146 ? -11.646 -8.382  -3.138  0.50 12.00 ? 146 THR A CG2 1 
ATOM   1165 C CG2 B THR A 1 146 ? -9.353  -7.406  -4.463  0.50 12.52 ? 146 THR A CG2 1 
ATOM   1166 N N   . PHE A 1 147 ? -11.560 -4.705  -5.819  1.00 12.13 ? 147 PHE A N   1 
ATOM   1167 C CA  . PHE A 1 147 ? -11.271 -3.567  -6.696  1.00 12.29 ? 147 PHE A CA  1 
ATOM   1168 C C   . PHE A 1 147 ? -10.748 -2.340  -5.945  1.00 12.28 ? 147 PHE A C   1 
ATOM   1169 O O   . PHE A 1 147 ? -11.096 -2.141  -4.778  1.00 10.62 ? 147 PHE A O   1 
ATOM   1170 C CB  . PHE A 1 147 ? -12.525 -3.215  -7.492  1.00 14.08 ? 147 PHE A CB  1 
ATOM   1171 C CG  . PHE A 1 147 ? -13.056 -4.357  -8.309  1.00 14.77 ? 147 PHE A CG  1 
ATOM   1172 C CD1 . PHE A 1 147 ? -13.737 -5.428  -7.706  1.00 17.99 ? 147 PHE A CD1 1 
ATOM   1173 C CD2 . PHE A 1 147 ? -12.855 -4.386  -9.678  1.00 18.46 ? 147 PHE A CD2 1 
ATOM   1174 C CE1 . PHE A 1 147 ? -14.188 -6.521  -8.486  1.00 17.55 ? 147 PHE A CE1 1 
ATOM   1175 C CE2 . PHE A 1 147 ? -13.333 -5.479  -10.462 1.00 15.60 ? 147 PHE A CE2 1 
ATOM   1176 C CZ  . PHE A 1 147 ? -14.016 -6.499  -9.850  1.00 16.80 ? 147 PHE A CZ  1 
ATOM   1177 N N   . PHE A 1 148 ? -9.858  -1.578  -6.603  1.00 11.63 ? 148 PHE A N   1 
ATOM   1178 C CA  . PHE A 1 148 ? -9.454  -0.264  -6.067  1.00 12.44 ? 148 PHE A CA  1 
ATOM   1179 C C   . PHE A 1 148 ? -10.626 0.734   -6.015  1.00 12.69 ? 148 PHE A C   1 
ATOM   1180 O O   . PHE A 1 148 ? -11.461 0.774   -6.930  1.00 13.06 ? 148 PHE A O   1 
ATOM   1181 C CB  . PHE A 1 148 ? -8.267  0.307   -6.857  1.00 11.23 ? 148 PHE A CB  1 
ATOM   1182 C CG  . PHE A 1 148 ? -7.439  1.332   -6.071  1.00 9.44  ? 148 PHE A CG  1 
ATOM   1183 C CD1 . PHE A 1 148 ? -6.786  0.970   -4.918  1.00 8.55  ? 148 PHE A CD1 1 
ATOM   1184 C CD2 . PHE A 1 148 ? -7.368  2.646   -6.499  1.00 7.51  ? 148 PHE A CD2 1 
ATOM   1185 C CE1 . PHE A 1 148 ? -6.014  1.864   -4.216  1.00 11.51 ? 148 PHE A CE1 1 
ATOM   1186 C CE2 . PHE A 1 148 ? -6.634  3.598   -5.803  1.00 11.77 ? 148 PHE A CE2 1 
ATOM   1187 C CZ  . PHE A 1 148 ? -5.947  3.206   -4.627  1.00 13.02 ? 148 PHE A CZ  1 
ATOM   1188 N N   . PRO A 1 149 ? -10.739 1.508   -4.928  1.00 12.88 ? 149 PRO A N   1 
ATOM   1189 C CA  . PRO A 1 149 ? -11.769 2.546   -4.899  1.00 13.51 ? 149 PRO A CA  1 
ATOM   1190 C C   . PRO A 1 149 ? -11.570 3.648   -5.980  1.00 13.28 ? 149 PRO A C   1 
ATOM   1191 O O   . PRO A 1 149 ? -10.438 3.882   -6.453  1.00 11.44 ? 149 PRO A O   1 
ATOM   1192 C CB  . PRO A 1 149 ? -11.603 3.171   -3.484  1.00 14.01 ? 149 PRO A CB  1 
ATOM   1193 C CG  . PRO A 1 149 ? -10.954 2.125   -2.670  1.00 14.19 ? 149 PRO A CG  1 
ATOM   1194 C CD  . PRO A 1 149 ? -10.000 1.426   -3.650  1.00 13.01 ? 149 PRO A CD  1 
ATOM   1195 N N   . GLU A 1 150 ? -12.667 4.312   -6.352  1.00 12.72 ? 150 GLU A N   1 
ATOM   1196 C CA  . GLU A 1 150 ? -12.595 5.404   -7.338  1.00 15.27 ? 150 GLU A CA  1 
ATOM   1197 C C   . GLU A 1 150 ? -11.612 6.489   -6.830  1.00 13.37 ? 150 GLU A C   1 
ATOM   1198 O O   . GLU A 1 150 ? -11.613 6.833   -5.640  1.00 13.50 ? 150 GLU A O   1 
ATOM   1199 C CB  . GLU A 1 150 ? -13.994 6.047   -7.543  1.00 15.34 ? 150 GLU A CB  1 
ATOM   1200 C CG  . GLU A 1 150 ? -13.938 7.204   -8.521  1.00 20.20 ? 150 GLU A CG  1 
ATOM   1201 C CD  . GLU A 1 150 ? -15.274 7.985   -8.636  1.00 26.07 ? 150 GLU A CD  1 
ATOM   1202 O OE1 . GLU A 1 150 ? -15.382 8.910   -9.478  1.00 25.45 ? 150 GLU A OE1 1 
ATOM   1203 O OE2 . GLU A 1 150 ? -16.203 7.668   -7.879  1.00 25.98 ? 150 GLU A OE2 1 
ATOM   1204 N N   . ILE A 1 151 ? -10.744 6.966   -7.729  1.00 11.04 ? 151 ILE A N   1 
ATOM   1205 C CA  . ILE A 1 151 ? -9.835  8.069   -7.439  1.00 10.08 ? 151 ILE A CA  1 
ATOM   1206 C C   . ILE A 1 151 ? -10.539 9.356   -7.887  1.00 11.20 ? 151 ILE A C   1 
ATOM   1207 O O   . ILE A 1 151 ? -10.821 9.486   -9.080  1.00 11.64 ? 151 ILE A O   1 
ATOM   1208 C CB  . ILE A 1 151 ? -8.476  7.885   -8.176  1.00 8.64  ? 151 ILE A CB  1 
ATOM   1209 C CG1 . ILE A 1 151 ? -7.807  6.602   -7.673  1.00 8.12  ? 151 ILE A CG1 1 
ATOM   1210 C CG2 . ILE A 1 151 ? -7.521  9.064   -7.919  1.00 7.59  ? 151 ILE A CG2 1 
ATOM   1211 C CD1 . ILE A 1 151 ? -6.622  6.088   -8.560  1.00 11.81 ? 151 ILE A CD1 1 
ATOM   1212 N N   . ASP A 1 152 ? -10.837 10.242  -6.924  1.00 10.33 ? 152 ASP A N   1 
ATOM   1213 C CA  . ASP A 1 152 ? -11.519 11.540  -7.188  1.00 11.61 ? 152 ASP A CA  1 
ATOM   1214 C C   . ASP A 1 152 ? -10.464 12.540  -7.663  1.00 10.93 ? 152 ASP A C   1 
ATOM   1215 O O   . ASP A 1 152 ? -9.639  13.031  -6.884  1.00 11.51 ? 152 ASP A O   1 
ATOM   1216 C CB  . ASP A 1 152 ? -12.272 12.066  -5.960  1.00 12.38 ? 152 ASP A CB  1 
ATOM   1217 C CG  . ASP A 1 152 ? -12.944 13.403  -6.212  1.00 16.52 ? 152 ASP A CG  1 
ATOM   1218 O OD1 . ASP A 1 152 ? -13.546 13.923  -5.257  1.00 15.96 ? 152 ASP A OD1 1 
ATOM   1219 O OD2 . ASP A 1 152 ? -12.862 13.910  -7.356  1.00 14.10 ? 152 ASP A OD2 1 
ATOM   1220 N N   . LEU A 1 153 ? -10.447 12.772  -8.980  1.00 11.33 ? 153 LEU A N   1 
ATOM   1221 C CA  . LEU A 1 153 ? -9.413  13.588  -9.572  1.00 13.64 ? 153 LEU A CA  1 
ATOM   1222 C C   . LEU A 1 153 ? -9.649  15.039  -9.314  1.00 13.42 ? 153 LEU A C   1 
ATOM   1223 O O   . LEU A 1 153 ? -8.763  15.828  -9.608  1.00 15.20 ? 153 LEU A O   1 
ATOM   1224 C CB  . LEU A 1 153 ? -9.242  13.329  -11.096 1.00 14.47 ? 153 LEU A CB  1 
ATOM   1225 C CG  . LEU A 1 153 ? -8.942  11.864  -11.429 1.00 12.18 ? 153 LEU A CG  1 
ATOM   1226 C CD1 . LEU A 1 153 ? -8.988  11.713  -12.962 1.00 10.37 ? 153 LEU A CD1 1 
ATOM   1227 C CD2 . LEU A 1 153 ? -7.574  11.420  -10.809 1.00 6.95  ? 153 LEU A CD2 1 
ATOM   1228 N N   . GLU A 1 154 ? -10.795 15.404  -8.761  1.00 13.72 ? 154 GLU A N   1 
ATOM   1229 C CA  . GLU A 1 154 ? -10.995 16.783  -8.282  1.00 14.61 ? 154 GLU A CA  1 
ATOM   1230 C C   . GLU A 1 154 ? -9.994  17.045  -7.092  1.00 16.20 ? 154 GLU A C   1 
ATOM   1231 O O   . GLU A 1 154 ? -9.386  18.141  -7.013  1.00 15.11 ? 154 GLU A O   1 
ATOM   1232 C CB  . GLU A 1 154 ? -12.421 17.033  -7.827  1.00 15.24 ? 154 GLU A CB  1 
ATOM   1233 C CG  . GLU A 1 154 ? -13.534 16.755  -8.856  1.00 18.34 ? 154 GLU A CG  1 
ATOM   1234 C CD  . GLU A 1 154 ? -13.962 18.000  -9.710  1.00 22.54 ? 154 GLU A CD  1 
ATOM   1235 O OE1 . GLU A 1 154 ? -15.191 17.934  -10.102 1.00 15.26 ? 154 GLU A OE1 1 
ATOM   1236 O OE2 . GLU A 1 154 ? -13.101 18.995  -9.933  1.00 17.07 ? 154 GLU A OE2 1 
ATOM   1237 N N   . LYS A 1 155 ? -9.780  16.017  -6.238  1.00 15.38 ? 155 LYS A N   1 
ATOM   1238 C CA  . LYS A 1 155 ? -8.890  16.087  -5.073  1.00 16.40 ? 155 LYS A CA  1 
ATOM   1239 C C   . LYS A 1 155 ? -7.459  15.574  -5.390  1.00 15.45 ? 155 LYS A C   1 
ATOM   1240 O O   . LYS A 1 155 ? -6.472  16.150  -4.952  1.00 15.34 ? 155 LYS A O   1 
ATOM   1241 C CB  . LYS A 1 155 ? -9.419  15.181  -3.942  1.00 17.70 ? 155 LYS A CB  1 
ATOM   1242 C CG  . LYS A 1 155 ? -10.664 15.695  -3.278  1.00 24.49 ? 155 LYS A CG  1 
ATOM   1243 C CD  . LYS A 1 155 ? -11.155 14.754  -2.105  1.00 24.77 ? 155 LYS A CD  1 
ATOM   1244 C CE  . LYS A 1 155 ? -10.885 13.268  -2.276  1.00 26.36 ? 155 LYS A CE  1 
ATOM   1245 N NZ  . LYS A 1 155 ? -11.528 12.478  -1.161  1.00 21.26 ? 155 LYS A NZ  1 
ATOM   1246 N N   . TYR A 1 156 ? -7.359  14.424  -6.033  1.00 14.60 ? 156 TYR A N   1 
ATOM   1247 C CA  . TYR A 1 156 ? -6.026  13.849  -6.361  1.00 12.46 ? 156 TYR A CA  1 
ATOM   1248 C C   . TYR A 1 156 ? -5.384  14.335  -7.643  1.00 14.50 ? 156 TYR A C   1 
ATOM   1249 O O   . TYR A 1 156 ? -5.895  14.100  -8.772  1.00 15.12 ? 156 TYR A O   1 
ATOM   1250 C CB  . TYR A 1 156 ? -6.157  12.330  -6.423  1.00 11.77 ? 156 TYR A CB  1 
ATOM   1251 C CG  . TYR A 1 156 ? -6.392  11.741  -5.062  1.00 11.51 ? 156 TYR A CG  1 
ATOM   1252 C CD1 . TYR A 1 156 ? -7.672  11.388  -4.669  1.00 12.02 ? 156 TYR A CD1 1 
ATOM   1253 C CD2 . TYR A 1 156 ? -5.307  11.561  -4.139  1.00 13.44 ? 156 TYR A CD2 1 
ATOM   1254 C CE1 . TYR A 1 156 ? -7.908  10.823  -3.397  1.00 12.04 ? 156 TYR A CE1 1 
ATOM   1255 C CE2 . TYR A 1 156 ? -5.543  11.027  -2.863  1.00 12.99 ? 156 TYR A CE2 1 
ATOM   1256 C CZ  . TYR A 1 156 ? -6.855  10.688  -2.508  1.00 12.20 ? 156 TYR A CZ  1 
ATOM   1257 O OH  . TYR A 1 156 ? -7.117  10.131  -1.262  1.00 14.34 ? 156 TYR A OH  1 
ATOM   1258 N N   . LYS A 1 157 ? -4.235  14.977  -7.528  1.00 13.56 ? 157 LYS A N   1 
ATOM   1259 C CA  . LYS A 1 157 ? -3.589  15.486  -8.732  1.00 14.99 ? 157 LYS A CA  1 
ATOM   1260 C C   . LYS A 1 157 ? -2.535  14.472  -9.167  1.00 12.48 ? 157 LYS A C   1 
ATOM   1261 O O   . LYS A 1 157 ? -1.697  14.073  -8.380  1.00 10.52 ? 157 LYS A O   1 
ATOM   1262 C CB  . LYS A 1 157 ? -2.912  16.837  -8.446  1.00 15.78 ? 157 LYS A CB  1 
ATOM   1263 C CG  . LYS A 1 157 ? -3.908  18.050  -8.092  1.00 24.69 ? 157 LYS A CG  1 
ATOM   1264 C CD  . LYS A 1 157 ? -4.441  18.771  -9.459  1.00 31.40 ? 157 LYS A CD  1 
ATOM   1265 C CE  . LYS A 1 157 ? -4.861  20.303  -9.314  1.00 35.51 ? 157 LYS A CE  1 
ATOM   1266 N NZ  . LYS A 1 157 ? -5.630  20.896  -10.516 1.00 32.72 ? 157 LYS A NZ  1 
ATOM   1267 N N   . LEU A 1 158 ? -2.551  14.067  -10.420 1.00 11.31 ? 158 LEU A N   1 
ATOM   1268 C CA  . LEU A 1 158 ? -1.471  13.177  -10.916 1.00 10.18 ? 158 LEU A CA  1 
ATOM   1269 C C   . LEU A 1 158 ? -0.174  14.014  -11.102 1.00 11.19 ? 158 LEU A C   1 
ATOM   1270 O O   . LEU A 1 158 ? -0.166  15.058  -11.789 1.00 8.11  ? 158 LEU A O   1 
ATOM   1271 C CB  . LEU A 1 158 ? -1.888  12.589  -12.259 1.00 10.09 ? 158 LEU A CB  1 
ATOM   1272 C CG  . LEU A 1 158 ? -0.884  11.746  -13.053 1.00 10.12 ? 158 LEU A CG  1 
ATOM   1273 C CD1 . LEU A 1 158 ? -0.354  10.488  -12.274 1.00 7.52  ? 158 LEU A CD1 1 
ATOM   1274 C CD2 . LEU A 1 158 ? -1.566  11.321  -14.374 1.00 13.26 ? 158 LEU A CD2 1 
ATOM   1275 N N   . LEU A 1 159 ? 0.920   13.532  -10.549 1.00 10.34 ? 159 LEU A N   1 
ATOM   1276 C CA  . LEU A 1 159 ? 2.157   14.294  -10.558 1.00 11.54 ? 159 LEU A CA  1 
ATOM   1277 C C   . LEU A 1 159 ? 2.872   14.043  -11.871 1.00 13.11 ? 159 LEU A C   1 
ATOM   1278 O O   . LEU A 1 159 ? 2.927   12.909  -12.334 1.00 13.00 ? 159 LEU A O   1 
ATOM   1279 C CB  . LEU A 1 159 ? 3.053   13.878  -9.363  1.00 11.90 ? 159 LEU A CB  1 
ATOM   1280 C CG  . LEU A 1 159 ? 2.404   14.039  -7.977  1.00 8.97  ? 159 LEU A CG  1 
ATOM   1281 C CD1 . LEU A 1 159 ? 3.486   13.747  -6.909  1.00 11.04 ? 159 LEU A CD1 1 
ATOM   1282 C CD2 . LEU A 1 159 ? 1.908   15.444  -7.791  1.00 9.39  ? 159 LEU A CD2 1 
ATOM   1283 N N   . PRO A 1 160 ? 3.486   15.087  -12.441 1.00 14.37 ? 160 PRO A N   1 
ATOM   1284 C CA  . PRO A 1 160 ? 4.125   14.977  -13.777 1.00 15.76 ? 160 PRO A CA  1 
ATOM   1285 C C   . PRO A 1 160 ? 5.378   14.103  -13.778 1.00 16.41 ? 160 PRO A C   1 
ATOM   1286 O O   . PRO A 1 160 ? 5.758   13.577  -14.843 1.00 17.91 ? 160 PRO A O   1 
ATOM   1287 C CB  . PRO A 1 160 ? 4.448   16.452  -14.161 1.00 16.21 ? 160 PRO A CB  1 
ATOM   1288 C CG  . PRO A 1 160 ? 4.454   17.211  -12.842 1.00 16.64 ? 160 PRO A CG  1 
ATOM   1289 C CD  . PRO A 1 160 ? 3.568   16.447  -11.859 1.00 13.82 ? 160 PRO A CD  1 
ATOM   1290 N N   . GLU A 1 161 ? 5.997   13.916  -12.606 1.00 15.31 ? 161 GLU A N   1 
ATOM   1291 C CA  . GLU A 1 161 ? 7.020   12.886  -12.390 1.00 15.07 ? 161 GLU A CA  1 
ATOM   1292 C C   . GLU A 1 161 ? 7.347   12.862  -10.887 1.00 14.45 ? 161 GLU A C   1 
ATOM   1293 O O   . GLU A 1 161 ? 6.826   13.685  -10.152 1.00 15.06 ? 161 GLU A O   1 
ATOM   1294 C CB  . GLU A 1 161 ? 8.303   13.194  -13.195 1.00 17.47 ? 161 GLU A CB  1 
ATOM   1295 C CG  . GLU A 1 161 ? 8.889   14.562  -12.830 1.00 15.64 ? 161 GLU A CG  1 
ATOM   1296 C CD  . GLU A 1 161 ? 10.239  14.899  -13.520 1.00 23.33 ? 161 GLU A CD  1 
ATOM   1297 O OE1 . GLU A 1 161 ? 10.941  14.001  -14.087 1.00 21.39 ? 161 GLU A OE1 1 
ATOM   1298 O OE2 . GLU A 1 161 ? 10.548  16.117  -13.530 1.00 19.03 ? 161 GLU A OE2 1 
ATOM   1299 N N   . TYR A 1 162 ? 8.183   11.934  -10.448 1.00 13.16 ? 162 TYR A N   1 
ATOM   1300 C CA  . TYR A 1 162 ? 8.487   11.814  -8.992  1.00 13.03 ? 162 TYR A CA  1 
ATOM   1301 C C   . TYR A 1 162 ? 9.823   11.090  -8.873  1.00 13.76 ? 162 TYR A C   1 
ATOM   1302 O O   . TYR A 1 162 ? 10.014  10.073  -9.515  1.00 13.39 ? 162 TYR A O   1 
ATOM   1303 C CB  . TYR A 1 162 ? 7.410   11.000  -8.246  1.00 11.57 ? 162 TYR A CB  1 
ATOM   1304 C CG  . TYR A 1 162 ? 7.466   11.200  -6.780  1.00 12.06 ? 162 TYR A CG  1 
ATOM   1305 C CD1 . TYR A 1 162 ? 6.971   12.381  -6.197  1.00 9.74  ? 162 TYR A CD1 1 
ATOM   1306 C CD2 . TYR A 1 162 ? 8.016   10.234  -5.972  1.00 11.66 ? 162 TYR A CD2 1 
ATOM   1307 C CE1 . TYR A 1 162 ? 7.092   12.607  -4.815  1.00 12.71 ? 162 TYR A CE1 1 
ATOM   1308 C CE2 . TYR A 1 162 ? 8.111   10.444  -4.568  1.00 15.71 ? 162 TYR A CE2 1 
ATOM   1309 C CZ  . TYR A 1 162 ? 7.625   11.649  -4.023  1.00 13.00 ? 162 TYR A CZ  1 
ATOM   1310 O OH  . TYR A 1 162 ? 7.720   11.915  -2.677  1.00 18.68 ? 162 TYR A OH  1 
ATOM   1311 N N   . PRO A 1 163 ? 10.744  11.585  -7.984  1.00 15.23 ? 163 PRO A N   1 
ATOM   1312 C CA  . PRO A 1 163 ? 12.070  10.901  -7.880  1.00 15.68 ? 163 PRO A CA  1 
ATOM   1313 C C   . PRO A 1 163 ? 11.958  9.444   -7.504  1.00 15.20 ? 163 PRO A C   1 
ATOM   1314 O O   . PRO A 1 163 ? 11.156  9.091   -6.632  1.00 14.60 ? 163 PRO A O   1 
ATOM   1315 C CB  . PRO A 1 163 ? 12.757  11.657  -6.708  1.00 15.85 ? 163 PRO A CB  1 
ATOM   1316 C CG  . PRO A 1 163 ? 12.080  13.035  -6.795  1.00 14.62 ? 163 PRO A CG  1 
ATOM   1317 C CD  . PRO A 1 163 ? 10.644  12.672  -6.977  1.00 12.87 ? 163 PRO A CD  1 
ATOM   1318 N N   . GLY A 1 164 ? 12.717  8.601   -8.224  1.00 15.26 ? 164 GLY A N   1 
ATOM   1319 C CA  . GLY A 1 164 ? 12.699  7.171   -7.947  1.00 16.98 ? 164 GLY A CA  1 
ATOM   1320 C C   . GLY A 1 164 ? 11.525  6.446   -8.603  1.00 16.38 ? 164 GLY A C   1 
ATOM   1321 O O   . GLY A 1 164 ? 11.370  5.255   -8.424  1.00 18.13 ? 164 GLY A O   1 
ATOM   1322 N N   . VAL A 1 165 ? 10.723  7.143   -9.392  1.00 15.70 ? 165 VAL A N   1 
ATOM   1323 C CA  . VAL A 1 165 ? 9.574   6.494   -10.039 1.00 13.75 ? 165 VAL A CA  1 
ATOM   1324 C C   . VAL A 1 165 ? 9.811   6.614   -11.518 1.00 12.76 ? 165 VAL A C   1 
ATOM   1325 O O   . VAL A 1 165 ? 9.830   7.727   -12.068 1.00 10.92 ? 165 VAL A O   1 
ATOM   1326 C CB  . VAL A 1 165 ? 8.218   7.163   -9.613  1.00 13.22 ? 165 VAL A CB  1 
ATOM   1327 C CG1 . VAL A 1 165 ? 7.011   6.467   -10.333 1.00 11.52 ? 165 VAL A CG1 1 
ATOM   1328 C CG2 . VAL A 1 165 ? 8.058   7.029   -8.119  1.00 14.51 ? 165 VAL A CG2 1 
ATOM   1329 N N   . LEU A 1 166 ? 9.982   5.485   -12.199 1.00 11.26 ? 166 LEU A N   1 
ATOM   1330 C CA  . LEU A 1 166 ? 10.135  5.588   -13.663 1.00 12.01 ? 166 LEU A CA  1 
ATOM   1331 C C   . LEU A 1 166 ? 8.843   6.150   -14.321 1.00 12.39 ? 166 LEU A C   1 
ATOM   1332 O O   . LEU A 1 166 ? 7.754   5.693   -13.994 1.00 11.89 ? 166 LEU A O   1 
ATOM   1333 C CB  . LEU A 1 166 ? 10.407  4.212   -14.264 1.00 12.84 ? 166 LEU A CB  1 
ATOM   1334 C CG  . LEU A 1 166 ? 11.847  3.660   -14.224 1.00 20.02 ? 166 LEU A CG  1 
ATOM   1335 C CD1 . LEU A 1 166 ? 12.656  4.193   -13.133 1.00 25.07 ? 166 LEU A CD1 1 
ATOM   1336 C CD2 . LEU A 1 166 ? 11.958  2.118   -14.328 1.00 23.09 ? 166 LEU A CD2 1 
ATOM   1337 N N   . SER A 1 167 ? 8.974   7.037   -15.314 1.00 12.35 ? 167 SER A N   1 
ATOM   1338 C CA  . SER A 1 167 ? 7.757   7.670   -15.966 1.00 12.86 ? 167 SER A CA  1 
ATOM   1339 C C   . SER A 1 167 ? 7.263   6.981   -17.210 1.00 13.80 ? 167 SER A C   1 
ATOM   1340 O O   . SER A 1 167 ? 6.156   7.265   -17.706 1.00 12.80 ? 167 SER A O   1 
ATOM   1341 C CB  . SER A 1 167 ? 8.055   9.172   -16.315 1.00 13.27 ? 167 SER A CB  1 
ATOM   1342 O OG  . SER A 1 167 ? 8.341   9.883   -15.117 1.00 11.53 ? 167 SER A OG  1 
ATOM   1343 N N   . ASP A 1 168 ? 8.111   6.134   -17.784 1.00 14.58 ? 168 ASP A N   1 
ATOM   1344 C CA  . ASP A 1 168 ? 7.755   5.579   -19.080 1.00 14.63 ? 168 ASP A CA  1 
ATOM   1345 C C   . ASP A 1 168 ? 7.109   4.206   -18.933 1.00 13.04 ? 168 ASP A C   1 
ATOM   1346 O O   . ASP A 1 168 ? 7.028   3.660   -17.813 1.00 11.06 ? 168 ASP A O   1 
ATOM   1347 C CB  . ASP A 1 168 ? 8.946   5.575   -20.060 1.00 16.10 ? 168 ASP A CB  1 
ATOM   1348 C CG  . ASP A 1 168 ? 10.143  4.816   -19.550 1.00 21.65 ? 168 ASP A CG  1 
ATOM   1349 O OD1 . ASP A 1 168 ? 10.942  4.562   -20.454 1.00 25.79 ? 168 ASP A OD1 1 
ATOM   1350 O OD2 . ASP A 1 168 ? 10.326  4.493   -18.309 1.00 19.95 ? 168 ASP A OD2 1 
ATOM   1351 N N   . VAL A 1 169 ? 6.662   3.638   -20.054 1.00 13.58 ? 169 VAL A N   1 
ATOM   1352 C CA  . VAL A 1 169 ? 5.901   2.345   -20.000 1.00 12.55 ? 169 VAL A CA  1 
ATOM   1353 C C   . VAL A 1 169 ? 6.842   1.194   -19.759 1.00 14.35 ? 169 VAL A C   1 
ATOM   1354 O O   . VAL A 1 169 ? 7.939   1.158   -20.375 1.00 13.16 ? 169 VAL A O   1 
ATOM   1355 C CB  . VAL A 1 169 ? 5.059   2.085   -21.283 1.00 13.04 ? 169 VAL A CB  1 
ATOM   1356 C CG1 . VAL A 1 169 ? 4.266   0.703   -21.206 1.00 13.23 ? 169 VAL A CG1 1 
ATOM   1357 C CG2 . VAL A 1 169 ? 4.023   3.215   -21.453 1.00 16.56 ? 169 VAL A CG2 1 
ATOM   1358 N N   . GLN A 1 170 ? 6.429   0.274   -18.872 1.00 12.37 ? 170 GLN A N   1 
ATOM   1359 C CA  . GLN A 1 170 ? 7.243   -0.864  -18.487 1.00 12.38 ? 170 GLN A CA  1 
ATOM   1360 C C   . GLN A 1 170 ? 6.568   -2.064  -19.091 1.00 13.21 ? 170 GLN A C   1 
ATOM   1361 O O   . GLN A 1 170 ? 5.347   -2.016  -19.426 1.00 13.37 ? 170 GLN A O   1 
ATOM   1362 C CB  . GLN A 1 170 ? 7.249   -1.030  -16.927 1.00 12.89 ? 170 GLN A CB  1 
ATOM   1363 C CG  . GLN A 1 170 ? 7.603   0.254   -16.169 1.00 10.54 ? 170 GLN A CG  1 
ATOM   1364 C CD  . GLN A 1 170 ? 9.049   0.681   -16.497 1.00 17.29 ? 170 GLN A CD  1 
ATOM   1365 O OE1 . GLN A 1 170 ? 9.963   -0.119  -16.360 1.00 16.10 ? 170 GLN A OE1 1 
ATOM   1366 N NE2 . GLN A 1 170 ? 9.247   1.952   -16.926 1.00 16.01 ? 170 GLN A NE2 1 
ATOM   1367 N N   . GLU A 1 171 ? 7.280   -3.175  -19.211 1.00 14.19 ? 171 GLU A N   1 
ATOM   1368 C CA  . GLU A 1 171 ? 6.595   -4.377  -19.720 1.00 15.04 ? 171 GLU A CA  1 
ATOM   1369 C C   . GLU A 1 171 ? 7.339   -5.588  -19.210 1.00 16.08 ? 171 GLU A C   1 
ATOM   1370 O O   . GLU A 1 171 ? 8.565   -5.625  -19.303 1.00 16.52 ? 171 GLU A O   1 
ATOM   1371 C CB  . GLU A 1 171 ? 6.495   -4.381  -21.271 1.00 16.37 ? 171 GLU A CB  1 
ATOM   1372 C CG  . GLU A 1 171 ? 5.538   -5.467  -21.866 1.00 19.05 ? 171 GLU A CG  1 
ATOM   1373 C CD  . GLU A 1 171 ? 5.673   -5.572  -23.402 1.00 24.94 ? 171 GLU A CD  1 
ATOM   1374 O OE1 . GLU A 1 171 ? 5.449   -6.657  -23.963 1.00 28.18 ? 171 GLU A OE1 1 
ATOM   1375 O OE2 . GLU A 1 171 ? 6.031   -4.567  -24.030 1.00 22.84 ? 171 GLU A OE2 1 
ATOM   1376 N N   . GLU A 1 172 ? 6.592   -6.537  -18.639 1.00 16.71 ? 172 GLU A N   1 
ATOM   1377 C CA  . GLU A 1 172 ? 7.119   -7.787  -18.094 1.00 18.66 ? 172 GLU A CA  1 
ATOM   1378 C C   . GLU A 1 172 ? 6.084   -8.852  -18.442 1.00 20.38 ? 172 GLU A C   1 
ATOM   1379 O O   . GLU A 1 172 ? 4.893   -8.574  -18.433 1.00 20.90 ? 172 GLU A O   1 
ATOM   1380 C CB  . GLU A 1 172 ? 7.299   -7.718  -16.592 1.00 18.25 ? 172 GLU A CB  1 
ATOM   1381 C CG  . GLU A 1 172 ? 8.442   -6.830  -16.155 1.00 19.15 ? 172 GLU A CG  1 
ATOM   1382 C CD  . GLU A 1 172 ? 8.606   -6.890  -14.663 1.00 21.73 ? 172 GLU A CD  1 
ATOM   1383 O OE1 . GLU A 1 172 ? 7.844   -6.196  -13.902 1.00 19.37 ? 172 GLU A OE1 1 
ATOM   1384 O OE2 . GLU A 1 172 ? 9.444   -7.699  -14.256 1.00 20.38 ? 172 GLU A OE2 1 
ATOM   1385 N N   . LYS A 1 173 ? 6.550   -10.062 -18.767 1.00 21.26 ? 173 LYS A N   1 
ATOM   1386 C CA  . LYS A 1 173 ? 5.663   -11.164 -19.133 1.00 22.28 ? 173 LYS A CA  1 
ATOM   1387 C C   . LYS A 1 173 ? 4.678   -10.799 -20.236 1.00 21.39 ? 173 LYS A C   1 
ATOM   1388 O O   . LYS A 1 173 ? 3.561   -11.314 -20.263 1.00 21.61 ? 173 LYS A O   1 
ATOM   1389 C CB  . LYS A 1 173 ? 4.922   -11.700 -17.908 1.00 23.42 ? 173 LYS A CB  1 
ATOM   1390 C CG  . LYS A 1 173 ? 5.789   -12.531 -16.977 1.00 27.25 ? 173 LYS A CG  1 
ATOM   1391 C CD  . LYS A 1 173 ? 5.033   -13.849 -16.693 1.00 33.90 ? 173 LYS A CD  1 
ATOM   1392 C CE  . LYS A 1 173 ? 5.779   -14.780 -15.736 1.00 37.97 ? 173 LYS A CE  1 
ATOM   1393 N NZ  . LYS A 1 173 ? 5.394   -14.513 -14.310 1.00 33.67 ? 173 LYS A NZ  1 
ATOM   1394 N N   . GLY A 1 174 ? 5.052   -9.890  -21.136 1.00 19.98 ? 174 GLY A N   1 
ATOM   1395 C CA  . GLY A 1 174 ? 4.098   -9.464  -22.190 1.00 19.81 ? 174 GLY A CA  1 
ATOM   1396 C C   . GLY A 1 174 ? 2.958   -8.505  -21.753 1.00 19.21 ? 174 GLY A C   1 
ATOM   1397 O O   . GLY A 1 174 ? 2.028   -8.204  -22.542 1.00 21.03 ? 174 GLY A O   1 
ATOM   1398 N N   . ILE A 1 175 ? 3.059   -7.977  -20.527 1.00 16.81 ? 175 ILE A N   1 
ATOM   1399 C CA  . ILE A 1 175 ? 2.020   -7.082  -19.938 1.00 16.45 ? 175 ILE A CA  1 
ATOM   1400 C C   . ILE A 1 175 ? 2.639   -5.677  -19.723 1.00 14.75 ? 175 ILE A C   1 
ATOM   1401 O O   . ILE A 1 175 ? 3.647   -5.559  -19.015 1.00 14.09 ? 175 ILE A O   1 
ATOM   1402 C CB  . ILE A 1 175 ? 1.571   -7.610  -18.528 1.00 16.43 ? 175 ILE A CB  1 
ATOM   1403 C CG1 . ILE A 1 175 ? 0.945   -9.005  -18.707 1.00 17.39 ? 175 ILE A CG1 1 
ATOM   1404 C CG2 . ILE A 1 175 ? 0.577   -6.618  -17.847 1.00 18.81 ? 175 ILE A CG2 1 
ATOM   1405 C CD1 . ILE A 1 175 ? 1.063   -9.874  -17.491 1.00 20.75 ? 175 ILE A CD1 1 
ATOM   1406 N N   . LYS A 1 176 ? 2.037   -4.674  -20.333 1.00 13.12 ? 176 LYS A N   1 
ATOM   1407 C CA  . LYS A 1 176 ? 2.549   -3.280  -20.226 1.00 13.89 ? 176 LYS A CA  1 
ATOM   1408 C C   . LYS A 1 176 ? 1.949   -2.638  -18.970 1.00 11.86 ? 176 LYS A C   1 
ATOM   1409 O O   . LYS A 1 176 ? 0.787   -2.928  -18.576 1.00 11.76 ? 176 LYS A O   1 
ATOM   1410 C CB  . LYS A 1 176 ? 2.133   -2.466  -21.438 1.00 13.45 ? 176 LYS A CB  1 
ATOM   1411 C CG  . LYS A 1 176 ? 2.969   -2.821  -22.698 1.00 14.75 ? 176 LYS A CG  1 
ATOM   1412 C CD  . LYS A 1 176 ? 2.322   -2.163  -23.965 1.00 17.24 ? 176 LYS A CD  1 
ATOM   1413 C CE  . LYS A 1 176 ? 3.145   -2.514  -25.203 1.00 25.12 ? 176 LYS A CE  1 
ATOM   1414 N NZ  . LYS A 1 176 ? 3.283   -1.311  -26.124 1.00 28.38 ? 176 LYS A NZ  1 
ATOM   1415 N N   . TYR A 1 177 ? 2.755   -1.864  -18.282 1.00 10.55 ? 177 TYR A N   1 
ATOM   1416 C CA  . TYR A 1 177 ? 2.225   -1.202  -17.100 1.00 10.18 ? 177 TYR A CA  1 
ATOM   1417 C C   . TYR A 1 177 ? 3.040   0.095   -16.950 1.00 9.60  ? 177 TYR A C   1 
ATOM   1418 O O   . TYR A 1 177 ? 4.060   0.268   -17.578 1.00 8.53  ? 177 TYR A O   1 
ATOM   1419 C CB  . TYR A 1 177 ? 2.310   -2.105  -15.866 1.00 10.29 ? 177 TYR A CB  1 
ATOM   1420 C CG  . TYR A 1 177 ? 3.698   -2.528  -15.428 1.00 11.99 ? 177 TYR A CG  1 
ATOM   1421 C CD1 . TYR A 1 177 ? 4.373   -1.823  -14.426 1.00 13.41 ? 177 TYR A CD1 1 
ATOM   1422 C CD2 . TYR A 1 177 ? 4.317   -3.672  -15.942 1.00 11.40 ? 177 TYR A CD2 1 
ATOM   1423 C CE1 . TYR A 1 177 ? 5.661   -2.213  -14.013 1.00 16.47 ? 177 TYR A CE1 1 
ATOM   1424 C CE2 . TYR A 1 177 ? 5.620   -4.092  -15.518 1.00 13.62 ? 177 TYR A CE2 1 
ATOM   1425 C CZ  . TYR A 1 177 ? 6.274   -3.369  -14.545 1.00 15.31 ? 177 TYR A CZ  1 
ATOM   1426 O OH  . TYR A 1 177 ? 7.547   -3.724  -14.113 1.00 15.16 ? 177 TYR A OH  1 
ATOM   1427 N N   . LYS A 1 178 ? 2.541   1.009   -16.143 1.00 10.43 ? 178 LYS A N   1 
ATOM   1428 C CA  . LYS A 1 178 ? 3.248   2.288   -15.899 1.00 9.00  ? 178 LYS A CA  1 
ATOM   1429 C C   . LYS A 1 178 ? 3.008   2.732   -14.472 1.00 10.03 ? 178 LYS A C   1 
ATOM   1430 O O   . LYS A 1 178 ? 1.983   2.346   -13.847 1.00 10.74 ? 178 LYS A O   1 
ATOM   1431 C CB  . LYS A 1 178 ? 2.811   3.353   -16.928 1.00 9.20  ? 178 LYS A CB  1 
ATOM   1432 C CG  . LYS A 1 178 ? 1.342   3.713   -16.796 1.00 13.09 ? 178 LYS A CG  1 
ATOM   1433 C CD  . LYS A 1 178 ? 0.886   4.633   -17.941 1.00 10.38 ? 178 LYS A CD  1 
ATOM   1434 C CE  . LYS A 1 178 ? -0.653  4.916   -17.834 1.00 16.69 ? 178 LYS A CE  1 
ATOM   1435 N NZ  . LYS A 1 178 ? -1.037  5.869   -18.978 1.00 19.33 ? 178 LYS A NZ  1 
ATOM   1436 N N   . PHE A 1 179 ? 3.959   3.514   -13.944 1.00 10.49 ? 179 PHE A N   1 
ATOM   1437 C CA  . PHE A 1 179 ? 3.865   4.003   -12.560 1.00 10.80 ? 179 PHE A CA  1 
ATOM   1438 C C   . PHE A 1 179 ? 3.350   5.422   -12.494 1.00 9.52  ? 179 PHE A C   1 
ATOM   1439 O O   . PHE A 1 179 ? 3.821   6.295   -13.224 1.00 10.85 ? 179 PHE A O   1 
ATOM   1440 C CB  . PHE A 1 179 ? 5.218   3.955   -11.811 1.00 9.02  ? 179 PHE A CB  1 
ATOM   1441 C CG  . PHE A 1 179 ? 5.925   2.623   -11.848 1.00 10.42 ? 179 PHE A CG  1 
ATOM   1442 C CD1 . PHE A 1 179 ? 7.079   2.459   -12.609 1.00 10.59 ? 179 PHE A CD1 1 
ATOM   1443 C CD2 . PHE A 1 179 ? 5.455   1.533   -11.109 1.00 11.45 ? 179 PHE A CD2 1 
ATOM   1444 C CE1 . PHE A 1 179 ? 7.774   1.203   -12.620 1.00 10.95 ? 179 PHE A CE1 1 
ATOM   1445 C CE2 . PHE A 1 179 ? 6.105   0.282   -11.126 1.00 12.86 ? 179 PHE A CE2 1 
ATOM   1446 C CZ  . PHE A 1 179 ? 7.298   0.123   -11.863 1.00 10.35 ? 179 PHE A CZ  1 
ATOM   1447 N N   . GLU A 1 180 ? 2.489   5.691   -11.507 1.00 9.72  ? 180 GLU A N   1 
ATOM   1448 C CA  . GLU A 1 180 ? 1.877   7.016   -11.358 1.00 8.75  ? 180 GLU A CA  1 
ATOM   1449 C C   . GLU A 1 180 ? 1.912   7.407   -9.869  1.00 9.89  ? 180 GLU A C   1 
ATOM   1450 O O   . GLU A 1 180 ? 1.841   6.537   -8.996  1.00 8.50  ? 180 GLU A O   1 
ATOM   1451 C CB  . GLU A 1 180 ? 0.415   7.037   -11.813 1.00 8.05  ? 180 GLU A CB  1 
ATOM   1452 C CG  . GLU A 1 180 ? 0.262   6.781   -13.280 1.00 9.31  ? 180 GLU A CG  1 
ATOM   1453 C CD  . GLU A 1 180 ? -1.202  6.816   -13.727 1.00 13.75 ? 180 GLU A CD  1 
ATOM   1454 O OE1 . GLU A 1 180 ? -1.423  6.990   -14.933 1.00 11.86 ? 180 GLU A OE1 1 
ATOM   1455 O OE2 . GLU A 1 180 ? -2.125  6.661   -12.905 1.00 15.90 ? 180 GLU A OE2 1 
ATOM   1456 N N   . VAL A 1 181 ? 1.977   8.718   -9.606  1.00 9.49  ? 181 VAL A N   1 
ATOM   1457 C CA  . VAL A 1 181 ? 1.869   9.203   -8.214  1.00 9.09  ? 181 VAL A CA  1 
ATOM   1458 C C   . VAL A 1 181 ? 0.782   10.277  -8.140  1.00 9.30  ? 181 VAL A C   1 
ATOM   1459 O O   . VAL A 1 181 ? 0.831   11.268  -8.903  1.00 9.26  ? 181 VAL A O   1 
ATOM   1460 C CB  . VAL A 1 181 ? 3.248   9.783   -7.696  1.00 10.25 ? 181 VAL A CB  1 
ATOM   1461 C CG1 . VAL A 1 181 ? 3.118   10.253  -6.231  1.00 8.83  ? 181 VAL A CG1 1 
ATOM   1462 C CG2 . VAL A 1 181 ? 4.433   8.717   -7.831  1.00 9.26  ? 181 VAL A CG2 1 
ATOM   1463 N N   . TYR A 1 182 ? -0.178  10.125  -7.232  1.00 9.77  ? 182 TYR A N   1 
ATOM   1464 C CA  . TYR A 1 182 ? -1.247  11.102  -7.058  1.00 9.68  ? 182 TYR A CA  1 
ATOM   1465 C C   . TYR A 1 182 ? -1.072  11.692  -5.695  1.00 10.77 ? 182 TYR A C   1 
ATOM   1466 O O   . TYR A 1 182 ? -0.574  11.011  -4.786  1.00 11.27 ? 182 TYR A O   1 
ATOM   1467 C CB  . TYR A 1 182 ? -2.605  10.428  -7.095  1.00 9.07  ? 182 TYR A CB  1 
ATOM   1468 C CG  . TYR A 1 182 ? -2.942  9.836   -8.449  1.00 10.62 ? 182 TYR A CG  1 
ATOM   1469 C CD1 . TYR A 1 182 ? -2.441  8.564   -8.843  1.00 10.19 ? 182 TYR A CD1 1 
ATOM   1470 C CD2 . TYR A 1 182 ? -3.752  10.558  -9.349  1.00 9.51  ? 182 TYR A CD2 1 
ATOM   1471 C CE1 . TYR A 1 182 ? -2.763  8.040   -10.133 1.00 12.23 ? 182 TYR A CE1 1 
ATOM   1472 C CE2 . TYR A 1 182 ? -4.080  10.022  -10.602 1.00 11.73 ? 182 TYR A CE2 1 
ATOM   1473 C CZ  . TYR A 1 182 ? -3.548  8.788   -10.994 1.00 14.88 ? 182 TYR A CZ  1 
ATOM   1474 O OH  . TYR A 1 182 ? -3.905  8.312   -12.261 1.00 11.73 ? 182 TYR A OH  1 
ATOM   1475 N N   . GLU A 1 183 ? -1.454  12.978  -5.558  1.00 10.55 ? 183 GLU A N   1 
ATOM   1476 C CA  . GLU A 1 183 ? -1.292  13.701  -4.304  1.00 10.92 ? 183 GLU A CA  1 
ATOM   1477 C C   . GLU A 1 183 ? -2.538  14.577  -4.048  1.00 10.69 ? 183 GLU A C   1 
ATOM   1478 O O   . GLU A 1 183 ? -2.986  15.334  -4.959  1.00 9.87  ? 183 GLU A O   1 
ATOM   1479 C CB  . GLU A 1 183 ? -0.017  14.547  -4.372  1.00 8.07  ? 183 GLU A CB  1 
ATOM   1480 C CG  . GLU A 1 183 ? 0.271   15.302  -3.082  1.00 12.35 ? 183 GLU A CG  1 
ATOM   1481 C CD  . GLU A 1 183 ? 1.697   15.937  -3.037  1.00 14.01 ? 183 GLU A CD  1 
ATOM   1482 O OE1 . GLU A 1 183 ? 2.173   16.096  -1.917  1.00 17.18 ? 183 GLU A OE1 1 
ATOM   1483 O OE2 . GLU A 1 183 ? 2.339   16.227  -4.088  1.00 15.84 ? 183 GLU A OE2 1 
ATOM   1484 N N   . LYS A 1 184 ? -3.141  14.407  -2.873  1.00 11.55 ? 184 LYS A N   1 
ATOM   1485 C CA  . LYS A 1 184 ? -4.159  15.383  -2.422  1.00 12.35 ? 184 LYS A CA  1 
ATOM   1486 C C   . LYS A 1 184 ? -3.682  16.053  -1.144  1.00 14.38 ? 184 LYS A C   1 
ATOM   1487 O O   . LYS A 1 184 ? -2.780  15.543  -0.484  1.00 12.47 ? 184 LYS A O   1 
ATOM   1488 C CB  . LYS A 1 184 ? -5.530  14.773  -2.156  1.00 13.07 ? 184 LYS A CB  1 
ATOM   1489 C CG  . LYS A 1 184 ? -5.669  13.892  -0.960  1.00 13.28 ? 184 LYS A CG  1 
ATOM   1490 C CD  . LYS A 1 184 ? -7.181  13.691  -0.675  1.00 14.34 ? 184 LYS A CD  1 
ATOM   1491 C CE  . LYS A 1 184 ? -7.383  12.785  0.582   1.00 17.60 ? 184 LYS A CE  1 
ATOM   1492 N NZ  . LYS A 1 184 ? -6.958  13.429  1.903   1.00 13.72 ? 184 LYS A NZ  1 
ATOM   1493 N N   . ASN A 1 185 ? -4.350  17.147  -0.770  1.00 15.36 ? 185 ASN A N   1 
ATOM   1494 C CA  . ASN A 1 185 ? -4.095  17.777  0.550   1.00 17.91 ? 185 ASN A CA  1 
ATOM   1495 C C   . ASN A 1 185 ? -5.326  18.583  0.899   1.00 19.29 ? 185 ASN A C   1 
ATOM   1496 O O   . ASN A 1 185 ? -5.517  19.700  0.426   1.00 20.31 ? 185 ASN A O   1 
ATOM   1497 C CB  . ASN A 1 185 ? -2.822  18.641  0.446   1.00 17.09 ? 185 ASN A CB  1 
ATOM   1498 C CG  . ASN A 1 185 ? -2.244  19.073  1.800   1.00 20.06 ? 185 ASN A CG  1 
ATOM   1499 O OD1 . ASN A 1 185 ? -1.442  20.012  1.847   1.00 22.43 ? 185 ASN A OD1 1 
ATOM   1500 N ND2 . ASN A 1 185 ? -2.652  18.424  2.882   1.00 12.33 ? 185 ASN A ND2 1 
ATOM   1501 N N   . ASP A 1 186 ? -6.193  18.009  1.709   1.00 21.12 ? 186 ASP A N   1 
ATOM   1502 C CA  . ASP A 1 186 ? -7.500  18.677  1.967   1.00 22.69 ? 186 ASP A CA  1 
ATOM   1503 C C   . ASP A 1 186 ? -7.831  18.572  3.445   1.00 22.76 ? 186 ASP A C   1 
ATOM   1504 O O   . ASP A 1 186 ? -8.956  18.821  3.828   1.00 23.67 ? 186 ASP A O   1 
ATOM   1505 C CB  . ASP A 1 186 ? -8.608  18.113  1.077   1.00 21.56 ? 186 ASP A CB  1 
ATOM   1506 C CG  . ASP A 1 186 ? -8.832  16.599  1.281   1.00 24.43 ? 186 ASP A CG  1 
ATOM   1507 O OD1 . ASP A 1 186 ? -8.201  15.963  2.170   1.00 22.45 ? 186 ASP A OD1 1 
ATOM   1508 O OD2 . ASP A 1 186 ? -9.672  16.021  0.559   1.00 22.09 ? 186 ASP A OD2 1 
ATOM   1509 O OXT . ASP A 1 186 ? -6.969  18.188  4.234   1.00 21.41 ? 186 ASP A OXT 1 
HETATM 1510 C C1  . TOP B 2 .   ? 2.265   -4.824  -5.695  1.00 14.72 ? 187 TOP A C1  1 
HETATM 1511 N N2  . TOP B 2 .   ? 2.627   -3.732  -6.355  1.00 14.66 ? 187 TOP A N2  1 
HETATM 1512 C C3  . TOP B 2 .   ? 2.290   -2.507  -5.925  1.00 11.60 ? 187 TOP A C3  1 
HETATM 1513 N N4  . TOP B 2 .   ? 2.752   -1.442  -6.636  1.00 8.77  ? 187 TOP A N4  1 
HETATM 1514 N N5  . TOP B 2 .   ? 1.528   -2.342  -4.832  1.00 11.04 ? 187 TOP A N5  1 
HETATM 1515 C C6  . TOP B 2 .   ? 1.113   -3.398  -4.116  1.00 11.80 ? 187 TOP A C6  1 
HETATM 1516 N N7  . TOP B 2 .   ? 0.378   -3.226  -3.000  1.00 13.59 ? 187 TOP A N7  1 
HETATM 1517 C C8  . TOP B 2 .   ? 1.507   -4.747  -4.558  1.00 16.00 ? 187 TOP A C8  1 
HETATM 1518 C C9  . TOP B 2 .   ? 1.106   -6.038  -3.852  1.00 17.27 ? 187 TOP A C9  1 
HETATM 1519 C C10 . TOP B 2 .   ? 2.164   -6.443  -2.801  1.00 17.98 ? 187 TOP A C10 1 
HETATM 1520 C C11 . TOP B 2 .   ? 1.756   -6.490  -1.456  1.00 16.65 ? 187 TOP A C11 1 
HETATM 1521 C C12 . TOP B 2 .   ? 2.620   -6.856  -0.420  1.00 18.43 ? 187 TOP A C12 1 
HETATM 1522 O O13 . TOP B 2 .   ? 2.272   -6.883  0.912   1.00 16.08 ? 187 TOP A O13 1 
HETATM 1523 C C14 . TOP B 2 .   ? 0.958   -6.466  1.272   1.00 17.64 ? 187 TOP A C14 1 
HETATM 1524 C C15 . TOP B 2 .   ? 4.016   -7.164  -0.728  1.00 17.11 ? 187 TOP A C15 1 
HETATM 1525 O O16 . TOP B 2 .   ? 4.857   -7.551  0.258   1.00 23.03 ? 187 TOP A O16 1 
HETATM 1526 C C17 . TOP B 2 .   ? 4.797   -8.933  0.648   1.00 26.38 ? 187 TOP A C17 1 
HETATM 1527 C C18 . TOP B 2 .   ? 4.452   -7.112  -2.129  1.00 18.41 ? 187 TOP A C18 1 
HETATM 1528 O O19 . TOP B 2 .   ? 5.758   -7.465  -2.390  1.00 16.68 ? 187 TOP A O19 1 
HETATM 1529 C C20 . TOP B 2 .   ? 6.079   -7.435  -3.790  1.00 14.45 ? 187 TOP A C20 1 
HETATM 1530 C C21 . TOP B 2 .   ? 3.517   -6.730  -3.136  1.00 14.80 ? 187 TOP A C21 1 
HETATM 1531 S S   . SO4 C 3 .   ? -8.462  -6.512  3.866   1.00 19.27 ? 188 SO4 A S   1 
HETATM 1532 O O1  . SO4 C 3 .   ? -8.957  -7.434  4.923   1.00 17.61 ? 188 SO4 A O1  1 
HETATM 1533 O O2  . SO4 C 3 .   ? -9.061  -6.834  2.560   1.00 20.03 ? 188 SO4 A O2  1 
HETATM 1534 O O3  . SO4 C 3 .   ? -8.587  -5.080  4.271   1.00 19.91 ? 188 SO4 A O3  1 
HETATM 1535 O O4  . SO4 C 3 .   ? -7.053  -6.808  3.667   1.00 15.08 ? 188 SO4 A O4  1 
HETATM 1536 S S   . SO4 D 3 .   ? -11.915 -8.372  10.570  1.00 22.40 ? 189 SO4 A S   1 
HETATM 1537 O O1  . SO4 D 3 .   ? -12.290 -7.483  11.626  1.00 20.73 ? 189 SO4 A O1  1 
HETATM 1538 O O2  . SO4 D 3 .   ? -13.067 -9.202  10.196  1.00 19.84 ? 189 SO4 A O2  1 
HETATM 1539 O O3  . SO4 D 3 .   ? -11.427 -7.626  9.407   1.00 27.12 ? 189 SO4 A O3  1 
HETATM 1540 O O4  . SO4 D 3 .   ? -10.847 -9.245  11.048  1.00 20.83 ? 189 SO4 A O4  1 
HETATM 1541 S S   . SO4 E 3 .   ? 12.499  8.598   -15.792 0.50 24.29 ? 190 SO4 A S   1 
HETATM 1542 O O1  . SO4 E 3 .   ? 12.458  8.360   -14.367 0.50 21.53 ? 190 SO4 A O1  1 
HETATM 1543 O O2  . SO4 E 3 .   ? 11.261  8.153   -16.408 0.50 18.32 ? 190 SO4 A O2  1 
HETATM 1544 O O3  . SO4 E 3 .   ? 12.714  10.012  -16.072 0.50 19.65 ? 190 SO4 A O3  1 
HETATM 1545 O O4  . SO4 E 3 .   ? 13.601  7.825   -16.328 0.50 24.17 ? 190 SO4 A O4  1 
HETATM 1546 C C1  . TOP F 2 .   ? 6.163   -15.641 -5.280  0.50 21.97 ? 191 TOP A C1  1 
HETATM 1547 N N2  . TOP F 2 .   ? 6.903   -16.534 -4.624  0.50 24.13 ? 191 TOP A N2  1 
HETATM 1548 C C3  . TOP F 2 .   ? 6.336   -17.510 -3.893  0.50 23.35 ? 191 TOP A C3  1 
HETATM 1549 N N4  . TOP F 2 .   ? 7.146   -18.364 -3.274  0.50 28.51 ? 191 TOP A N4  1 
HETATM 1550 N N5  . TOP F 2 .   ? 5.010   -17.683 -3.772  0.50 23.21 ? 191 TOP A N5  1 
HETATM 1551 C C6  . TOP F 2 .   ? 4.189   -16.846 -4.415  0.50 19.68 ? 191 TOP A C6  1 
HETATM 1552 N N7  . TOP F 2 .   ? 2.857   -16.992 -4.290  0.50 16.10 ? 191 TOP A N7  1 
HETATM 1553 C C8  . TOP F 2 .   ? 4.792   -15.744 -5.205  0.50 20.75 ? 191 TOP A C8  1 
HETATM 1554 C C9  . TOP F 2 .   ? 3.911   -14.751 -5.917  0.50 23.53 ? 191 TOP A C9  1 
HETATM 1555 C C10 . TOP F 2 .   ? 3.499   -13.744 -4.872  0.50 23.30 ? 191 TOP A C10 1 
HETATM 1556 C C11 . TOP F 2 .   ? 2.151   -13.595 -4.617  0.50 21.93 ? 191 TOP A C11 1 
HETATM 1557 C C12 . TOP F 2 .   ? 1.713   -12.687 -3.681  0.50 23.05 ? 191 TOP A C12 1 
HETATM 1558 O O13 . TOP F 2 .   ? 0.380   -12.563 -3.458  0.50 24.85 ? 191 TOP A O13 1 
HETATM 1559 C C14 . TOP F 2 .   ? -0.433  -13.731 -3.454  0.50 24.22 ? 191 TOP A C14 1 
HETATM 1560 C C15 . TOP F 2 .   ? 2.689   -11.862 -2.935  0.50 22.71 ? 191 TOP A C15 1 
HETATM 1561 O O16 . TOP F 2 .   ? 2.252   -10.980 -1.987  0.50 24.76 ? 191 TOP A O16 1 
HETATM 1562 C C17 . TOP F 2 .   ? 2.284   -9.611  -2.284  0.50 23.93 ? 191 TOP A C17 1 
HETATM 1563 C C18 . TOP F 2 .   ? 4.115   -12.054 -3.241  0.50 21.30 ? 191 TOP A C18 1 
HETATM 1564 O O19 . TOP F 2 .   ? 5.106   -11.352 -2.602  0.50 20.69 ? 191 TOP A O19 1 
HETATM 1565 C C20 . TOP F 2 .   ? 6.371   -11.241 -3.238  0.50 18.63 ? 191 TOP A C20 1 
HETATM 1566 C C21 . TOP F 2 .   ? 4.465   -12.999 -4.202  0.50 22.44 ? 191 TOP A C21 1 
HETATM 1567 O O   . HOH G 4 .   ? 5.881   4.628   -15.567 1.00 8.12  ? 192 HOH A O   1 
HETATM 1568 O O   . HOH G 4 .   ? 2.480   1.610   -7.436  1.00 12.15 ? 193 HOH A O   1 
HETATM 1569 O O   . HOH G 4 .   ? 3.954   7.181   -16.102 1.00 16.53 ? 194 HOH A O   1 
HETATM 1570 O O   . HOH G 4 .   ? 3.467   4.122   -8.514  1.00 9.75  ? 195 HOH A O   1 
HETATM 1571 O O   . HOH G 4 .   ? 9.782   3.057   -10.928 1.00 10.90 ? 196 HOH A O   1 
HETATM 1572 O O   . HOH G 4 .   ? -3.877  -13.426 16.081  1.00 9.15  ? 197 HOH A O   1 
HETATM 1573 O O   . HOH G 4 .   ? -10.831 9.226   -4.210  1.00 11.02 ? 198 HOH A O   1 
HETATM 1574 O O   . HOH G 4 .   ? 7.928   9.865   -0.815  1.00 11.99 ? 199 HOH A O   1 
HETATM 1575 O O   . HOH G 4 .   ? 3.293   10.330  -11.663 1.00 13.96 ? 200 HOH A O   1 
HETATM 1576 O O   . HOH G 4 .   ? 5.616   10.270  0.379   1.00 17.45 ? 201 HOH A O   1 
HETATM 1577 O O   . HOH G 4 .   ? -12.522 12.093  -10.919 1.00 12.68 ? 202 HOH A O   1 
HETATM 1578 O O   . HOH G 4 .   ? 3.681   -15.486 9.174   1.00 13.35 ? 203 HOH A O   1 
HETATM 1579 O O   . HOH G 4 .   ? -6.390  1.185   -13.783 1.00 12.57 ? 204 HOH A O   1 
HETATM 1580 O O   . HOH G 4 .   ? 2.045   11.652  1.349   1.00 16.71 ? 205 HOH A O   1 
HETATM 1581 O O   . HOH G 4 .   ? -4.485  0.184   -15.569 1.00 11.97 ? 206 HOH A O   1 
HETATM 1582 O O   . HOH G 4 .   ? -7.153  -0.247  18.083  1.00 16.61 ? 207 HOH A O   1 
HETATM 1583 O O   . HOH G 4 .   ? 1.399   12.649  3.702   1.00 19.85 ? 208 HOH A O   1 
HETATM 1584 O O   . HOH G 4 .   ? 1.986   -5.580  19.402  1.00 10.99 ? 209 HOH A O   1 
HETATM 1585 O O   . HOH G 4 .   ? -6.383  -13.379 1.784   1.00 13.65 ? 210 HOH A O   1 
HETATM 1586 O O   . HOH G 4 .   ? 4.065   -9.284  17.628  1.00 17.34 ? 211 HOH A O   1 
HETATM 1587 O O   . HOH G 4 .   ? 7.019   4.947   -22.628 1.00 14.33 ? 212 HOH A O   1 
HETATM 1588 O O   . HOH G 4 .   ? -3.794  -14.684 13.457  1.00 15.42 ? 213 HOH A O   1 
HETATM 1589 O O   . HOH G 4 .   ? 11.252  -4.833  10.791  1.00 15.22 ? 214 HOH A O   1 
HETATM 1590 O O   . HOH G 4 .   ? -0.375  -4.432  18.825  1.00 10.75 ? 215 HOH A O   1 
HETATM 1591 O O   . HOH G 4 .   ? -14.395 13.422  -9.379  1.00 14.67 ? 216 HOH A O   1 
HETATM 1592 O O   . HOH G 4 .   ? 0.027   -18.813 9.946   1.00 15.07 ? 217 HOH A O   1 
HETATM 1593 O O   . HOH G 4 .   ? -2.008  -4.502  -6.011  1.00 17.73 ? 218 HOH A O   1 
HETATM 1594 O O   . HOH G 4 .   ? -9.261  -6.438  8.559   1.00 14.35 ? 219 HOH A O   1 
HETATM 1595 O O   . HOH G 4 .   ? -9.992  8.313   -11.570 1.00 12.71 ? 220 HOH A O   1 
HETATM 1596 O O   . HOH G 4 .   ? 0.733   -11.939 18.699  1.00 13.23 ? 221 HOH A O   1 
HETATM 1597 O O   . HOH G 4 .   ? -5.485  9.888   -13.733 1.00 16.32 ? 222 HOH A O   1 
HETATM 1598 O O   . HOH G 4 .   ? 11.360  -9.029  9.942   1.00 15.29 ? 223 HOH A O   1 
HETATM 1599 O O   . HOH G 4 .   ? -13.839 -4.453  -3.851  1.00 16.98 ? 224 HOH A O   1 
HETATM 1600 O O   . HOH G 4 .   ? -2.293  -15.906 17.280  1.00 15.31 ? 225 HOH A O   1 
HETATM 1601 O O   . HOH G 4 .   ? -9.350  -11.045 -3.853  1.00 16.16 ? 226 HOH A O   1 
HETATM 1602 O O   . HOH G 4 .   ? 1.913   -6.453  -9.019  1.00 19.80 ? 227 HOH A O   1 
HETATM 1603 O O   . HOH G 4 .   ? 10.288  -9.185  12.840  1.00 17.56 ? 228 HOH A O   1 
HETATM 1604 O O   . HOH G 4 .   ? -13.125 9.292   -10.841 1.00 17.34 ? 229 HOH A O   1 
HETATM 1605 O O   . HOH G 4 .   ? -7.403  -6.193  -21.810 1.00 20.25 ? 230 HOH A O   1 
HETATM 1606 O O   . HOH G 4 .   ? 9.848   -6.784  9.385   1.00 13.62 ? 231 HOH A O   1 
HETATM 1607 O O   . HOH G 4 .   ? 3.441   -8.703  -9.728  1.00 21.09 ? 232 HOH A O   1 
HETATM 1608 O O   . HOH G 4 .   ? 13.174  -7.188  9.086   1.00 15.33 ? 233 HOH A O   1 
HETATM 1609 O O   . HOH G 4 .   ? 0.600   -15.100 10.043  1.00 10.43 ? 234 HOH A O   1 
HETATM 1610 O O   . HOH G 4 .   ? -10.048 -4.506  6.741   1.00 18.90 ? 235 HOH A O   1 
HETATM 1611 O O   . HOH G 4 .   ? -8.495  -6.139  17.386  1.00 17.23 ? 236 HOH A O   1 
HETATM 1612 O O   . HOH G 4 .   ? 7.944   11.524  4.654   1.00 18.72 ? 237 HOH A O   1 
HETATM 1613 O O   . HOH G 4 .   ? 9.485   -1.999  -14.091 1.00 19.31 ? 238 HOH A O   1 
HETATM 1614 O O   . HOH G 4 .   ? -15.087 3.660   -5.050  1.00 23.03 ? 239 HOH A O   1 
HETATM 1615 O O   . HOH G 4 .   ? 4.881   15.585  -4.054  1.00 16.62 ? 240 HOH A O   1 
HETATM 1616 O O   . HOH G 4 .   ? -7.755  8.321   -13.099 1.00 18.64 ? 241 HOH A O   1 
HETATM 1617 O O   . HOH G 4 .   ? -1.608  -4.862  -1.866  1.00 17.05 ? 242 HOH A O   1 
HETATM 1618 O O   . HOH G 4 .   ? -6.249  18.087  -2.856  1.00 12.82 ? 243 HOH A O   1 
HETATM 1619 O O   . HOH G 4 .   ? 5.860   -5.067  18.154  1.00 18.34 ? 244 HOH A O   1 
HETATM 1620 O O   . HOH G 4 .   ? 11.566  0.840   6.370   1.00 15.38 ? 245 HOH A O   1 
HETATM 1621 O O   . HOH G 4 .   ? 10.189  -16.609 -5.129  1.00 26.38 ? 246 HOH A O   1 
HETATM 1622 O O   . HOH G 4 .   ? 10.417  5.200   -0.054  1.00 23.47 ? 247 HOH A O   1 
HETATM 1623 O O   . HOH G 4 .   ? 0.955   17.987  -5.444  1.00 19.31 ? 248 HOH A O   1 
HETATM 1624 O O   . HOH G 4 .   ? -10.930 6.045   -10.502 1.00 20.90 ? 249 HOH A O   1 
HETATM 1625 O O   . HOH G 4 .   ? -13.294 6.323   -3.387  1.00 16.17 ? 250 HOH A O   1 
HETATM 1626 O O   . HOH G 4 .   ? -6.882  -5.154  19.523  1.00 21.63 ? 251 HOH A O   1 
HETATM 1627 O O   . HOH G 4 .   ? 6.122   -19.501 -1.106  1.00 27.60 ? 252 HOH A O   1 
HETATM 1628 O O   . HOH G 4 .   ? -0.258  -6.535  -6.723  1.00 27.99 ? 253 HOH A O   1 
HETATM 1629 O O   . HOH G 4 .   ? 9.530   -13.117 11.272  1.00 23.80 ? 254 HOH A O   1 
HETATM 1630 O O   . HOH G 4 .   ? -3.588  7.340   -15.786 1.00 26.87 ? 255 HOH A O   1 
HETATM 1631 O O   . HOH G 4 .   ? -11.703 17.258  -0.936  1.00 27.24 ? 256 HOH A O   1 
HETATM 1632 O O   . HOH G 4 .   ? -12.581 7.018   -0.711  1.00 25.13 ? 257 HOH A O   1 
HETATM 1633 O O   . HOH G 4 .   ? -5.347  -9.526  -19.888 1.00 28.17 ? 258 HOH A O   1 
HETATM 1634 O O   . HOH G 4 .   ? -10.274 -3.738  10.765  1.00 17.41 ? 259 HOH A O   1 
HETATM 1635 O O   . HOH G 4 .   ? -14.465 0.645   16.539  1.00 29.51 ? 260 HOH A O   1 
HETATM 1636 O O   . HOH G 4 .   ? -10.650 4.271   10.735  1.00 23.90 ? 261 HOH A O   1 
HETATM 1637 O O   . HOH G 4 .   ? 7.894   9.461   -12.460 1.00 20.06 ? 262 HOH A O   1 
HETATM 1638 O O   . HOH G 4 .   ? -7.851  -11.653 0.042   1.00 21.66 ? 263 HOH A O   1 
HETATM 1639 O O   . HOH G 4 .   ? -16.214 11.429  -8.482  1.00 19.73 ? 264 HOH A O   1 
HETATM 1640 O O   . HOH G 4 .   ? 11.074  -11.751 9.195   1.00 21.69 ? 265 HOH A O   1 
HETATM 1641 O O   . HOH G 4 .   ? -1.418  -2.726  -22.847 1.00 19.10 ? 266 HOH A O   1 
HETATM 1642 O O   . HOH G 4 .   ? -7.436  -12.882 -13.278 1.00 19.77 ? 267 HOH A O   1 
HETATM 1643 O O   . HOH G 4 .   ? -13.496 -9.032  -13.010 1.00 38.69 ? 268 HOH A O   1 
HETATM 1644 O O   . HOH G 4 .   ? 5.325   8.525   -12.865 1.00 19.57 ? 269 HOH A O   1 
HETATM 1645 O O   . HOH G 4 .   ? 2.180   -9.892  19.249  1.00 18.80 ? 270 HOH A O   1 
HETATM 1646 O O   . HOH G 4 .   ? -7.745  -14.966 3.397   1.00 18.00 ? 271 HOH A O   1 
HETATM 1647 O O   . HOH G 4 .   ? -10.717 13.473  1.311   1.00 18.27 ? 272 HOH A O   1 
HETATM 1648 O O   . HOH G 4 .   ? -4.112  -13.705 -15.018 1.00 21.25 ? 273 HOH A O   1 
HETATM 1649 O O   . HOH G 4 .   ? 3.240   -12.112 16.376  1.00 20.10 ? 274 HOH A O   1 
HETATM 1650 O O   . HOH G 4 .   ? -0.241  8.203   -16.983 1.00 21.15 ? 275 HOH A O   1 
HETATM 1651 O O   . HOH G 4 .   ? 7.694   -9.069  -0.478  1.00 24.14 ? 276 HOH A O   1 
HETATM 1652 O O   . HOH G 4 .   ? -14.507 -2.915  -12.205 1.00 22.35 ? 277 HOH A O   1 
HETATM 1653 O O   . HOH G 4 .   ? 17.345  -14.256 -12.956 0.33 26.85 ? 278 HOH A O   1 
HETATM 1654 O O   . HOH G 4 .   ? -10.171 3.752   -9.102  1.00 33.06 ? 279 HOH A O   1 
HETATM 1655 O O   . HOH G 4 .   ? 6.005   -18.887 1.540   1.00 19.01 ? 280 HOH A O   1 
HETATM 1656 O O   . HOH G 4 .   ? 8.311   -6.093  0.117   1.00 30.00 ? 281 HOH A O   1 
HETATM 1657 O O   . HOH G 4 .   ? 10.167  11.379  -15.685 1.00 30.00 ? 282 HOH A O   1 
# 
loop_
_pdbx_poly_seq_scheme.asym_id 
_pdbx_poly_seq_scheme.entity_id 
_pdbx_poly_seq_scheme.seq_id 
_pdbx_poly_seq_scheme.mon_id 
_pdbx_poly_seq_scheme.ndb_seq_num 
_pdbx_poly_seq_scheme.pdb_seq_num 
_pdbx_poly_seq_scheme.auth_seq_num 
_pdbx_poly_seq_scheme.pdb_mon_id 
_pdbx_poly_seq_scheme.auth_mon_id 
_pdbx_poly_seq_scheme.pdb_strand_id 
_pdbx_poly_seq_scheme.pdb_ins_code 
_pdbx_poly_seq_scheme.hetero 
A 1 1   VAL 1   1   1   VAL VAL A . n 
A 1 2   GLY 2   2   2   GLY GLY A . n 
A 1 3   SER 3   3   3   SER SER A . n 
A 1 4   LEU 4   4   4   LEU LEU A . n 
A 1 5   ASN 5   5   5   ASN ASN A . n 
A 1 6   CYS 6   6   6   CYS CYS A . n 
A 1 7   ILE 7   7   7   ILE ILE A . n 
A 1 8   VAL 8   8   8   VAL VAL A . n 
A 1 9   ALA 9   9   9   ALA ALA A . n 
A 1 10  VAL 10  10  10  VAL VAL A . n 
A 1 11  SER 11  11  11  SER SER A . n 
A 1 12  GLN 12  12  12  GLN GLN A . n 
A 1 13  ASN 13  13  13  ASN ASN A . n 
A 1 14  MET 14  14  14  MET MET A . n 
A 1 15  GLY 15  15  15  GLY GLY A . n 
A 1 16  ILE 16  16  16  ILE ILE A . n 
A 1 17  GLY 17  17  17  GLY GLY A . n 
A 1 18  LYS 18  18  18  LYS LYS A . n 
A 1 19  ASN 19  19  19  ASN ASN A . n 
A 1 20  GLY 20  20  20  GLY GLY A . n 
A 1 21  ASP 21  21  21  ASP ASP A . n 
A 1 22  LEU 22  22  22  LEU LEU A . n 
A 1 23  PRO 23  23  23  PRO PRO A . n 
A 1 24  TRP 24  24  24  TRP TRP A . n 
A 1 25  PRO 25  25  25  PRO PRO A . n 
A 1 26  PRO 26  26  26  PRO PRO A . n 
A 1 27  LEU 27  27  27  LEU LEU A . n 
A 1 28  ARG 28  28  28  ARG ARG A . n 
A 1 29  ASN 29  29  29  ASN ASN A . n 
A 1 30  GLU 30  30  30  GLU GLU A . n 
A 1 31  PHE 31  31  31  PHE PHE A . n 
A 1 32  ARG 32  32  32  ARG ARG A . n 
A 1 33  TYR 33  33  33  TYR TYR A . n 
A 1 34  PHE 34  34  34  PHE PHE A . n 
A 1 35  SER 35  35  35  SER SER A . n 
A 1 36  ARG 36  36  36  ARG ARG A . n 
A 1 37  MET 37  37  37  MET MET A . n 
A 1 38  THR 38  38  38  THR THR A . n 
A 1 39  THR 39  39  39  THR THR A . n 
A 1 40  THR 40  40  40  THR THR A . n 
A 1 41  SER 41  41  41  SER SER A . n 
A 1 42  SER 42  42  42  SER SER A . n 
A 1 43  VAL 43  43  43  VAL VAL A . n 
A 1 44  GLU 44  44  44  GLU GLU A . n 
A 1 45  GLY 45  45  45  GLY GLY A . n 
A 1 46  LYS 46  46  46  LYS LYS A . n 
A 1 47  GLN 47  47  47  GLN GLN A . n 
A 1 48  ASN 48  48  48  ASN ASN A . n 
A 1 49  LEU 49  49  49  LEU LEU A . n 
A 1 50  VAL 50  50  50  VAL VAL A . n 
A 1 51  ILE 51  51  51  ILE ILE A . n 
A 1 52  MET 52  52  52  MET MET A . n 
A 1 53  GLY 53  53  53  GLY GLY A . n 
A 1 54  LYS 54  54  54  LYS LYS A . n 
A 1 55  LYS 55  55  55  LYS LYS A . n 
A 1 56  THR 56  56  56  THR THR A . n 
A 1 57  TRP 57  57  57  TRP TRP A . n 
A 1 58  PHE 58  58  58  PHE PHE A . n 
A 1 59  SER 59  59  59  SER SER A . n 
A 1 60  ILE 60  60  60  ILE ILE A . n 
A 1 61  PRO 61  61  61  PRO PRO A . n 
A 1 62  GLU 62  62  62  GLU GLU A . n 
A 1 63  LYS 63  63  63  LYS LYS A . n 
A 1 64  PHE 64  64  64  PHE PHE A . n 
A 1 65  ARG 65  65  65  ARG ARG A . n 
A 1 66  PRO 66  66  66  PRO PRO A . n 
A 1 67  LEU 67  67  67  LEU LEU A . n 
A 1 68  LYS 68  68  68  LYS LYS A . n 
A 1 69  GLY 69  69  69  GLY GLY A . n 
A 1 70  ARG 70  70  70  ARG ARG A . n 
A 1 71  ILE 71  71  71  ILE ILE A . n 
A 1 72  ASN 72  72  72  ASN ASN A . n 
A 1 73  LEU 73  73  73  LEU LEU A . n 
A 1 74  VAL 74  74  74  VAL VAL A . n 
A 1 75  LEU 75  75  75  LEU LEU A . n 
A 1 76  SER 76  76  76  SER SER A . n 
A 1 77  ARG 77  77  77  ARG ARG A . n 
A 1 78  GLU 78  78  78  GLU GLU A . n 
A 1 79  LEU 79  79  79  LEU LEU A . n 
A 1 80  LYS 80  80  80  LYS LYS A . n 
A 1 81  GLU 81  81  81  GLU GLU A . n 
A 1 82  PRO 82  82  82  PRO PRO A . n 
A 1 83  PRO 83  83  83  PRO PRO A . n 
A 1 84  GLN 84  84  84  GLN GLN A . n 
A 1 85  GLY 85  85  85  GLY GLY A . n 
A 1 86  ALA 86  86  86  ALA ALA A . n 
A 1 87  HIS 87  87  87  HIS HIS A . n 
A 1 88  PHE 88  88  88  PHE PHE A . n 
A 1 89  LEU 89  89  89  LEU LEU A . n 
A 1 90  SER 90  90  90  SER SER A . n 
A 1 91  ARG 91  91  91  ARG ARG A . n 
A 1 92  SER 92  92  92  SER SER A . n 
A 1 93  LEU 93  93  93  LEU LEU A . n 
A 1 94  ASP 94  94  94  ASP ASP A . n 
A 1 95  ASP 95  95  95  ASP ASP A . n 
A 1 96  ALA 96  96  96  ALA ALA A . n 
A 1 97  LEU 97  97  97  LEU LEU A . n 
A 1 98  LYS 98  98  98  LYS LYS A . n 
A 1 99  LEU 99  99  99  LEU LEU A . n 
A 1 100 THR 100 100 100 THR THR A . n 
A 1 101 GLU 101 101 101 GLU GLU A . n 
A 1 102 GLN 102 102 102 GLN GLN A . n 
A 1 103 PRO 103 103 103 PRO PRO A . n 
A 1 104 GLU 104 104 104 GLU GLU A . n 
A 1 105 LEU 105 105 105 LEU LEU A . n 
A 1 106 ALA 106 106 106 ALA ALA A . n 
A 1 107 ASN 107 107 107 ASN ASN A . n 
A 1 108 LYS 108 108 108 LYS LYS A . n 
A 1 109 VAL 109 109 109 VAL VAL A . n 
A 1 110 ASP 110 110 110 ASP ASP A . n 
A 1 111 MET 111 111 111 MET MET A . n 
A 1 112 VAL 112 112 112 VAL VAL A . n 
A 1 113 TRP 113 113 113 TRP TRP A . n 
A 1 114 ILE 114 114 114 ILE ILE A . n 
A 1 115 VAL 115 115 115 VAL VAL A . n 
A 1 116 GLY 116 116 116 GLY GLY A . n 
A 1 117 GLY 117 117 117 GLY GLY A . n 
A 1 118 SER 118 118 118 SER SER A . n 
A 1 119 SER 119 119 119 SER SER A . n 
A 1 120 VAL 120 120 120 VAL VAL A . n 
A 1 121 TYR 121 121 121 TYR TYR A . n 
A 1 122 LYS 122 122 122 LYS LYS A . n 
A 1 123 GLU 123 123 123 GLU GLU A . n 
A 1 124 ALA 124 124 124 ALA ALA A . n 
A 1 125 MET 125 125 125 MET MET A . n 
A 1 126 ASN 126 126 126 ASN ASN A . n 
A 1 127 HIS 127 127 127 HIS HIS A . n 
A 1 128 PRO 128 128 128 PRO PRO A . n 
A 1 129 GLY 129 129 129 GLY GLY A . n 
A 1 130 HIS 130 130 130 HIS HIS A . n 
A 1 131 LEU 131 131 131 LEU LEU A . n 
A 1 132 LYS 132 132 132 LYS LYS A . n 
A 1 133 LEU 133 133 133 LEU LEU A . n 
A 1 134 PHE 134 134 134 PHE PHE A . n 
A 1 135 VAL 135 135 135 VAL VAL A . n 
A 1 136 THR 136 136 136 THR THR A . n 
A 1 137 ARG 137 137 137 ARG ARG A . n 
A 1 138 ILE 138 138 138 ILE ILE A . n 
A 1 139 MET 139 139 139 MET MET A . n 
A 1 140 GLN 140 140 140 GLN GLN A . n 
A 1 141 ASP 141 141 141 ASP ASP A . n 
A 1 142 PHE 142 142 142 PHE PHE A . n 
A 1 143 GLU 143 143 143 GLU GLU A . n 
A 1 144 SER 144 144 144 SER SER A . n 
A 1 145 ASP 145 145 145 ASP ASP A . n 
A 1 146 THR 146 146 146 THR THR A . n 
A 1 147 PHE 147 147 147 PHE PHE A . n 
A 1 148 PHE 148 148 148 PHE PHE A . n 
A 1 149 PRO 149 149 149 PRO PRO A . n 
A 1 150 GLU 150 150 150 GLU GLU A . n 
A 1 151 ILE 151 151 151 ILE ILE A . n 
A 1 152 ASP 152 152 152 ASP ASP A . n 
A 1 153 LEU 153 153 153 LEU LEU A . n 
A 1 154 GLU 154 154 154 GLU GLU A . n 
A 1 155 LYS 155 155 155 LYS LYS A . n 
A 1 156 TYR 156 156 156 TYR TYR A . n 
A 1 157 LYS 157 157 157 LYS LYS A . n 
A 1 158 LEU 158 158 158 LEU LEU A . n 
A 1 159 LEU 159 159 159 LEU LEU A . n 
A 1 160 PRO 160 160 160 PRO PRO A . n 
A 1 161 GLU 161 161 161 GLU GLU A . n 
A 1 162 TYR 162 162 162 TYR TYR A . n 
A 1 163 PRO 163 163 163 PRO PRO A . n 
A 1 164 GLY 164 164 164 GLY GLY A . n 
A 1 165 VAL 165 165 165 VAL VAL A . n 
A 1 166 LEU 166 166 166 LEU LEU A . n 
A 1 167 SER 167 167 167 SER SER A . n 
A 1 168 ASP 168 168 168 ASP ASP A . n 
A 1 169 VAL 169 169 169 VAL VAL A . n 
A 1 170 GLN 170 170 170 GLN GLN A . n 
A 1 171 GLU 171 171 171 GLU GLU A . n 
A 1 172 GLU 172 172 172 GLU GLU A . n 
A 1 173 LYS 173 173 173 LYS LYS A . n 
A 1 174 GLY 174 174 174 GLY GLY A . n 
A 1 175 ILE 175 175 175 ILE ILE A . n 
A 1 176 LYS 176 176 176 LYS LYS A . n 
A 1 177 TYR 177 177 177 TYR TYR A . n 
A 1 178 LYS 178 178 178 LYS LYS A . n 
A 1 179 PHE 179 179 179 PHE PHE A . n 
A 1 180 GLU 180 180 180 GLU GLU A . n 
A 1 181 VAL 181 181 181 VAL VAL A . n 
A 1 182 TYR 182 182 182 TYR TYR A . n 
A 1 183 GLU 183 183 183 GLU GLU A . n 
A 1 184 LYS 184 184 184 LYS LYS A . n 
A 1 185 ASN 185 185 185 ASN ASN A . n 
A 1 186 ASP 186 186 186 ASP ASP A . n 
# 
loop_
_pdbx_nonpoly_scheme.asym_id 
_pdbx_nonpoly_scheme.entity_id 
_pdbx_nonpoly_scheme.mon_id 
_pdbx_nonpoly_scheme.ndb_seq_num 
_pdbx_nonpoly_scheme.pdb_seq_num 
_pdbx_nonpoly_scheme.auth_seq_num 
_pdbx_nonpoly_scheme.pdb_mon_id 
_pdbx_nonpoly_scheme.auth_mon_id 
_pdbx_nonpoly_scheme.pdb_strand_id 
_pdbx_nonpoly_scheme.pdb_ins_code 
B 2 TOP 1  187 1  TOP TOP A . 
C 3 SO4 1  188 1  SO4 SO4 A . 
D 3 SO4 1  189 2  SO4 SO4 A . 
E 3 SO4 1  190 1  SO4 SO4 A . 
F 2 TOP 1  191 1  TOP TOP A . 
G 4 HOH 1  192 1  HOH HOH A . 
G 4 HOH 2  193 2  HOH HOH A . 
G 4 HOH 3  194 3  HOH HOH A . 
G 4 HOH 4  195 4  HOH HOH A . 
G 4 HOH 5  196 5  HOH HOH A . 
G 4 HOH 6  197 7  HOH HOH A . 
G 4 HOH 7  198 8  HOH HOH A . 
G 4 HOH 8  199 9  HOH HOH A . 
G 4 HOH 9  200 10 HOH HOH A . 
G 4 HOH 10 201 11 HOH HOH A . 
G 4 HOH 11 202 12 HOH HOH A . 
G 4 HOH 12 203 13 HOH HOH A . 
G 4 HOH 13 204 14 HOH HOH A . 
G 4 HOH 14 205 15 HOH HOH A . 
G 4 HOH 15 206 16 HOH HOH A . 
G 4 HOH 16 207 17 HOH HOH A . 
G 4 HOH 17 208 18 HOH HOH A . 
G 4 HOH 18 209 19 HOH HOH A . 
G 4 HOH 19 210 20 HOH HOH A . 
G 4 HOH 20 211 21 HOH HOH A . 
G 4 HOH 21 212 22 HOH HOH A . 
G 4 HOH 22 213 23 HOH HOH A . 
G 4 HOH 23 214 24 HOH HOH A . 
G 4 HOH 24 215 25 HOH HOH A . 
G 4 HOH 25 216 26 HOH HOH A . 
G 4 HOH 26 217 29 HOH HOH A . 
G 4 HOH 27 218 30 HOH HOH A . 
G 4 HOH 28 219 32 HOH HOH A . 
G 4 HOH 29 220 33 HOH HOH A . 
G 4 HOH 30 221 34 HOH HOH A . 
G 4 HOH 31 222 35 HOH HOH A . 
G 4 HOH 32 223 36 HOH HOH A . 
G 4 HOH 33 224 37 HOH HOH A . 
G 4 HOH 34 225 38 HOH HOH A . 
G 4 HOH 35 226 39 HOH HOH A . 
G 4 HOH 36 227 40 HOH HOH A . 
G 4 HOH 37 228 41 HOH HOH A . 
G 4 HOH 38 229 42 HOH HOH A . 
G 4 HOH 39 230 43 HOH HOH A . 
G 4 HOH 40 231 44 HOH HOH A . 
G 4 HOH 41 232 45 HOH HOH A . 
G 4 HOH 42 233 46 HOH HOH A . 
G 4 HOH 43 234 47 HOH HOH A . 
G 4 HOH 44 235 48 HOH HOH A . 
G 4 HOH 45 236 49 HOH HOH A . 
G 4 HOH 46 237 50 HOH HOH A . 
G 4 HOH 47 238 51 HOH HOH A . 
G 4 HOH 48 239 52 HOH HOH A . 
G 4 HOH 49 240 53 HOH HOH A . 
G 4 HOH 50 241 54 HOH HOH A . 
G 4 HOH 51 242 55 HOH HOH A . 
G 4 HOH 52 243 58 HOH HOH A . 
G 4 HOH 53 244 59 HOH HOH A . 
G 4 HOH 54 245 60 HOH HOH A . 
G 4 HOH 55 246 61 HOH HOH A . 
G 4 HOH 56 247 62 HOH HOH A . 
G 4 HOH 57 248 63 HOH HOH A . 
G 4 HOH 58 249 64 HOH HOH A . 
G 4 HOH 59 250 65 HOH HOH A . 
G 4 HOH 60 251 66 HOH HOH A . 
G 4 HOH 61 252 67 HOH HOH A . 
G 4 HOH 62 253 68 HOH HOH A . 
G 4 HOH 63 254 69 HOH HOH A . 
G 4 HOH 64 255 70 HOH HOH A . 
G 4 HOH 65 256 71 HOH HOH A . 
G 4 HOH 66 257 72 HOH HOH A . 
G 4 HOH 67 258 73 HOH HOH A . 
G 4 HOH 68 259 74 HOH HOH A . 
G 4 HOH 69 260 75 HOH HOH A . 
G 4 HOH 70 261 76 HOH HOH A . 
G 4 HOH 71 262 78 HOH HOH A . 
G 4 HOH 72 263 79 HOH HOH A . 
G 4 HOH 73 264 80 HOH HOH A . 
G 4 HOH 74 265 81 HOH HOH A . 
G 4 HOH 75 266 82 HOH HOH A . 
G 4 HOH 76 267 83 HOH HOH A . 
G 4 HOH 77 268 85 HOH HOH A . 
G 4 HOH 78 269 86 HOH HOH A . 
G 4 HOH 79 270 87 HOH HOH A . 
G 4 HOH 80 271 88 HOH HOH A . 
G 4 HOH 81 272 89 HOH HOH A . 
G 4 HOH 82 273 90 HOH HOH A . 
G 4 HOH 83 274 91 HOH HOH A . 
G 4 HOH 84 275 92 HOH HOH A . 
G 4 HOH 85 276 93 HOH HOH A . 
G 4 HOH 86 277 94 HOH HOH A . 
G 4 HOH 87 278 95 HOH HOH A . 
G 4 HOH 88 279 96 HOH HOH A . 
G 4 HOH 89 280 97 HOH HOH A . 
G 4 HOH 90 281 98 HOH HOH A . 
G 4 HOH 91 282 99 HOH HOH A . 
# 
_pdbx_struct_assembly.id                   1 
_pdbx_struct_assembly.details              author_and_software_defined_assembly 
_pdbx_struct_assembly.method_details       PISA 
_pdbx_struct_assembly.oligomeric_details   monomeric 
_pdbx_struct_assembly.oligomeric_count     1 
# 
_pdbx_struct_assembly_gen.assembly_id       1 
_pdbx_struct_assembly_gen.oper_expression   1 
_pdbx_struct_assembly_gen.asym_id_list      A,B,C,D,E,F,G 
# 
_pdbx_struct_oper_list.id                   1 
_pdbx_struct_oper_list.type                 'identity operation' 
_pdbx_struct_oper_list.name                 1_555 
_pdbx_struct_oper_list.symmetry_operation   x,y,z 
_pdbx_struct_oper_list.matrix[1][1]         1.0000000000 
_pdbx_struct_oper_list.matrix[1][2]         0.0000000000 
_pdbx_struct_oper_list.matrix[1][3]         0.0000000000 
_pdbx_struct_oper_list.vector[1]            0.0000000000 
_pdbx_struct_oper_list.matrix[2][1]         0.0000000000 
_pdbx_struct_oper_list.matrix[2][2]         1.0000000000 
_pdbx_struct_oper_list.matrix[2][3]         0.0000000000 
_pdbx_struct_oper_list.vector[2]            0.0000000000 
_pdbx_struct_oper_list.matrix[3][1]         0.0000000000 
_pdbx_struct_oper_list.matrix[3][2]         0.0000000000 
_pdbx_struct_oper_list.matrix[3][3]         1.0000000000 
_pdbx_struct_oper_list.vector[3]            0.0000000000 
# 
_pdbx_struct_special_symmetry.id              1 
_pdbx_struct_special_symmetry.PDB_model_num   1 
_pdbx_struct_special_symmetry.auth_asym_id    A 
_pdbx_struct_special_symmetry.auth_comp_id    HOH 
_pdbx_struct_special_symmetry.auth_seq_id     278 
_pdbx_struct_special_symmetry.PDB_ins_code    ? 
_pdbx_struct_special_symmetry.label_asym_id   G 
_pdbx_struct_special_symmetry.label_comp_id   HOH 
_pdbx_struct_special_symmetry.label_seq_id    . 
# 
loop_
_pdbx_audit_revision_history.ordinal 
_pdbx_audit_revision_history.data_content_type 
_pdbx_audit_revision_history.major_revision 
_pdbx_audit_revision_history.minor_revision 
_pdbx_audit_revision_history.revision_date 
1 'Structure model' 1 0 2011-09-28 
2 'Structure model' 1 1 2017-11-08 
3 'Structure model' 1 2 2023-09-06 
# 
_pdbx_audit_revision_details.ordinal             1 
_pdbx_audit_revision_details.revision_ordinal    1 
_pdbx_audit_revision_details.data_content_type   'Structure model' 
_pdbx_audit_revision_details.provider            repository 
_pdbx_audit_revision_details.type                'Initial release' 
_pdbx_audit_revision_details.description         ? 
_pdbx_audit_revision_details.details             ? 
# 
loop_
_pdbx_audit_revision_group.ordinal 
_pdbx_audit_revision_group.revision_ordinal 
_pdbx_audit_revision_group.data_content_type 
_pdbx_audit_revision_group.group 
1 2 'Structure model' 'Refinement description' 
2 3 'Structure model' 'Data collection'        
3 3 'Structure model' 'Database references'    
4 3 'Structure model' 'Derived calculations'   
5 3 'Structure model' 'Refinement description' 
# 
loop_
_pdbx_audit_revision_category.ordinal 
_pdbx_audit_revision_category.revision_ordinal 
_pdbx_audit_revision_category.data_content_type 
_pdbx_audit_revision_category.category 
1 2 'Structure model' software                      
2 3 'Structure model' chem_comp_atom                
3 3 'Structure model' chem_comp_bond                
4 3 'Structure model' database_2                    
5 3 'Structure model' pdbx_initial_refinement_model 
6 3 'Structure model' struct_ref_seq_dif            
7 3 'Structure model' struct_site                   
# 
loop_
_pdbx_audit_revision_item.ordinal 
_pdbx_audit_revision_item.revision_ordinal 
_pdbx_audit_revision_item.data_content_type 
_pdbx_audit_revision_item.item 
1 3 'Structure model' '_database_2.pdbx_DOI'                
2 3 'Structure model' '_database_2.pdbx_database_accession' 
3 3 'Structure model' '_struct_ref_seq_dif.details'         
4 3 'Structure model' '_struct_site.pdbx_auth_asym_id'      
5 3 'Structure model' '_struct_site.pdbx_auth_comp_id'      
6 3 'Structure model' '_struct_site.pdbx_auth_seq_id'       
# 
loop_
_software.name 
_software.classification 
_software.version 
_software.citation_id 
_software.pdbx_ordinal 
CrystalClear 'data collection' .        ? 1 
MOLREP       phasing           .        ? 2 
REFMAC       refinement        5.5.0088 ? 3 
HKL-2000     'data reduction'  .        ? 4 
SCALEPACK    'data scaling'    .        ? 5 
# 
_pdbx_validate_close_contact.id               1 
_pdbx_validate_close_contact.PDB_model_num    1 
_pdbx_validate_close_contact.auth_atom_id_1   CE 
_pdbx_validate_close_contact.auth_asym_id_1   A 
_pdbx_validate_close_contact.auth_comp_id_1   MET 
_pdbx_validate_close_contact.auth_seq_id_1    14 
_pdbx_validate_close_contact.PDB_ins_code_1   ? 
_pdbx_validate_close_contact.label_alt_id_1   ? 
_pdbx_validate_close_contact.auth_atom_id_2   O 
_pdbx_validate_close_contact.auth_asym_id_2   A 
_pdbx_validate_close_contact.auth_comp_id_2   HOH 
_pdbx_validate_close_contact.auth_seq_id_2    279 
_pdbx_validate_close_contact.PDB_ins_code_2   ? 
_pdbx_validate_close_contact.label_alt_id_2   ? 
_pdbx_validate_close_contact.dist             2.03 
# 
_pdbx_validate_symm_contact.id                1 
_pdbx_validate_symm_contact.PDB_model_num     1 
_pdbx_validate_symm_contact.auth_atom_id_1    OE2 
_pdbx_validate_symm_contact.auth_asym_id_1    A 
_pdbx_validate_symm_contact.auth_comp_id_1    GLU 
_pdbx_validate_symm_contact.auth_seq_id_1     154 
_pdbx_validate_symm_contact.PDB_ins_code_1    ? 
_pdbx_validate_symm_contact.label_alt_id_1    ? 
_pdbx_validate_symm_contact.site_symmetry_1   1_555 
_pdbx_validate_symm_contact.auth_atom_id_2    O 
_pdbx_validate_symm_contact.auth_asym_id_2    A 
_pdbx_validate_symm_contact.auth_comp_id_2    HOH 
_pdbx_validate_symm_contact.auth_seq_id_2     217 
_pdbx_validate_symm_contact.PDB_ins_code_2    ? 
_pdbx_validate_symm_contact.label_alt_id_2    ? 
_pdbx_validate_symm_contact.site_symmetry_2   6_445 
_pdbx_validate_symm_contact.dist              2.19 
# 
_pdbx_validate_rmsd_bond.id                        1 
_pdbx_validate_rmsd_bond.PDB_model_num             1 
_pdbx_validate_rmsd_bond.auth_atom_id_1            CD 
_pdbx_validate_rmsd_bond.auth_asym_id_1            A 
_pdbx_validate_rmsd_bond.auth_comp_id_1            GLU 
_pdbx_validate_rmsd_bond.auth_seq_id_1             154 
_pdbx_validate_rmsd_bond.PDB_ins_code_1            ? 
_pdbx_validate_rmsd_bond.label_alt_id_1            ? 
_pdbx_validate_rmsd_bond.auth_atom_id_2            OE2 
_pdbx_validate_rmsd_bond.auth_asym_id_2            A 
_pdbx_validate_rmsd_bond.auth_comp_id_2            GLU 
_pdbx_validate_rmsd_bond.auth_seq_id_2             154 
_pdbx_validate_rmsd_bond.PDB_ins_code_2            ? 
_pdbx_validate_rmsd_bond.label_alt_id_2            ? 
_pdbx_validate_rmsd_bond.bond_value                1.334 
_pdbx_validate_rmsd_bond.bond_target_value         1.252 
_pdbx_validate_rmsd_bond.bond_deviation            0.082 
_pdbx_validate_rmsd_bond.bond_standard_deviation   0.011 
_pdbx_validate_rmsd_bond.linker_flag               N 
# 
loop_
_pdbx_validate_rmsd_angle.id 
_pdbx_validate_rmsd_angle.PDB_model_num 
_pdbx_validate_rmsd_angle.auth_atom_id_1 
_pdbx_validate_rmsd_angle.auth_asym_id_1 
_pdbx_validate_rmsd_angle.auth_comp_id_1 
_pdbx_validate_rmsd_angle.auth_seq_id_1 
_pdbx_validate_rmsd_angle.PDB_ins_code_1 
_pdbx_validate_rmsd_angle.label_alt_id_1 
_pdbx_validate_rmsd_angle.auth_atom_id_2 
_pdbx_validate_rmsd_angle.auth_asym_id_2 
_pdbx_validate_rmsd_angle.auth_comp_id_2 
_pdbx_validate_rmsd_angle.auth_seq_id_2 
_pdbx_validate_rmsd_angle.PDB_ins_code_2 
_pdbx_validate_rmsd_angle.label_alt_id_2 
_pdbx_validate_rmsd_angle.auth_atom_id_3 
_pdbx_validate_rmsd_angle.auth_asym_id_3 
_pdbx_validate_rmsd_angle.auth_comp_id_3 
_pdbx_validate_rmsd_angle.auth_seq_id_3 
_pdbx_validate_rmsd_angle.PDB_ins_code_3 
_pdbx_validate_rmsd_angle.label_alt_id_3 
_pdbx_validate_rmsd_angle.angle_value 
_pdbx_validate_rmsd_angle.angle_target_value 
_pdbx_validate_rmsd_angle.angle_deviation 
_pdbx_validate_rmsd_angle.angle_standard_deviation 
_pdbx_validate_rmsd_angle.linker_flag 
1 1 NE  A ARG 65  ? ? CZ A ARG 65  ? ? NH2 A ARG 65  ? ? 117.13 120.30 -3.17  0.50 N 
2 1 CG1 A VAL 112 ? ? CB A VAL 112 ? ? CG2 A VAL 112 ? ? 125.73 110.90 14.83  1.60 N 
3 1 CB  A LEU 133 ? ? CG A LEU 133 ? ? CD1 A LEU 133 ? ? 123.02 111.00 12.02  1.70 N 
4 1 CG  A MET 139 ? ? SD A MET 139 ? ? CE  A MET 139 ? ? 81.90  100.20 -18.30 1.60 N 
5 1 CB  A ASP 168 ? ? CG A ASP 168 ? ? OD1 A ASP 168 ? ? 111.75 118.30 -6.55  0.90 N 
6 1 CB  A ASP 168 ? ? CG A ASP 168 ? ? OD2 A ASP 168 ? ? 124.20 118.30 5.90   0.90 N 
# 
loop_
_pdbx_validate_torsion.id 
_pdbx_validate_torsion.PDB_model_num 
_pdbx_validate_torsion.auth_comp_id 
_pdbx_validate_torsion.auth_asym_id 
_pdbx_validate_torsion.auth_seq_id 
_pdbx_validate_torsion.PDB_ins_code 
_pdbx_validate_torsion.label_alt_id 
_pdbx_validate_torsion.phi 
_pdbx_validate_torsion.psi 
1 1 SER A 76  ? ? -170.55 138.62  
2 1 GLN A 102 ? ? -68.06  -178.21 
3 1 ASP A 110 ? ? -90.53  -101.43 
4 1 MET A 139 ? ? -92.90  48.45   
# 
loop_
_chem_comp_atom.comp_id 
_chem_comp_atom.atom_id 
_chem_comp_atom.type_symbol 
_chem_comp_atom.pdbx_aromatic_flag 
_chem_comp_atom.pdbx_stereo_config 
_chem_comp_atom.pdbx_ordinal 
ALA N    N N N 1   
ALA CA   C N S 2   
ALA C    C N N 3   
ALA O    O N N 4   
ALA CB   C N N 5   
ALA OXT  O N N 6   
ALA H    H N N 7   
ALA H2   H N N 8   
ALA HA   H N N 9   
ALA HB1  H N N 10  
ALA HB2  H N N 11  
ALA HB3  H N N 12  
ALA HXT  H N N 13  
ARG N    N N N 14  
ARG CA   C N S 15  
ARG C    C N N 16  
ARG O    O N N 17  
ARG CB   C N N 18  
ARG CG   C N N 19  
ARG CD   C N N 20  
ARG NE   N N N 21  
ARG CZ   C N N 22  
ARG NH1  N N N 23  
ARG NH2  N N N 24  
ARG OXT  O N N 25  
ARG H    H N N 26  
ARG H2   H N N 27  
ARG HA   H N N 28  
ARG HB2  H N N 29  
ARG HB3  H N N 30  
ARG HG2  H N N 31  
ARG HG3  H N N 32  
ARG HD2  H N N 33  
ARG HD3  H N N 34  
ARG HE   H N N 35  
ARG HH11 H N N 36  
ARG HH12 H N N 37  
ARG HH21 H N N 38  
ARG HH22 H N N 39  
ARG HXT  H N N 40  
ASN N    N N N 41  
ASN CA   C N S 42  
ASN C    C N N 43  
ASN O    O N N 44  
ASN CB   C N N 45  
ASN CG   C N N 46  
ASN OD1  O N N 47  
ASN ND2  N N N 48  
ASN OXT  O N N 49  
ASN H    H N N 50  
ASN H2   H N N 51  
ASN HA   H N N 52  
ASN HB2  H N N 53  
ASN HB3  H N N 54  
ASN HD21 H N N 55  
ASN HD22 H N N 56  
ASN HXT  H N N 57  
ASP N    N N N 58  
ASP CA   C N S 59  
ASP C    C N N 60  
ASP O    O N N 61  
ASP CB   C N N 62  
ASP CG   C N N 63  
ASP OD1  O N N 64  
ASP OD2  O N N 65  
ASP OXT  O N N 66  
ASP H    H N N 67  
ASP H2   H N N 68  
ASP HA   H N N 69  
ASP HB2  H N N 70  
ASP HB3  H N N 71  
ASP HD2  H N N 72  
ASP HXT  H N N 73  
CYS N    N N N 74  
CYS CA   C N R 75  
CYS C    C N N 76  
CYS O    O N N 77  
CYS CB   C N N 78  
CYS SG   S N N 79  
CYS OXT  O N N 80  
CYS H    H N N 81  
CYS H2   H N N 82  
CYS HA   H N N 83  
CYS HB2  H N N 84  
CYS HB3  H N N 85  
CYS HG   H N N 86  
CYS HXT  H N N 87  
GLN N    N N N 88  
GLN CA   C N S 89  
GLN C    C N N 90  
GLN O    O N N 91  
GLN CB   C N N 92  
GLN CG   C N N 93  
GLN CD   C N N 94  
GLN OE1  O N N 95  
GLN NE2  N N N 96  
GLN OXT  O N N 97  
GLN H    H N N 98  
GLN H2   H N N 99  
GLN HA   H N N 100 
GLN HB2  H N N 101 
GLN HB3  H N N 102 
GLN HG2  H N N 103 
GLN HG3  H N N 104 
GLN HE21 H N N 105 
GLN HE22 H N N 106 
GLN HXT  H N N 107 
GLU N    N N N 108 
GLU CA   C N S 109 
GLU C    C N N 110 
GLU O    O N N 111 
GLU CB   C N N 112 
GLU CG   C N N 113 
GLU CD   C N N 114 
GLU OE1  O N N 115 
GLU OE2  O N N 116 
GLU OXT  O N N 117 
GLU H    H N N 118 
GLU H2   H N N 119 
GLU HA   H N N 120 
GLU HB2  H N N 121 
GLU HB3  H N N 122 
GLU HG2  H N N 123 
GLU HG3  H N N 124 
GLU HE2  H N N 125 
GLU HXT  H N N 126 
GLY N    N N N 127 
GLY CA   C N N 128 
GLY C    C N N 129 
GLY O    O N N 130 
GLY OXT  O N N 131 
GLY H    H N N 132 
GLY H2   H N N 133 
GLY HA2  H N N 134 
GLY HA3  H N N 135 
GLY HXT  H N N 136 
HIS N    N N N 137 
HIS CA   C N S 138 
HIS C    C N N 139 
HIS O    O N N 140 
HIS CB   C N N 141 
HIS CG   C Y N 142 
HIS ND1  N Y N 143 
HIS CD2  C Y N 144 
HIS CE1  C Y N 145 
HIS NE2  N Y N 146 
HIS OXT  O N N 147 
HIS H    H N N 148 
HIS H2   H N N 149 
HIS HA   H N N 150 
HIS HB2  H N N 151 
HIS HB3  H N N 152 
HIS HD1  H N N 153 
HIS HD2  H N N 154 
HIS HE1  H N N 155 
HIS HE2  H N N 156 
HIS HXT  H N N 157 
HOH O    O N N 158 
HOH H1   H N N 159 
HOH H2   H N N 160 
ILE N    N N N 161 
ILE CA   C N S 162 
ILE C    C N N 163 
ILE O    O N N 164 
ILE CB   C N S 165 
ILE CG1  C N N 166 
ILE CG2  C N N 167 
ILE CD1  C N N 168 
ILE OXT  O N N 169 
ILE H    H N N 170 
ILE H2   H N N 171 
ILE HA   H N N 172 
ILE HB   H N N 173 
ILE HG12 H N N 174 
ILE HG13 H N N 175 
ILE HG21 H N N 176 
ILE HG22 H N N 177 
ILE HG23 H N N 178 
ILE HD11 H N N 179 
ILE HD12 H N N 180 
ILE HD13 H N N 181 
ILE HXT  H N N 182 
LEU N    N N N 183 
LEU CA   C N S 184 
LEU C    C N N 185 
LEU O    O N N 186 
LEU CB   C N N 187 
LEU CG   C N N 188 
LEU CD1  C N N 189 
LEU CD2  C N N 190 
LEU OXT  O N N 191 
LEU H    H N N 192 
LEU H2   H N N 193 
LEU HA   H N N 194 
LEU HB2  H N N 195 
LEU HB3  H N N 196 
LEU HG   H N N 197 
LEU HD11 H N N 198 
LEU HD12 H N N 199 
LEU HD13 H N N 200 
LEU HD21 H N N 201 
LEU HD22 H N N 202 
LEU HD23 H N N 203 
LEU HXT  H N N 204 
LYS N    N N N 205 
LYS CA   C N S 206 
LYS C    C N N 207 
LYS O    O N N 208 
LYS CB   C N N 209 
LYS CG   C N N 210 
LYS CD   C N N 211 
LYS CE   C N N 212 
LYS NZ   N N N 213 
LYS OXT  O N N 214 
LYS H    H N N 215 
LYS H2   H N N 216 
LYS HA   H N N 217 
LYS HB2  H N N 218 
LYS HB3  H N N 219 
LYS HG2  H N N 220 
LYS HG3  H N N 221 
LYS HD2  H N N 222 
LYS HD3  H N N 223 
LYS HE2  H N N 224 
LYS HE3  H N N 225 
LYS HZ1  H N N 226 
LYS HZ2  H N N 227 
LYS HZ3  H N N 228 
LYS HXT  H N N 229 
MET N    N N N 230 
MET CA   C N S 231 
MET C    C N N 232 
MET O    O N N 233 
MET CB   C N N 234 
MET CG   C N N 235 
MET SD   S N N 236 
MET CE   C N N 237 
MET OXT  O N N 238 
MET H    H N N 239 
MET H2   H N N 240 
MET HA   H N N 241 
MET HB2  H N N 242 
MET HB3  H N N 243 
MET HG2  H N N 244 
MET HG3  H N N 245 
MET HE1  H N N 246 
MET HE2  H N N 247 
MET HE3  H N N 248 
MET HXT  H N N 249 
PHE N    N N N 250 
PHE CA   C N S 251 
PHE C    C N N 252 
PHE O    O N N 253 
PHE CB   C N N 254 
PHE CG   C Y N 255 
PHE CD1  C Y N 256 
PHE CD2  C Y N 257 
PHE CE1  C Y N 258 
PHE CE2  C Y N 259 
PHE CZ   C Y N 260 
PHE OXT  O N N 261 
PHE H    H N N 262 
PHE H2   H N N 263 
PHE HA   H N N 264 
PHE HB2  H N N 265 
PHE HB3  H N N 266 
PHE HD1  H N N 267 
PHE HD2  H N N 268 
PHE HE1  H N N 269 
PHE HE2  H N N 270 
PHE HZ   H N N 271 
PHE HXT  H N N 272 
PRO N    N N N 273 
PRO CA   C N S 274 
PRO C    C N N 275 
PRO O    O N N 276 
PRO CB   C N N 277 
PRO CG   C N N 278 
PRO CD   C N N 279 
PRO OXT  O N N 280 
PRO H    H N N 281 
PRO HA   H N N 282 
PRO HB2  H N N 283 
PRO HB3  H N N 284 
PRO HG2  H N N 285 
PRO HG3  H N N 286 
PRO HD2  H N N 287 
PRO HD3  H N N 288 
PRO HXT  H N N 289 
SER N    N N N 290 
SER CA   C N S 291 
SER C    C N N 292 
SER O    O N N 293 
SER CB   C N N 294 
SER OG   O N N 295 
SER OXT  O N N 296 
SER H    H N N 297 
SER H2   H N N 298 
SER HA   H N N 299 
SER HB2  H N N 300 
SER HB3  H N N 301 
SER HG   H N N 302 
SER HXT  H N N 303 
SO4 S    S N N 304 
SO4 O1   O N N 305 
SO4 O2   O N N 306 
SO4 O3   O N N 307 
SO4 O4   O N N 308 
THR N    N N N 309 
THR CA   C N S 310 
THR C    C N N 311 
THR O    O N N 312 
THR CB   C N R 313 
THR OG1  O N N 314 
THR CG2  C N N 315 
THR OXT  O N N 316 
THR H    H N N 317 
THR H2   H N N 318 
THR HA   H N N 319 
THR HB   H N N 320 
THR HG1  H N N 321 
THR HG21 H N N 322 
THR HG22 H N N 323 
THR HG23 H N N 324 
THR HXT  H N N 325 
TOP C1   C Y N 326 
TOP N2   N Y N 327 
TOP C3   C Y N 328 
TOP N4   N N N 329 
TOP N5   N Y N 330 
TOP C6   C Y N 331 
TOP N7   N N N 332 
TOP C8   C Y N 333 
TOP C9   C N N 334 
TOP C10  C Y N 335 
TOP C11  C Y N 336 
TOP C12  C Y N 337 
TOP O13  O N N 338 
TOP C14  C N N 339 
TOP C15  C Y N 340 
TOP O16  O N N 341 
TOP C17  C N N 342 
TOP C18  C Y N 343 
TOP O19  O N N 344 
TOP C20  C N N 345 
TOP C21  C Y N 346 
TOP H1   H N N 347 
TOP HN41 H N N 348 
TOP HN42 H N N 349 
TOP HN71 H N N 350 
TOP HN72 H N N 351 
TOP H91  H N N 352 
TOP H92  H N N 353 
TOP H11  H N N 354 
TOP H141 H N N 355 
TOP H142 H N N 356 
TOP H143 H N N 357 
TOP H171 H N N 358 
TOP H172 H N N 359 
TOP H173 H N N 360 
TOP H201 H N N 361 
TOP H202 H N N 362 
TOP H203 H N N 363 
TOP H21  H N N 364 
TRP N    N N N 365 
TRP CA   C N S 366 
TRP C    C N N 367 
TRP O    O N N 368 
TRP CB   C N N 369 
TRP CG   C Y N 370 
TRP CD1  C Y N 371 
TRP CD2  C Y N 372 
TRP NE1  N Y N 373 
TRP CE2  C Y N 374 
TRP CE3  C Y N 375 
TRP CZ2  C Y N 376 
TRP CZ3  C Y N 377 
TRP CH2  C Y N 378 
TRP OXT  O N N 379 
TRP H    H N N 380 
TRP H2   H N N 381 
TRP HA   H N N 382 
TRP HB2  H N N 383 
TRP HB3  H N N 384 
TRP HD1  H N N 385 
TRP HE1  H N N 386 
TRP HE3  H N N 387 
TRP HZ2  H N N 388 
TRP HZ3  H N N 389 
TRP HH2  H N N 390 
TRP HXT  H N N 391 
TYR N    N N N 392 
TYR CA   C N S 393 
TYR C    C N N 394 
TYR O    O N N 395 
TYR CB   C N N 396 
TYR CG   C Y N 397 
TYR CD1  C Y N 398 
TYR CD2  C Y N 399 
TYR CE1  C Y N 400 
TYR CE2  C Y N 401 
TYR CZ   C Y N 402 
TYR OH   O N N 403 
TYR OXT  O N N 404 
TYR H    H N N 405 
TYR H2   H N N 406 
TYR HA   H N N 407 
TYR HB2  H N N 408 
TYR HB3  H N N 409 
TYR HD1  H N N 410 
TYR HD2  H N N 411 
TYR HE1  H N N 412 
TYR HE2  H N N 413 
TYR HH   H N N 414 
TYR HXT  H N N 415 
VAL N    N N N 416 
VAL CA   C N S 417 
VAL C    C N N 418 
VAL O    O N N 419 
VAL CB   C N N 420 
VAL CG1  C N N 421 
VAL CG2  C N N 422 
VAL OXT  O N N 423 
VAL H    H N N 424 
VAL H2   H N N 425 
VAL HA   H N N 426 
VAL HB   H N N 427 
VAL HG11 H N N 428 
VAL HG12 H N N 429 
VAL HG13 H N N 430 
VAL HG21 H N N 431 
VAL HG22 H N N 432 
VAL HG23 H N N 433 
VAL HXT  H N N 434 
# 
loop_
_chem_comp_bond.comp_id 
_chem_comp_bond.atom_id_1 
_chem_comp_bond.atom_id_2 
_chem_comp_bond.value_order 
_chem_comp_bond.pdbx_aromatic_flag 
_chem_comp_bond.pdbx_stereo_config 
_chem_comp_bond.pdbx_ordinal 
ALA N   CA   sing N N 1   
ALA N   H    sing N N 2   
ALA N   H2   sing N N 3   
ALA CA  C    sing N N 4   
ALA CA  CB   sing N N 5   
ALA CA  HA   sing N N 6   
ALA C   O    doub N N 7   
ALA C   OXT  sing N N 8   
ALA CB  HB1  sing N N 9   
ALA CB  HB2  sing N N 10  
ALA CB  HB3  sing N N 11  
ALA OXT HXT  sing N N 12  
ARG N   CA   sing N N 13  
ARG N   H    sing N N 14  
ARG N   H2   sing N N 15  
ARG CA  C    sing N N 16  
ARG CA  CB   sing N N 17  
ARG CA  HA   sing N N 18  
ARG C   O    doub N N 19  
ARG C   OXT  sing N N 20  
ARG CB  CG   sing N N 21  
ARG CB  HB2  sing N N 22  
ARG CB  HB3  sing N N 23  
ARG CG  CD   sing N N 24  
ARG CG  HG2  sing N N 25  
ARG CG  HG3  sing N N 26  
ARG CD  NE   sing N N 27  
ARG CD  HD2  sing N N 28  
ARG CD  HD3  sing N N 29  
ARG NE  CZ   sing N N 30  
ARG NE  HE   sing N N 31  
ARG CZ  NH1  sing N N 32  
ARG CZ  NH2  doub N N 33  
ARG NH1 HH11 sing N N 34  
ARG NH1 HH12 sing N N 35  
ARG NH2 HH21 sing N N 36  
ARG NH2 HH22 sing N N 37  
ARG OXT HXT  sing N N 38  
ASN N   CA   sing N N 39  
ASN N   H    sing N N 40  
ASN N   H2   sing N N 41  
ASN CA  C    sing N N 42  
ASN CA  CB   sing N N 43  
ASN CA  HA   sing N N 44  
ASN C   O    doub N N 45  
ASN C   OXT  sing N N 46  
ASN CB  CG   sing N N 47  
ASN CB  HB2  sing N N 48  
ASN CB  HB3  sing N N 49  
ASN CG  OD1  doub N N 50  
ASN CG  ND2  sing N N 51  
ASN ND2 HD21 sing N N 52  
ASN ND2 HD22 sing N N 53  
ASN OXT HXT  sing N N 54  
ASP N   CA   sing N N 55  
ASP N   H    sing N N 56  
ASP N   H2   sing N N 57  
ASP CA  C    sing N N 58  
ASP CA  CB   sing N N 59  
ASP CA  HA   sing N N 60  
ASP C   O    doub N N 61  
ASP C   OXT  sing N N 62  
ASP CB  CG   sing N N 63  
ASP CB  HB2  sing N N 64  
ASP CB  HB3  sing N N 65  
ASP CG  OD1  doub N N 66  
ASP CG  OD2  sing N N 67  
ASP OD2 HD2  sing N N 68  
ASP OXT HXT  sing N N 69  
CYS N   CA   sing N N 70  
CYS N   H    sing N N 71  
CYS N   H2   sing N N 72  
CYS CA  C    sing N N 73  
CYS CA  CB   sing N N 74  
CYS CA  HA   sing N N 75  
CYS C   O    doub N N 76  
CYS C   OXT  sing N N 77  
CYS CB  SG   sing N N 78  
CYS CB  HB2  sing N N 79  
CYS CB  HB3  sing N N 80  
CYS SG  HG   sing N N 81  
CYS OXT HXT  sing N N 82  
GLN N   CA   sing N N 83  
GLN N   H    sing N N 84  
GLN N   H2   sing N N 85  
GLN CA  C    sing N N 86  
GLN CA  CB   sing N N 87  
GLN CA  HA   sing N N 88  
GLN C   O    doub N N 89  
GLN C   OXT  sing N N 90  
GLN CB  CG   sing N N 91  
GLN CB  HB2  sing N N 92  
GLN CB  HB3  sing N N 93  
GLN CG  CD   sing N N 94  
GLN CG  HG2  sing N N 95  
GLN CG  HG3  sing N N 96  
GLN CD  OE1  doub N N 97  
GLN CD  NE2  sing N N 98  
GLN NE2 HE21 sing N N 99  
GLN NE2 HE22 sing N N 100 
GLN OXT HXT  sing N N 101 
GLU N   CA   sing N N 102 
GLU N   H    sing N N 103 
GLU N   H2   sing N N 104 
GLU CA  C    sing N N 105 
GLU CA  CB   sing N N 106 
GLU CA  HA   sing N N 107 
GLU C   O    doub N N 108 
GLU C   OXT  sing N N 109 
GLU CB  CG   sing N N 110 
GLU CB  HB2  sing N N 111 
GLU CB  HB3  sing N N 112 
GLU CG  CD   sing N N 113 
GLU CG  HG2  sing N N 114 
GLU CG  HG3  sing N N 115 
GLU CD  OE1  doub N N 116 
GLU CD  OE2  sing N N 117 
GLU OE2 HE2  sing N N 118 
GLU OXT HXT  sing N N 119 
GLY N   CA   sing N N 120 
GLY N   H    sing N N 121 
GLY N   H2   sing N N 122 
GLY CA  C    sing N N 123 
GLY CA  HA2  sing N N 124 
GLY CA  HA3  sing N N 125 
GLY C   O    doub N N 126 
GLY C   OXT  sing N N 127 
GLY OXT HXT  sing N N 128 
HIS N   CA   sing N N 129 
HIS N   H    sing N N 130 
HIS N   H2   sing N N 131 
HIS CA  C    sing N N 132 
HIS CA  CB   sing N N 133 
HIS CA  HA   sing N N 134 
HIS C   O    doub N N 135 
HIS C   OXT  sing N N 136 
HIS CB  CG   sing N N 137 
HIS CB  HB2  sing N N 138 
HIS CB  HB3  sing N N 139 
HIS CG  ND1  sing Y N 140 
HIS CG  CD2  doub Y N 141 
HIS ND1 CE1  doub Y N 142 
HIS ND1 HD1  sing N N 143 
HIS CD2 NE2  sing Y N 144 
HIS CD2 HD2  sing N N 145 
HIS CE1 NE2  sing Y N 146 
HIS CE1 HE1  sing N N 147 
HIS NE2 HE2  sing N N 148 
HIS OXT HXT  sing N N 149 
HOH O   H1   sing N N 150 
HOH O   H2   sing N N 151 
ILE N   CA   sing N N 152 
ILE N   H    sing N N 153 
ILE N   H2   sing N N 154 
ILE CA  C    sing N N 155 
ILE CA  CB   sing N N 156 
ILE CA  HA   sing N N 157 
ILE C   O    doub N N 158 
ILE C   OXT  sing N N 159 
ILE CB  CG1  sing N N 160 
ILE CB  CG2  sing N N 161 
ILE CB  HB   sing N N 162 
ILE CG1 CD1  sing N N 163 
ILE CG1 HG12 sing N N 164 
ILE CG1 HG13 sing N N 165 
ILE CG2 HG21 sing N N 166 
ILE CG2 HG22 sing N N 167 
ILE CG2 HG23 sing N N 168 
ILE CD1 HD11 sing N N 169 
ILE CD1 HD12 sing N N 170 
ILE CD1 HD13 sing N N 171 
ILE OXT HXT  sing N N 172 
LEU N   CA   sing N N 173 
LEU N   H    sing N N 174 
LEU N   H2   sing N N 175 
LEU CA  C    sing N N 176 
LEU CA  CB   sing N N 177 
LEU CA  HA   sing N N 178 
LEU C   O    doub N N 179 
LEU C   OXT  sing N N 180 
LEU CB  CG   sing N N 181 
LEU CB  HB2  sing N N 182 
LEU CB  HB3  sing N N 183 
LEU CG  CD1  sing N N 184 
LEU CG  CD2  sing N N 185 
LEU CG  HG   sing N N 186 
LEU CD1 HD11 sing N N 187 
LEU CD1 HD12 sing N N 188 
LEU CD1 HD13 sing N N 189 
LEU CD2 HD21 sing N N 190 
LEU CD2 HD22 sing N N 191 
LEU CD2 HD23 sing N N 192 
LEU OXT HXT  sing N N 193 
LYS N   CA   sing N N 194 
LYS N   H    sing N N 195 
LYS N   H2   sing N N 196 
LYS CA  C    sing N N 197 
LYS CA  CB   sing N N 198 
LYS CA  HA   sing N N 199 
LYS C   O    doub N N 200 
LYS C   OXT  sing N N 201 
LYS CB  CG   sing N N 202 
LYS CB  HB2  sing N N 203 
LYS CB  HB3  sing N N 204 
LYS CG  CD   sing N N 205 
LYS CG  HG2  sing N N 206 
LYS CG  HG3  sing N N 207 
LYS CD  CE   sing N N 208 
LYS CD  HD2  sing N N 209 
LYS CD  HD3  sing N N 210 
LYS CE  NZ   sing N N 211 
LYS CE  HE2  sing N N 212 
LYS CE  HE3  sing N N 213 
LYS NZ  HZ1  sing N N 214 
LYS NZ  HZ2  sing N N 215 
LYS NZ  HZ3  sing N N 216 
LYS OXT HXT  sing N N 217 
MET N   CA   sing N N 218 
MET N   H    sing N N 219 
MET N   H2   sing N N 220 
MET CA  C    sing N N 221 
MET CA  CB   sing N N 222 
MET CA  HA   sing N N 223 
MET C   O    doub N N 224 
MET C   OXT  sing N N 225 
MET CB  CG   sing N N 226 
MET CB  HB2  sing N N 227 
MET CB  HB3  sing N N 228 
MET CG  SD   sing N N 229 
MET CG  HG2  sing N N 230 
MET CG  HG3  sing N N 231 
MET SD  CE   sing N N 232 
MET CE  HE1  sing N N 233 
MET CE  HE2  sing N N 234 
MET CE  HE3  sing N N 235 
MET OXT HXT  sing N N 236 
PHE N   CA   sing N N 237 
PHE N   H    sing N N 238 
PHE N   H2   sing N N 239 
PHE CA  C    sing N N 240 
PHE CA  CB   sing N N 241 
PHE CA  HA   sing N N 242 
PHE C   O    doub N N 243 
PHE C   OXT  sing N N 244 
PHE CB  CG   sing N N 245 
PHE CB  HB2  sing N N 246 
PHE CB  HB3  sing N N 247 
PHE CG  CD1  doub Y N 248 
PHE CG  CD2  sing Y N 249 
PHE CD1 CE1  sing Y N 250 
PHE CD1 HD1  sing N N 251 
PHE CD2 CE2  doub Y N 252 
PHE CD2 HD2  sing N N 253 
PHE CE1 CZ   doub Y N 254 
PHE CE1 HE1  sing N N 255 
PHE CE2 CZ   sing Y N 256 
PHE CE2 HE2  sing N N 257 
PHE CZ  HZ   sing N N 258 
PHE OXT HXT  sing N N 259 
PRO N   CA   sing N N 260 
PRO N   CD   sing N N 261 
PRO N   H    sing N N 262 
PRO CA  C    sing N N 263 
PRO CA  CB   sing N N 264 
PRO CA  HA   sing N N 265 
PRO C   O    doub N N 266 
PRO C   OXT  sing N N 267 
PRO CB  CG   sing N N 268 
PRO CB  HB2  sing N N 269 
PRO CB  HB3  sing N N 270 
PRO CG  CD   sing N N 271 
PRO CG  HG2  sing N N 272 
PRO CG  HG3  sing N N 273 
PRO CD  HD2  sing N N 274 
PRO CD  HD3  sing N N 275 
PRO OXT HXT  sing N N 276 
SER N   CA   sing N N 277 
SER N   H    sing N N 278 
SER N   H2   sing N N 279 
SER CA  C    sing N N 280 
SER CA  CB   sing N N 281 
SER CA  HA   sing N N 282 
SER C   O    doub N N 283 
SER C   OXT  sing N N 284 
SER CB  OG   sing N N 285 
SER CB  HB2  sing N N 286 
SER CB  HB3  sing N N 287 
SER OG  HG   sing N N 288 
SER OXT HXT  sing N N 289 
SO4 S   O1   doub N N 290 
SO4 S   O2   doub N N 291 
SO4 S   O3   sing N N 292 
SO4 S   O4   sing N N 293 
THR N   CA   sing N N 294 
THR N   H    sing N N 295 
THR N   H2   sing N N 296 
THR CA  C    sing N N 297 
THR CA  CB   sing N N 298 
THR CA  HA   sing N N 299 
THR C   O    doub N N 300 
THR C   OXT  sing N N 301 
THR CB  OG1  sing N N 302 
THR CB  CG2  sing N N 303 
THR CB  HB   sing N N 304 
THR OG1 HG1  sing N N 305 
THR CG2 HG21 sing N N 306 
THR CG2 HG22 sing N N 307 
THR CG2 HG23 sing N N 308 
THR OXT HXT  sing N N 309 
TOP C1  N2   doub Y N 310 
TOP C1  C8   sing Y N 311 
TOP C1  H1   sing N N 312 
TOP N2  C3   sing Y N 313 
TOP C3  N4   sing N N 314 
TOP C3  N5   doub Y N 315 
TOP N4  HN41 sing N N 316 
TOP N4  HN42 sing N N 317 
TOP N5  C6   sing Y N 318 
TOP C6  N7   sing N N 319 
TOP C6  C8   doub Y N 320 
TOP N7  HN71 sing N N 321 
TOP N7  HN72 sing N N 322 
TOP C8  C9   sing N N 323 
TOP C9  C10  sing N N 324 
TOP C9  H91  sing N N 325 
TOP C9  H92  sing N N 326 
TOP C10 C11  doub Y N 327 
TOP C10 C21  sing Y N 328 
TOP C11 C12  sing Y N 329 
TOP C11 H11  sing N N 330 
TOP C12 O13  sing N N 331 
TOP C12 C15  doub Y N 332 
TOP O13 C14  sing N N 333 
TOP C14 H141 sing N N 334 
TOP C14 H142 sing N N 335 
TOP C14 H143 sing N N 336 
TOP C15 O16  sing N N 337 
TOP C15 C18  sing Y N 338 
TOP O16 C17  sing N N 339 
TOP C17 H171 sing N N 340 
TOP C17 H172 sing N N 341 
TOP C17 H173 sing N N 342 
TOP C18 O19  sing N N 343 
TOP C18 C21  doub Y N 344 
TOP O19 C20  sing N N 345 
TOP C20 H201 sing N N 346 
TOP C20 H202 sing N N 347 
TOP C20 H203 sing N N 348 
TOP C21 H21  sing N N 349 
TRP N   CA   sing N N 350 
TRP N   H    sing N N 351 
TRP N   H2   sing N N 352 
TRP CA  C    sing N N 353 
TRP CA  CB   sing N N 354 
TRP CA  HA   sing N N 355 
TRP C   O    doub N N 356 
TRP C   OXT  sing N N 357 
TRP CB  CG   sing N N 358 
TRP CB  HB2  sing N N 359 
TRP CB  HB3  sing N N 360 
TRP CG  CD1  doub Y N 361 
TRP CG  CD2  sing Y N 362 
TRP CD1 NE1  sing Y N 363 
TRP CD1 HD1  sing N N 364 
TRP CD2 CE2  doub Y N 365 
TRP CD2 CE3  sing Y N 366 
TRP NE1 CE2  sing Y N 367 
TRP NE1 HE1  sing N N 368 
TRP CE2 CZ2  sing Y N 369 
TRP CE3 CZ3  doub Y N 370 
TRP CE3 HE3  sing N N 371 
TRP CZ2 CH2  doub Y N 372 
TRP CZ2 HZ2  sing N N 373 
TRP CZ3 CH2  sing Y N 374 
TRP CZ3 HZ3  sing N N 375 
TRP CH2 HH2  sing N N 376 
TRP OXT HXT  sing N N 377 
TYR N   CA   sing N N 378 
TYR N   H    sing N N 379 
TYR N   H2   sing N N 380 
TYR CA  C    sing N N 381 
TYR CA  CB   sing N N 382 
TYR CA  HA   sing N N 383 
TYR C   O    doub N N 384 
TYR C   OXT  sing N N 385 
TYR CB  CG   sing N N 386 
TYR CB  HB2  sing N N 387 
TYR CB  HB3  sing N N 388 
TYR CG  CD1  doub Y N 389 
TYR CG  CD2  sing Y N 390 
TYR CD1 CE1  sing Y N 391 
TYR CD1 HD1  sing N N 392 
TYR CD2 CE2  doub Y N 393 
TYR CD2 HD2  sing N N 394 
TYR CE1 CZ   doub Y N 395 
TYR CE1 HE1  sing N N 396 
TYR CE2 CZ   sing Y N 397 
TYR CE2 HE2  sing N N 398 
TYR CZ  OH   sing N N 399 
TYR OH  HH   sing N N 400 
TYR OXT HXT  sing N N 401 
VAL N   CA   sing N N 402 
VAL N   H    sing N N 403 
VAL N   H2   sing N N 404 
VAL CA  C    sing N N 405 
VAL CA  CB   sing N N 406 
VAL CA  HA   sing N N 407 
VAL C   O    doub N N 408 
VAL C   OXT  sing N N 409 
VAL CB  CG1  sing N N 410 
VAL CB  CG2  sing N N 411 
VAL CB  HB   sing N N 412 
VAL CG1 HG11 sing N N 413 
VAL CG1 HG12 sing N N 414 
VAL CG1 HG13 sing N N 415 
VAL CG2 HG21 sing N N 416 
VAL CG2 HG22 sing N N 417 
VAL CG2 HG23 sing N N 418 
VAL OXT HXT  sing N N 419 
# 
loop_
_pdbx_entity_nonpoly.entity_id 
_pdbx_entity_nonpoly.name 
_pdbx_entity_nonpoly.comp_id 
2 TRIMETHOPRIM  TOP 
3 'SULFATE ION' SO4 
4 water         HOH 
# 
_pdbx_initial_refinement_model.id               1 
_pdbx_initial_refinement_model.entity_id_list   ? 
_pdbx_initial_refinement_model.type             'experimental model' 
_pdbx_initial_refinement_model.source_name      PDB 
_pdbx_initial_refinement_model.accession_code   1U72 
_pdbx_initial_refinement_model.details          'PDB entry 1u72' 
# 
